data_4ATF
#
_entry.id   4ATF
#
_cell.length_a   73.187
_cell.length_b   106.234
_cell.length_c   96.983
_cell.angle_alpha   90.00
_cell.angle_beta   93.22
_cell.angle_gamma   90.00
#
_symmetry.space_group_name_H-M   'P 1 21 1'
#
loop_
_entity.id
_entity.type
_entity.pdbx_description
1 polymer 'BETA-AGARASE B'
2 branched 3,6-anhydro-alpha-L-galactopyranose-(1-3)-beta-D-galactopyranose-(1-4)-3,6-anhydro-alpha-L-galactopyranose-(1-3)-beta-D-galactopyranose-(1-4)-3,6-anhydro-alpha-L-galactopyranose-(1-3)-beta-D-galactopyranose-(1-4)-3,6-anhydro-alpha-L-galactopyranose-(1-3)-beta-D-galactopyranose
3 non-polymer 'SODIUM ION'
4 water water
#
_entity_poly.entity_id   1
_entity_poly.type   'polypeptide(L)'
_entity_poly.pdbx_seq_one_letter_code
;HHHHHHDLVEEVDWKDIPVPADAGPNMKWEFQEISDNFEYEAPADNKGSEFLEKWDDFYHNAWAGPGLTEWKRDRSYVAD
GELKMWATRKPGSDKINMGCITSKTRVVYPVYIEARAKVMNSTLASDVWLLSADDTQEIDILDAYGADYSESAGKDHSYF
SKKVHISHHVFIRDPFQDYQPKDAGSWFEDGTVWNKEFHRFGVYWRDPWHLEYYIDGVLVRTVSGKDIIDPKHFTNTTDP
GNTEIDTRTGLNKEMDIIINTEDQTWRSSPASGLQSNTYTPTDNELSNIENNTFGVDWIRIYKPVEKL
;
_entity_poly.pdbx_strand_id   A,B,C,D
#
loop_
_chem_comp.id
_chem_comp.type
_chem_comp.name
_chem_comp.formula
AAL L-saccharide, alpha linking 3,6-anhydro-alpha-L-galactopyranose 'C6 H10 O5'
GAL D-saccharide, beta linking beta-D-galactopyranose 'C6 H12 O6'
NA non-polymer 'SODIUM ION' 'Na 1'
#
# COMPACT_ATOMS: atom_id res chain seq x y z
N ASP A 13 15.66 -19.65 -31.70
CA ASP A 13 15.71 -19.24 -30.25
C ASP A 13 14.39 -19.43 -29.51
N TRP A 14 14.48 -20.05 -28.33
CA TRP A 14 13.28 -20.48 -27.59
C TRP A 14 12.30 -19.34 -27.31
N LYS A 15 12.79 -18.15 -26.98
CA LYS A 15 11.90 -17.01 -26.65
C LYS A 15 11.11 -16.53 -27.89
N ASP A 16 11.68 -16.73 -29.07
CA ASP A 16 11.10 -16.27 -30.32
C ASP A 16 10.11 -17.26 -30.98
N ILE A 17 10.04 -18.51 -30.54
CA ILE A 17 9.15 -19.46 -31.20
C ILE A 17 7.75 -18.87 -31.08
N PRO A 18 6.97 -18.83 -32.17
CA PRO A 18 5.64 -18.24 -31.98
C PRO A 18 4.82 -18.95 -30.88
N VAL A 19 4.04 -18.15 -30.16
N VAL A 19 4.07 -18.19 -30.10
CA VAL A 19 3.07 -18.67 -29.22
CA VAL A 19 3.15 -18.86 -29.21
C VAL A 19 1.83 -19.08 -30.05
C VAL A 19 1.83 -19.10 -29.94
N PRO A 20 1.35 -20.36 -29.88
CA PRO A 20 0.25 -20.82 -30.73
C PRO A 20 -1.14 -20.32 -30.30
N ALA A 21 -1.26 -19.97 -29.02
CA ALA A 21 -2.51 -19.42 -28.51
C ALA A 21 -2.70 -17.94 -28.95
N ASP A 22 -3.97 -17.48 -28.92
CA ASP A 22 -4.33 -16.20 -29.55
C ASP A 22 -4.38 -15.16 -28.39
N ALA A 23 -3.50 -14.16 -28.42
CA ALA A 23 -3.47 -13.14 -27.30
C ALA A 23 -4.71 -12.22 -27.26
N GLY A 24 -5.49 -12.16 -28.34
CA GLY A 24 -6.64 -11.28 -28.37
C GLY A 24 -6.44 -10.01 -29.22
N PRO A 25 -7.50 -9.21 -29.37
CA PRO A 25 -7.43 -8.13 -30.36
C PRO A 25 -6.54 -6.99 -29.85
N ASN A 26 -5.60 -6.50 -30.69
CA ASN A 26 -4.58 -5.53 -30.24
C ASN A 26 -3.77 -5.98 -29.03
N MET A 27 -3.55 -7.30 -28.91
CA MET A 27 -2.71 -7.84 -27.82
C MET A 27 -1.48 -8.55 -28.35
N LYS A 28 -0.48 -8.70 -27.50
CA LYS A 28 0.72 -9.45 -27.83
C LYS A 28 1.10 -10.34 -26.65
N TRP A 29 1.93 -11.34 -26.89
CA TRP A 29 2.42 -12.21 -25.78
C TRP A 29 3.73 -11.63 -25.21
N GLU A 30 3.72 -11.43 -23.88
CA GLU A 30 4.89 -10.86 -23.17
C GLU A 30 5.59 -11.95 -22.38
N PHE A 31 6.86 -12.16 -22.69
CA PHE A 31 7.72 -13.19 -22.05
C PHE A 31 7.94 -12.83 -20.57
N GLN A 32 7.73 -13.81 -19.71
CA GLN A 32 7.87 -13.69 -18.27
C GLN A 32 9.23 -14.20 -17.87
N GLU A 33 9.90 -13.42 -17.02
CA GLU A 33 11.28 -13.70 -16.63
C GLU A 33 11.37 -14.89 -15.69
N ILE A 34 10.25 -15.35 -15.16
CA ILE A 34 10.27 -16.65 -14.44
C ILE A 34 10.43 -17.91 -15.34
N SER A 35 10.37 -17.75 -16.66
CA SER A 35 10.67 -18.84 -17.59
C SER A 35 12.11 -19.32 -17.32
N ASP A 36 12.43 -20.53 -17.70
CA ASP A 36 13.79 -20.99 -17.47
C ASP A 36 14.18 -21.93 -18.64
N ASN A 37 15.36 -21.68 -19.22
CA ASN A 37 15.92 -22.59 -20.25
C ASN A 37 17.05 -23.50 -19.74
N PHE A 38 17.27 -23.49 -18.41
CA PHE A 38 18.13 -24.51 -17.76
C PHE A 38 19.52 -24.59 -18.40
N GLU A 39 20.14 -23.43 -18.67
CA GLU A 39 21.46 -23.44 -19.31
C GLU A 39 22.63 -23.41 -18.29
N TYR A 40 22.34 -23.44 -16.99
CA TYR A 40 23.38 -23.36 -15.95
C TYR A 40 23.59 -24.75 -15.41
N GLU A 41 24.62 -24.96 -14.60
CA GLU A 41 24.84 -26.28 -13.99
C GLU A 41 24.30 -26.28 -12.55
N ALA A 42 23.46 -27.22 -12.16
CA ALA A 42 23.01 -27.25 -10.76
C ALA A 42 23.18 -28.68 -10.25
N PRO A 43 24.27 -28.93 -9.50
CA PRO A 43 24.53 -30.31 -8.96
C PRO A 43 23.33 -30.80 -8.11
N ALA A 44 23.00 -32.09 -8.22
CA ALA A 44 21.85 -32.71 -7.53
C ALA A 44 21.78 -32.37 -6.03
N ASP A 45 22.91 -32.51 -5.33
CA ASP A 45 22.93 -32.32 -3.88
C ASP A 45 23.37 -30.90 -3.44
N ASN A 46 23.53 -29.99 -4.40
CA ASN A 46 24.00 -28.65 -4.08
C ASN A 46 23.62 -27.75 -5.23
N LYS A 47 22.33 -27.40 -5.28
CA LYS A 47 21.76 -26.79 -6.47
C LYS A 47 22.36 -25.47 -6.90
N GLY A 48 22.67 -24.58 -5.95
CA GLY A 48 23.29 -23.28 -6.26
C GLY A 48 22.24 -22.20 -6.49
N SER A 49 22.68 -20.94 -6.57
N SER A 49 22.68 -20.94 -6.55
CA SER A 49 21.78 -19.77 -6.58
CA SER A 49 21.80 -19.78 -6.57
C SER A 49 20.96 -19.60 -7.85
C SER A 49 20.98 -19.58 -7.84
N GLU A 50 21.49 -20.01 -9.00
CA GLU A 50 20.74 -19.80 -10.24
C GLU A 50 19.46 -20.67 -10.26
N PHE A 51 19.61 -21.95 -9.92
CA PHE A 51 18.43 -22.77 -9.72
C PHE A 51 17.47 -22.22 -8.67
N LEU A 52 18.01 -21.94 -7.49
CA LEU A 52 17.21 -21.57 -6.32
C LEU A 52 16.53 -20.22 -6.42
N GLU A 53 16.97 -19.35 -7.35
N GLU A 53 16.98 -19.40 -7.38
CA GLU A 53 16.18 -18.13 -7.57
CA GLU A 53 16.30 -18.13 -7.70
C GLU A 53 14.78 -18.45 -8.05
C GLU A 53 14.88 -18.34 -8.22
N LYS A 54 14.65 -19.45 -8.94
CA LYS A 54 13.37 -19.74 -9.52
C LYS A 54 12.69 -20.97 -8.99
N TRP A 55 13.42 -21.93 -8.42
CA TRP A 55 12.82 -23.19 -8.06
C TRP A 55 13.17 -23.63 -6.63
N ASP A 56 12.28 -24.42 -6.04
CA ASP A 56 12.62 -25.22 -4.84
C ASP A 56 12.70 -26.69 -5.27
N ASP A 57 13.67 -27.47 -4.77
CA ASP A 57 13.82 -28.85 -5.32
C ASP A 57 13.01 -29.86 -4.51
N PHE A 58 11.76 -29.48 -4.18
CA PHE A 58 10.83 -30.43 -3.54
C PHE A 58 9.42 -30.11 -3.97
N TYR A 59 8.49 -30.97 -3.58
CA TYR A 59 7.05 -30.68 -3.65
C TYR A 59 6.68 -29.49 -2.75
N HIS A 60 5.47 -28.94 -2.87
CA HIS A 60 5.23 -27.65 -2.20
C HIS A 60 4.85 -27.81 -0.71
N ASN A 61 4.82 -29.04 -0.19
CA ASN A 61 4.76 -29.24 1.25
C ASN A 61 5.51 -30.53 1.50
N ALA A 62 5.49 -31.04 2.74
CA ALA A 62 6.35 -32.19 3.09
C ALA A 62 5.89 -33.51 2.55
N TRP A 63 4.71 -33.58 1.91
CA TRP A 63 4.27 -34.90 1.41
C TRP A 63 5.30 -35.46 0.40
N ALA A 64 5.61 -36.76 0.50
CA ALA A 64 6.65 -37.37 -0.33
C ALA A 64 6.14 -38.00 -1.64
N GLY A 65 4.82 -37.92 -1.86
CA GLY A 65 4.29 -38.37 -3.12
C GLY A 65 3.42 -39.61 -3.04
N PRO A 66 2.78 -39.94 -4.16
CA PRO A 66 1.77 -40.99 -4.15
C PRO A 66 2.38 -42.38 -4.38
N GLY A 67 1.57 -43.43 -4.26
CA GLY A 67 2.01 -44.79 -4.69
C GLY A 67 3.29 -45.17 -4.01
N LEU A 68 4.23 -45.71 -4.80
CA LEU A 68 5.59 -46.03 -4.30
C LEU A 68 6.52 -44.81 -4.34
N THR A 69 6.02 -43.65 -4.73
CA THR A 69 6.91 -42.44 -4.85
C THR A 69 7.49 -41.98 -3.49
N GLU A 70 8.82 -41.73 -3.45
CA GLU A 70 9.34 -41.00 -2.26
C GLU A 70 10.25 -39.90 -2.81
N TRP A 71 9.70 -38.69 -2.96
CA TRP A 71 10.49 -37.64 -3.57
C TRP A 71 11.71 -37.31 -2.74
N LYS A 72 12.79 -36.89 -3.43
CA LYS A 72 14.08 -36.49 -2.79
C LYS A 72 14.64 -35.25 -3.48
N ARG A 73 15.19 -34.33 -2.68
CA ARG A 73 15.84 -33.13 -3.22
C ARG A 73 16.98 -33.50 -4.17
N ASP A 74 17.72 -34.56 -3.84
CA ASP A 74 18.88 -34.93 -4.63
C ASP A 74 18.61 -35.91 -5.81
N ARG A 75 17.34 -36.01 -6.22
CA ARG A 75 17.02 -36.74 -7.45
C ARG A 75 16.65 -35.80 -8.62
N SER A 76 16.82 -34.50 -8.42
CA SER A 76 16.76 -33.55 -9.53
C SER A 76 18.09 -32.83 -9.66
N TYR A 77 18.41 -32.42 -10.90
CA TYR A 77 19.61 -31.60 -11.16
C TYR A 77 19.47 -30.83 -12.47
N VAL A 78 20.41 -29.95 -12.76
CA VAL A 78 20.45 -29.35 -14.10
C VAL A 78 21.81 -29.45 -14.71
N ALA A 79 21.85 -30.03 -15.91
CA ALA A 79 23.16 -30.29 -16.55
C ALA A 79 23.02 -30.35 -18.09
N ASP A 80 24.06 -29.93 -18.80
CA ASP A 80 24.13 -30.12 -20.24
C ASP A 80 22.89 -29.52 -20.97
N GLY A 81 22.33 -28.41 -20.45
CA GLY A 81 21.21 -27.71 -21.08
C GLY A 81 19.79 -28.12 -20.71
N GLU A 82 19.65 -29.10 -19.78
CA GLU A 82 18.32 -29.57 -19.40
C GLU A 82 18.17 -29.67 -17.89
N LEU A 83 16.96 -29.45 -17.41
CA LEU A 83 16.52 -29.96 -16.12
C LEU A 83 16.36 -31.47 -16.29
N LYS A 84 16.99 -32.23 -15.39
CA LYS A 84 16.86 -33.68 -15.36
C LYS A 84 16.47 -34.22 -13.96
N MET A 85 15.82 -35.38 -13.90
CA MET A 85 15.25 -35.93 -12.69
C MET A 85 15.32 -37.43 -12.96
N TRP A 86 15.79 -38.25 -12.03
CA TRP A 86 15.83 -39.70 -12.28
C TRP A 86 15.31 -40.51 -11.11
N ALA A 87 15.19 -41.82 -11.27
CA ALA A 87 14.55 -42.67 -10.25
C ALA A 87 15.49 -43.82 -9.75
N THR A 88 15.58 -44.07 -8.44
CA THR A 88 16.36 -45.22 -7.93
C THR A 88 15.56 -45.89 -6.82
N ARG A 89 15.65 -47.22 -6.71
CA ARG A 89 15.01 -47.94 -5.57
C ARG A 89 15.53 -47.44 -4.21
N LYS A 90 14.60 -47.16 -3.31
CA LYS A 90 15.01 -46.80 -1.94
C LYS A 90 15.63 -48.03 -1.30
N PRO A 91 16.83 -47.89 -0.70
CA PRO A 91 17.45 -49.13 -0.15
C PRO A 91 16.53 -49.78 0.89
N GLY A 92 16.37 -51.11 0.82
CA GLY A 92 15.55 -51.87 1.80
C GLY A 92 14.02 -51.76 1.64
N SER A 93 13.54 -51.18 0.54
CA SER A 93 12.14 -50.83 0.49
C SER A 93 11.61 -51.09 -0.91
N ASP A 94 10.28 -51.08 -1.07
CA ASP A 94 9.73 -51.09 -2.43
C ASP A 94 9.63 -49.68 -3.02
N LYS A 95 9.72 -48.64 -2.17
CA LYS A 95 9.64 -47.25 -2.63
C LYS A 95 10.74 -46.88 -3.66
N ILE A 96 10.42 -45.91 -4.51
CA ILE A 96 11.33 -45.41 -5.49
C ILE A 96 11.57 -43.92 -5.23
N ASN A 97 12.81 -43.56 -4.95
CA ASN A 97 13.20 -42.15 -4.84
C ASN A 97 13.30 -41.46 -6.20
N MET A 98 12.73 -40.25 -6.35
CA MET A 98 12.72 -39.61 -7.70
C MET A 98 12.54 -38.12 -7.41
N GLY A 99 12.63 -37.31 -8.44
CA GLY A 99 12.66 -35.86 -8.28
C GLY A 99 11.31 -35.15 -8.32
N CYS A 100 11.27 -33.94 -7.75
CA CYS A 100 10.10 -33.02 -7.84
C CYS A 100 10.63 -31.61 -7.57
N ILE A 101 10.29 -30.63 -8.41
CA ILE A 101 10.66 -29.26 -8.15
C ILE A 101 9.38 -28.40 -8.26
N THR A 102 9.38 -27.24 -7.58
N THR A 102 9.36 -27.25 -7.59
CA THR A 102 8.25 -26.31 -7.55
CA THR A 102 8.20 -26.35 -7.64
C THR A 102 8.73 -24.89 -7.85
C THR A 102 8.66 -24.90 -7.78
N SER A 103 7.98 -24.12 -8.64
CA SER A 103 8.34 -22.70 -8.87
C SER A 103 8.25 -21.86 -7.58
N LYS A 104 9.13 -20.88 -7.45
CA LYS A 104 9.09 -20.01 -6.28
C LYS A 104 8.09 -18.87 -6.49
N THR A 105 7.52 -18.73 -7.69
CA THR A 105 6.56 -17.67 -8.01
C THR A 105 5.33 -18.40 -8.59
N ARG A 106 4.13 -17.85 -8.38
CA ARG A 106 2.93 -18.50 -8.87
C ARG A 106 2.44 -17.82 -10.12
N VAL A 107 1.62 -18.52 -10.90
CA VAL A 107 1.07 -17.95 -12.11
C VAL A 107 -0.46 -17.94 -12.03
N VAL A 108 -1.10 -17.07 -12.80
CA VAL A 108 -2.55 -17.11 -12.85
C VAL A 108 -3.03 -16.79 -14.25
N TYR A 109 -4.25 -17.22 -14.60
CA TYR A 109 -4.88 -16.83 -15.90
C TYR A 109 -4.92 -15.27 -16.03
N PRO A 110 -4.85 -14.71 -17.27
CA PRO A 110 -4.58 -15.40 -18.53
C PRO A 110 -3.08 -15.68 -18.61
N VAL A 111 -2.70 -16.91 -18.98
CA VAL A 111 -1.27 -17.23 -19.04
C VAL A 111 -1.07 -18.44 -19.98
N TYR A 112 -0.02 -18.40 -20.78
CA TYR A 112 0.31 -19.51 -21.70
C TYR A 112 1.62 -20.08 -21.13
N ILE A 113 1.66 -21.39 -20.89
N ILE A 113 1.67 -21.38 -20.85
CA ILE A 113 2.86 -22.05 -20.38
CA ILE A 113 2.91 -21.99 -20.39
C ILE A 113 3.16 -23.26 -21.21
C ILE A 113 3.17 -23.26 -21.18
N GLU A 114 4.43 -23.42 -21.62
CA GLU A 114 4.83 -24.47 -22.52
C GLU A 114 6.20 -25.01 -22.13
N ALA A 115 6.28 -26.32 -22.02
CA ALA A 115 7.54 -27.00 -21.72
C ALA A 115 7.99 -27.79 -22.92
N ARG A 116 9.29 -27.70 -23.28
CA ARG A 116 9.83 -28.59 -24.26
C ARG A 116 10.51 -29.76 -23.48
N ALA A 117 9.96 -30.98 -23.61
CA ALA A 117 10.36 -32.06 -22.72
C ALA A 117 10.38 -33.38 -23.45
N LYS A 118 11.08 -34.34 -22.87
CA LYS A 118 11.17 -35.69 -23.43
C LYS A 118 10.67 -36.73 -22.42
N VAL A 119 9.48 -37.26 -22.70
CA VAL A 119 8.79 -38.24 -21.81
C VAL A 119 9.75 -39.43 -21.61
N MET A 120 9.85 -39.96 -20.39
CA MET A 120 10.71 -41.12 -20.12
C MET A 120 10.26 -42.42 -20.81
N ASN A 121 11.22 -43.29 -21.15
CA ASN A 121 10.92 -44.66 -21.56
C ASN A 121 10.78 -45.52 -20.26
N SER A 122 9.77 -45.18 -19.45
CA SER A 122 9.49 -45.80 -18.17
C SER A 122 7.98 -45.93 -17.90
N THR A 123 7.61 -46.81 -16.93
CA THR A 123 6.19 -46.90 -16.56
C THR A 123 5.86 -45.81 -15.58
N LEU A 124 6.89 -45.12 -15.10
CA LEU A 124 6.62 -43.97 -14.20
C LEU A 124 6.05 -42.80 -14.99
N ALA A 125 5.25 -41.95 -14.34
CA ALA A 125 4.73 -40.72 -14.98
C ALA A 125 5.80 -39.66 -15.16
N SER A 126 5.76 -38.96 -16.29
CA SER A 126 6.56 -37.74 -16.57
C SER A 126 5.60 -36.57 -16.54
N ASP A 127 5.75 -35.64 -15.58
CA ASP A 127 4.71 -34.63 -15.29
C ASP A 127 5.23 -33.19 -15.34
N VAL A 128 4.42 -32.30 -15.95
CA VAL A 128 4.56 -30.86 -15.78
C VAL A 128 3.14 -30.40 -15.49
N TRP A 129 2.92 -29.74 -14.33
CA TRP A 129 1.57 -29.42 -13.90
C TRP A 129 1.50 -28.15 -13.05
N LEU A 130 0.27 -27.65 -12.80
CA LEU A 130 0.03 -26.42 -12.01
C LEU A 130 -0.86 -26.82 -10.85
N LEU A 131 -0.60 -26.30 -9.65
CA LEU A 131 -1.43 -26.75 -8.46
C LEU A 131 -1.61 -25.54 -7.55
N SER A 132 -2.85 -25.20 -7.15
CA SER A 132 -3.04 -24.08 -6.23
C SER A 132 -2.41 -24.36 -4.84
N ALA A 133 -2.12 -23.28 -4.10
CA ALA A 133 -1.45 -23.41 -2.80
C ALA A 133 -2.26 -24.33 -1.84
N ASP A 134 -3.61 -24.26 -1.97
CA ASP A 134 -4.45 -25.02 -1.03
C ASP A 134 -4.83 -26.39 -1.55
N ASP A 135 -4.21 -26.83 -2.66
CA ASP A 135 -4.37 -28.21 -3.24
C ASP A 135 -5.80 -28.49 -3.76
N THR A 136 -6.60 -27.44 -3.96
CA THR A 136 -7.91 -27.65 -4.50
C THR A 136 -8.08 -27.57 -6.03
N GLN A 137 -7.13 -26.95 -6.76
CA GLN A 137 -7.30 -26.75 -8.16
C GLN A 137 -5.95 -27.08 -8.86
N GLU A 138 -6.06 -27.68 -10.04
N GLU A 138 -6.02 -27.79 -9.99
CA GLU A 138 -4.94 -28.33 -10.69
CA GLU A 138 -4.86 -28.38 -10.66
C GLU A 138 -5.11 -28.32 -12.22
C GLU A 138 -5.08 -28.37 -12.17
N ILE A 139 -4.01 -28.12 -12.95
CA ILE A 139 -4.07 -28.15 -14.42
C ILE A 139 -2.86 -28.96 -14.87
N ASP A 140 -3.08 -30.07 -15.60
CA ASP A 140 -1.94 -30.81 -16.20
C ASP A 140 -1.39 -30.13 -17.45
N ILE A 141 -0.09 -30.06 -17.65
CA ILE A 141 0.34 -29.57 -18.96
C ILE A 141 0.85 -30.82 -19.71
N LEU A 142 1.59 -31.64 -18.97
CA LEU A 142 2.09 -32.92 -19.55
C LEU A 142 1.85 -34.00 -18.47
N ASP A 143 1.27 -35.12 -18.83
CA ASP A 143 1.14 -36.23 -17.88
C ASP A 143 1.17 -37.47 -18.77
N ALA A 144 2.31 -38.17 -18.78
CA ALA A 144 2.51 -39.27 -19.77
C ALA A 144 3.30 -40.39 -19.17
N TYR A 145 2.97 -41.62 -19.58
CA TYR A 145 3.61 -42.87 -19.12
C TYR A 145 4.30 -43.40 -20.38
N GLY A 146 5.58 -43.10 -20.58
CA GLY A 146 6.18 -43.31 -21.89
C GLY A 146 6.72 -44.69 -22.33
N ALA A 147 6.80 -45.67 -21.42
CA ALA A 147 7.57 -46.91 -21.72
C ALA A 147 7.09 -47.64 -22.99
N ASP A 148 8.05 -48.15 -23.79
CA ASP A 148 7.66 -49.07 -24.89
C ASP A 148 7.10 -50.40 -24.33
N TYR A 149 7.64 -50.84 -23.19
CA TYR A 149 7.36 -52.19 -22.67
C TYR A 149 7.33 -52.15 -21.17
N SER A 150 6.47 -52.96 -20.52
CA SER A 150 6.45 -53.09 -19.02
C SER A 150 6.83 -54.53 -18.52
N GLU A 151 7.97 -54.71 -17.88
CA GLU A 151 8.33 -56.00 -17.33
C GLU A 151 7.39 -56.37 -16.16
N SER A 152 6.97 -55.37 -15.35
CA SER A 152 6.09 -55.69 -14.21
C SER A 152 4.79 -56.38 -14.74
N ALA A 153 4.19 -55.84 -15.83
CA ALA A 153 2.96 -56.44 -16.38
C ALA A 153 3.25 -57.55 -17.38
N GLY A 154 4.51 -57.66 -17.88
CA GLY A 154 4.84 -58.65 -18.91
C GLY A 154 4.12 -58.29 -20.23
N LYS A 155 4.09 -56.98 -20.57
CA LYS A 155 3.36 -56.58 -21.80
C LYS A 155 3.93 -55.39 -22.56
N ASP A 156 3.73 -55.41 -23.88
CA ASP A 156 3.87 -54.23 -24.72
C ASP A 156 3.09 -53.07 -24.10
N HIS A 157 3.70 -51.87 -23.99
CA HIS A 157 3.11 -50.77 -23.21
C HIS A 157 2.66 -49.63 -24.19
N SER A 158 2.47 -49.99 -25.46
CA SER A 158 2.27 -48.97 -26.48
C SER A 158 0.86 -48.34 -26.31
N TYR A 159 -0.03 -49.00 -25.56
CA TYR A 159 -1.30 -48.33 -25.20
C TYR A 159 -1.07 -46.98 -24.53
N PHE A 160 -0.10 -46.96 -23.63
CA PHE A 160 0.36 -45.73 -22.99
C PHE A 160 1.47 -44.92 -23.71
N SER A 161 2.40 -45.61 -24.36
CA SER A 161 3.60 -44.91 -24.94
C SER A 161 3.15 -43.92 -26.05
N LYS A 162 1.95 -44.15 -26.60
CA LYS A 162 1.43 -43.31 -27.69
C LYS A 162 0.42 -42.27 -27.17
N LYS A 163 0.22 -42.15 -25.87
CA LYS A 163 -0.86 -41.23 -25.30
C LYS A 163 -0.28 -40.18 -24.37
N VAL A 164 -0.77 -38.94 -24.45
N VAL A 164 -0.85 -38.99 -24.40
CA VAL A 164 -0.48 -38.00 -23.36
CA VAL A 164 -0.52 -37.95 -23.43
C VAL A 164 -1.80 -37.57 -22.74
C VAL A 164 -1.84 -37.63 -22.73
N HIS A 165 -1.83 -37.54 -21.40
CA HIS A 165 -3.06 -37.26 -20.67
C HIS A 165 -3.13 -35.75 -20.46
N ILE A 166 -4.14 -35.11 -20.98
CA ILE A 166 -4.25 -33.66 -20.88
C ILE A 166 -5.50 -33.32 -20.12
N SER A 167 -5.36 -32.87 -18.88
CA SER A 167 -6.55 -32.81 -18.01
C SER A 167 -6.39 -31.69 -16.97
N HIS A 168 -7.36 -31.65 -16.04
N HIS A 168 -7.35 -31.63 -16.04
CA HIS A 168 -7.38 -30.69 -14.94
CA HIS A 168 -7.30 -30.73 -14.90
C HIS A 168 -8.17 -31.38 -13.82
C HIS A 168 -8.12 -31.42 -13.81
N HIS A 169 -8.01 -30.93 -12.56
CA HIS A 169 -8.74 -31.55 -11.44
C HIS A 169 -9.25 -30.44 -10.55
N VAL A 170 -10.39 -30.67 -9.91
CA VAL A 170 -10.79 -29.85 -8.77
C VAL A 170 -11.00 -30.82 -7.64
N PHE A 171 -10.63 -30.42 -6.42
CA PHE A 171 -10.71 -31.37 -5.25
C PHE A 171 -11.53 -30.78 -4.12
N ILE A 172 -12.13 -31.67 -3.30
CA ILE A 172 -12.56 -31.28 -1.98
C ILE A 172 -11.54 -32.01 -1.09
N ARG A 173 -10.97 -31.35 -0.08
CA ARG A 173 -9.86 -31.97 0.65
C ARG A 173 -10.27 -32.89 1.78
N ASP A 174 -11.33 -32.56 2.52
CA ASP A 174 -11.71 -33.34 3.70
C ASP A 174 -13.23 -33.38 3.81
N PRO A 175 -13.86 -34.53 3.52
CA PRO A 175 -13.20 -35.75 3.00
C PRO A 175 -12.79 -35.67 1.52
N PHE A 176 -11.72 -36.39 1.20
CA PHE A 176 -11.06 -36.20 -0.08
C PHE A 176 -11.92 -36.67 -1.25
N GLN A 177 -12.10 -35.81 -2.26
CA GLN A 177 -12.83 -36.19 -3.45
C GLN A 177 -12.15 -35.52 -4.62
N ASP A 178 -12.16 -36.17 -5.80
CA ASP A 178 -11.36 -35.70 -6.94
C ASP A 178 -12.25 -35.75 -8.16
N TYR A 179 -12.42 -34.61 -8.86
CA TYR A 179 -13.03 -34.62 -10.19
C TYR A 179 -12.02 -34.29 -11.31
N GLN A 180 -12.02 -35.04 -12.42
CA GLN A 180 -11.37 -34.59 -13.66
C GLN A 180 -12.29 -35.02 -14.83
N PRO A 181 -12.18 -34.36 -16.01
CA PRO A 181 -12.93 -34.87 -17.16
C PRO A 181 -12.41 -36.27 -17.53
N LYS A 182 -13.29 -37.16 -17.99
CA LYS A 182 -12.84 -38.53 -18.30
C LYS A 182 -13.22 -38.99 -19.72
N ASP A 183 -13.63 -38.03 -20.60
CA ASP A 183 -14.01 -38.34 -22.00
C ASP A 183 -12.74 -38.77 -22.79
N ALA A 184 -12.91 -39.41 -23.95
CA ALA A 184 -11.76 -40.06 -24.57
C ALA A 184 -10.72 -39.06 -25.07
N GLY A 185 -11.16 -37.83 -25.36
CA GLY A 185 -10.27 -36.76 -25.89
C GLY A 185 -9.28 -36.26 -24.84
N SER A 186 -9.50 -36.64 -23.57
CA SER A 186 -8.51 -36.30 -22.47
C SER A 186 -7.18 -37.10 -22.54
N TRP A 187 -7.14 -38.12 -23.42
CA TRP A 187 -5.86 -38.79 -23.77
C TRP A 187 -5.61 -38.58 -25.26
N PHE A 188 -4.63 -37.75 -25.56
CA PHE A 188 -4.32 -37.45 -26.95
C PHE A 188 -3.38 -38.52 -27.55
N GLU A 189 -3.63 -38.90 -28.80
CA GLU A 189 -2.85 -39.89 -29.49
C GLU A 189 -2.88 -39.56 -30.99
N ASP A 190 -1.72 -39.52 -31.67
CA ASP A 190 -1.79 -39.39 -33.13
C ASP A 190 -0.83 -40.32 -33.83
N GLY A 191 -0.24 -41.25 -33.09
CA GLY A 191 0.71 -42.19 -33.71
C GLY A 191 2.13 -41.95 -33.19
N THR A 192 2.42 -40.73 -32.73
CA THR A 192 3.71 -40.41 -32.11
C THR A 192 4.01 -41.24 -30.84
N VAL A 193 5.25 -41.76 -30.74
CA VAL A 193 5.71 -42.45 -29.53
C VAL A 193 6.49 -41.37 -28.82
N TRP A 194 5.94 -40.88 -27.72
CA TRP A 194 6.37 -39.65 -27.05
C TRP A 194 7.82 -39.76 -26.55
N ASN A 195 8.24 -40.98 -26.15
CA ASN A 195 9.57 -41.14 -25.53
C ASN A 195 10.77 -40.95 -26.54
N LYS A 196 10.48 -40.82 -27.84
CA LYS A 196 11.56 -40.81 -28.82
C LYS A 196 12.19 -39.43 -28.99
N GLU A 197 11.47 -38.35 -28.68
CA GLU A 197 11.96 -36.97 -29.02
C GLU A 197 11.48 -35.95 -28.03
N PHE A 198 12.15 -34.81 -27.96
CA PHE A 198 11.55 -33.65 -27.31
C PHE A 198 10.33 -33.16 -28.07
N HIS A 199 9.29 -32.81 -27.32
CA HIS A 199 8.11 -32.15 -27.91
C HIS A 199 7.73 -30.96 -27.04
N ARG A 200 6.90 -30.11 -27.60
CA ARG A 200 6.45 -28.92 -26.87
C ARG A 200 5.01 -29.14 -26.41
N PHE A 201 4.79 -29.13 -25.10
CA PHE A 201 3.47 -29.30 -24.51
C PHE A 201 3.09 -27.99 -23.81
N GLY A 202 1.95 -27.38 -24.19
CA GLY A 202 1.58 -26.10 -23.64
C GLY A 202 0.11 -26.07 -23.27
N VAL A 203 -0.25 -25.09 -22.45
N VAL A 203 -0.24 -25.10 -22.44
CA VAL A 203 -1.64 -24.86 -22.09
CA VAL A 203 -1.62 -24.82 -22.09
C VAL A 203 -1.87 -23.35 -22.04
C VAL A 203 -1.83 -23.32 -22.10
N TYR A 204 -2.96 -22.90 -22.68
CA TYR A 204 -3.44 -21.52 -22.46
C TYR A 204 -4.54 -21.62 -21.41
N TRP A 205 -4.25 -21.12 -20.20
CA TRP A 205 -5.24 -21.07 -19.14
C TRP A 205 -5.78 -19.63 -19.28
N ARG A 206 -6.94 -19.51 -19.95
CA ARG A 206 -7.43 -18.17 -20.38
C ARG A 206 -8.24 -17.46 -19.24
N ASP A 207 -9.09 -18.22 -18.56
CA ASP A 207 -9.92 -17.68 -17.51
C ASP A 207 -10.37 -18.91 -16.69
N PRO A 208 -11.13 -18.72 -15.59
CA PRO A 208 -11.52 -19.90 -14.74
C PRO A 208 -12.33 -21.00 -15.44
N TRP A 209 -12.86 -20.71 -16.64
CA TRP A 209 -13.74 -21.65 -17.36
C TRP A 209 -13.22 -22.10 -18.75
N HIS A 210 -11.95 -21.85 -19.04
CA HIS A 210 -11.50 -22.03 -20.44
C HIS A 210 -10.01 -22.41 -20.46
N LEU A 211 -9.72 -23.63 -20.95
CA LEU A 211 -8.32 -24.16 -21.10
C LEU A 211 -8.15 -24.58 -22.55
N GLU A 212 -7.01 -24.31 -23.16
CA GLU A 212 -6.68 -24.84 -24.49
C GLU A 212 -5.35 -25.55 -24.39
N TYR A 213 -5.24 -26.77 -24.91
CA TYR A 213 -4.00 -27.56 -24.85
C TYR A 213 -3.36 -27.57 -26.23
N TYR A 214 -2.03 -27.47 -26.28
CA TYR A 214 -1.26 -27.36 -27.52
C TYR A 214 -0.11 -28.36 -27.49
N ILE A 215 0.09 -29.09 -28.58
CA ILE A 215 1.29 -29.95 -28.69
C ILE A 215 1.93 -29.58 -29.98
N ASP A 216 3.22 -29.26 -29.88
CA ASP A 216 4.03 -28.88 -31.06
C ASP A 216 3.39 -27.78 -31.86
N GLY A 217 2.83 -26.80 -31.16
CA GLY A 217 2.41 -25.58 -31.87
C GLY A 217 1.00 -25.64 -32.45
N VAL A 218 0.21 -26.66 -32.07
CA VAL A 218 -1.11 -26.95 -32.61
C VAL A 218 -2.13 -27.16 -31.50
N LEU A 219 -3.30 -26.56 -31.65
CA LEU A 219 -4.35 -26.71 -30.68
C LEU A 219 -4.89 -28.11 -30.73
N VAL A 220 -4.77 -28.90 -29.67
CA VAL A 220 -5.22 -30.30 -29.79
C VAL A 220 -6.54 -30.57 -29.02
N ARG A 221 -6.88 -29.72 -28.04
CA ARG A 221 -8.09 -29.88 -27.23
C ARG A 221 -8.49 -28.58 -26.58
N THR A 222 -9.81 -28.30 -26.56
CA THR A 222 -10.32 -27.14 -25.82
C THR A 222 -11.27 -27.66 -24.71
N VAL A 223 -11.13 -27.17 -23.50
CA VAL A 223 -11.98 -27.61 -22.40
C VAL A 223 -12.59 -26.33 -21.88
N SER A 224 -13.89 -26.17 -22.09
CA SER A 224 -14.46 -24.83 -21.91
C SER A 224 -15.85 -24.97 -21.35
N GLY A 225 -16.20 -24.19 -20.33
CA GLY A 225 -17.58 -24.17 -19.77
C GLY A 225 -17.74 -24.92 -18.45
N LYS A 226 -18.80 -24.56 -17.70
CA LYS A 226 -18.99 -25.06 -16.33
C LYS A 226 -19.24 -26.56 -16.27
N ASP A 227 -19.97 -27.10 -17.26
CA ASP A 227 -20.40 -28.51 -17.29
C ASP A 227 -19.18 -29.48 -17.42
N ILE A 228 -18.08 -29.06 -18.06
CA ILE A 228 -16.88 -29.92 -18.13
C ILE A 228 -15.80 -29.50 -17.06
N ILE A 229 -15.74 -28.21 -16.70
CA ILE A 229 -14.64 -27.76 -15.78
C ILE A 229 -14.99 -28.13 -14.31
N ASP A 230 -16.25 -27.91 -13.92
CA ASP A 230 -16.71 -28.25 -12.54
C ASP A 230 -18.22 -28.64 -12.44
N PRO A 231 -18.68 -29.72 -13.11
CA PRO A 231 -20.11 -30.08 -13.07
C PRO A 231 -20.61 -30.48 -11.64
N LYS A 232 -19.70 -30.92 -10.74
CA LYS A 232 -20.13 -31.35 -9.40
C LYS A 232 -20.08 -30.20 -8.38
N HIS A 233 -19.77 -28.98 -8.83
CA HIS A 233 -19.73 -27.77 -7.98
C HIS A 233 -18.70 -27.98 -6.82
N PHE A 234 -17.57 -28.63 -7.10
CA PHE A 234 -16.52 -28.76 -6.04
C PHE A 234 -15.89 -27.40 -5.76
N THR A 235 -16.07 -26.47 -6.71
CA THR A 235 -15.53 -25.13 -6.50
C THR A 235 -16.49 -24.11 -5.88
N ASN A 236 -17.66 -24.56 -5.40
CA ASN A 236 -18.58 -23.62 -4.72
C ASN A 236 -17.78 -22.94 -3.55
N THR A 237 -17.94 -21.64 -3.35
CA THR A 237 -17.36 -21.01 -2.16
C THR A 237 -18.17 -21.41 -0.88
N THR A 238 -19.47 -21.62 -1.00
CA THR A 238 -20.28 -22.09 0.14
C THR A 238 -20.78 -23.52 -0.25
N ASP A 239 -20.46 -24.50 0.60
CA ASP A 239 -20.99 -25.87 0.43
C ASP A 239 -20.53 -26.60 -0.86
N PRO A 240 -19.21 -26.88 -0.95
CA PRO A 240 -18.64 -27.58 -2.11
C PRO A 240 -19.39 -28.91 -2.32
N GLY A 241 -19.68 -29.23 -3.58
CA GLY A 241 -20.36 -30.51 -3.90
C GLY A 241 -21.90 -30.46 -3.87
N ASN A 242 -22.46 -29.32 -3.50
CA ASN A 242 -23.90 -29.14 -3.51
C ASN A 242 -24.36 -28.53 -4.85
N THR A 243 -24.90 -29.35 -5.74
CA THR A 243 -25.29 -28.85 -7.08
C THR A 243 -26.58 -27.95 -7.11
N GLU A 244 -27.30 -27.87 -5.99
CA GLU A 244 -28.49 -27.02 -5.89
C GLU A 244 -28.13 -25.55 -5.69
N ILE A 245 -26.88 -25.24 -5.36
CA ILE A 245 -26.51 -23.84 -5.19
C ILE A 245 -25.24 -23.58 -5.98
N ASP A 246 -25.17 -22.40 -6.63
CA ASP A 246 -24.05 -22.14 -7.52
C ASP A 246 -23.26 -20.91 -7.07
N THR A 247 -22.14 -21.16 -6.41
CA THR A 247 -21.16 -20.10 -6.11
C THR A 247 -19.81 -20.62 -6.63
N ARG A 248 -19.84 -21.39 -7.74
CA ARG A 248 -18.60 -21.97 -8.27
C ARG A 248 -17.56 -20.93 -8.66
N THR A 249 -16.30 -21.14 -8.30
CA THR A 249 -15.25 -20.20 -8.68
C THR A 249 -14.59 -20.56 -10.06
N GLY A 250 -14.67 -21.82 -10.43
CA GLY A 250 -13.88 -22.32 -11.58
C GLY A 250 -12.41 -22.43 -11.19
N LEU A 251 -11.54 -22.50 -12.20
CA LEU A 251 -10.07 -22.55 -11.96
C LEU A 251 -9.53 -21.12 -11.79
N ASN A 252 -9.72 -20.53 -10.63
CA ASN A 252 -9.46 -19.09 -10.43
C ASN A 252 -8.22 -18.87 -9.58
N LYS A 253 -7.74 -19.90 -8.87
CA LYS A 253 -6.68 -19.63 -7.86
C LYS A 253 -5.30 -19.60 -8.53
N GLU A 254 -4.42 -18.69 -8.10
CA GLU A 254 -3.03 -18.69 -8.62
C GLU A 254 -2.33 -20.04 -8.27
N MET A 255 -1.36 -20.48 -9.11
CA MET A 255 -0.87 -21.87 -8.99
C MET A 255 0.67 -21.90 -9.07
N ASP A 256 1.25 -22.86 -8.32
CA ASP A 256 2.64 -23.25 -8.41
C ASP A 256 2.85 -24.11 -9.70
N ILE A 257 4.04 -24.01 -10.31
CA ILE A 257 4.37 -24.86 -11.43
C ILE A 257 5.16 -26.01 -10.82
N ILE A 258 4.79 -27.25 -11.13
CA ILE A 258 5.49 -28.42 -10.51
C ILE A 258 6.00 -29.28 -11.70
N ILE A 259 7.26 -29.75 -11.61
CA ILE A 259 7.82 -30.69 -12.60
C ILE A 259 8.30 -31.92 -11.80
N ASN A 260 7.87 -33.13 -12.14
CA ASN A 260 8.27 -34.29 -11.38
C ASN A 260 8.10 -35.54 -12.16
N THR A 261 8.48 -36.66 -11.53
CA THR A 261 8.03 -37.99 -11.97
C THR A 261 7.31 -38.59 -10.79
N GLU A 262 6.48 -39.63 -11.04
CA GLU A 262 5.63 -40.23 -9.97
C GLU A 262 5.35 -41.68 -10.28
N ASP A 263 5.35 -42.52 -9.25
CA ASP A 263 4.66 -43.79 -9.36
C ASP A 263 3.24 -43.58 -8.76
N GLN A 264 2.18 -43.87 -9.50
CA GLN A 264 0.85 -43.69 -8.95
C GLN A 264 0.20 -45.04 -8.49
N THR A 265 -0.61 -44.98 -7.41
CA THR A 265 -1.26 -46.19 -6.86
C THR A 265 -2.12 -46.97 -7.89
N TRP A 266 -2.83 -46.28 -8.76
CA TRP A 266 -3.69 -47.03 -9.71
C TRP A 266 -2.85 -47.89 -10.70
N ARG A 267 -1.53 -47.60 -10.78
CA ARG A 267 -0.57 -48.29 -11.68
C ARG A 267 0.19 -49.34 -10.90
N SER A 268 0.78 -48.99 -9.76
CA SER A 268 1.54 -50.02 -8.94
C SER A 268 0.71 -50.94 -8.06
N SER A 269 -0.49 -50.52 -7.68
CA SER A 269 -1.41 -51.40 -6.91
C SER A 269 -2.78 -51.32 -7.55
N PRO A 270 -2.94 -51.82 -8.77
CA PRO A 270 -4.22 -51.67 -9.45
C PRO A 270 -5.40 -52.31 -8.72
N ALA A 271 -6.54 -51.67 -8.89
CA ALA A 271 -7.87 -52.11 -8.44
C ALA A 271 -8.12 -53.57 -8.66
N SER A 272 -7.73 -54.06 -9.84
CA SER A 272 -8.02 -55.45 -10.19
C SER A 272 -7.20 -56.43 -9.33
N GLY A 273 -6.12 -55.95 -8.72
CA GLY A 273 -5.21 -56.89 -8.04
C GLY A 273 -4.42 -57.80 -8.99
N LEU A 274 -4.52 -57.53 -10.30
CA LEU A 274 -3.93 -58.42 -11.33
C LEU A 274 -2.54 -57.96 -11.68
N GLN A 275 -1.57 -58.87 -11.66
CA GLN A 275 -0.20 -58.57 -12.14
C GLN A 275 -0.23 -57.94 -13.55
N SER A 276 -1.15 -58.39 -14.38
CA SER A 276 -1.20 -57.98 -15.75
C SER A 276 -1.63 -56.53 -15.97
N ASN A 277 -2.14 -55.84 -14.93
CA ASN A 277 -2.52 -54.42 -15.02
C ASN A 277 -1.60 -53.63 -14.08
N THR A 278 -0.49 -54.26 -13.66
CA THR A 278 0.46 -53.63 -12.71
C THR A 278 1.65 -53.06 -13.46
N TYR A 279 1.73 -51.75 -13.48
CA TYR A 279 2.76 -51.03 -14.32
C TYR A 279 3.66 -50.17 -13.44
N THR A 280 4.80 -50.73 -13.07
CA THR A 280 5.74 -50.00 -12.22
C THR A 280 7.15 -50.62 -12.49
N PRO A 281 8.24 -49.82 -12.37
CA PRO A 281 9.55 -50.35 -12.77
C PRO A 281 10.01 -51.53 -11.91
N THR A 282 10.57 -52.53 -12.54
CA THR A 282 11.24 -53.62 -11.79
C THR A 282 12.68 -53.15 -11.51
N ASP A 283 13.41 -53.88 -10.66
CA ASP A 283 14.83 -53.57 -10.38
C ASP A 283 15.64 -53.68 -11.65
N ASN A 284 15.37 -54.67 -12.48
CA ASN A 284 16.03 -54.79 -13.78
C ASN A 284 15.84 -53.52 -14.67
N GLU A 285 14.61 -52.99 -14.72
CA GLU A 285 14.31 -51.81 -15.52
C GLU A 285 14.94 -50.55 -14.94
N LEU A 286 15.02 -50.46 -13.61
CA LEU A 286 15.67 -49.30 -12.97
C LEU A 286 17.20 -49.28 -13.19
N SER A 287 17.80 -50.41 -13.52
CA SER A 287 19.22 -50.46 -13.83
C SER A 287 19.56 -49.61 -15.09
N ASN A 288 18.57 -49.26 -15.93
CA ASN A 288 18.84 -48.40 -17.08
C ASN A 288 18.48 -46.98 -16.63
N ILE A 289 19.52 -46.18 -16.29
CA ILE A 289 19.34 -44.80 -15.83
C ILE A 289 18.68 -43.91 -16.89
N GLU A 290 19.18 -43.96 -18.13
CA GLU A 290 18.65 -43.10 -19.19
C GLU A 290 17.11 -43.30 -19.38
N ASN A 291 16.64 -44.55 -19.28
CA ASN A 291 15.23 -44.83 -19.49
C ASN A 291 14.38 -44.20 -18.37
N ASN A 292 14.99 -44.02 -17.20
CA ASN A 292 14.31 -43.43 -16.06
C ASN A 292 14.77 -42.02 -15.71
N THR A 293 15.21 -41.27 -16.72
CA THR A 293 15.56 -39.88 -16.58
C THR A 293 14.61 -39.02 -17.44
N PHE A 294 13.93 -38.08 -16.80
CA PHE A 294 12.98 -37.17 -17.43
C PHE A 294 13.77 -35.87 -17.69
N GLY A 295 13.76 -35.39 -18.93
CA GLY A 295 14.57 -34.19 -19.31
C GLY A 295 13.64 -33.10 -19.78
N VAL A 296 13.88 -31.88 -19.30
CA VAL A 296 13.11 -30.71 -19.71
C VAL A 296 14.11 -29.71 -20.25
N ASP A 297 14.03 -29.42 -21.55
CA ASP A 297 14.95 -28.45 -22.18
C ASP A 297 14.61 -27.02 -21.71
N TRP A 298 13.32 -26.68 -21.65
CA TRP A 298 12.90 -25.35 -21.16
C TRP A 298 11.42 -25.30 -20.83
N ILE A 299 11.05 -24.26 -20.09
CA ILE A 299 9.68 -23.99 -19.79
C ILE A 299 9.50 -22.48 -19.94
N ARG A 300 8.57 -22.08 -20.80
CA ARG A 300 8.42 -20.67 -21.13
C ARG A 300 6.98 -20.28 -20.78
N ILE A 301 6.83 -19.05 -20.31
CA ILE A 301 5.61 -18.54 -19.72
C ILE A 301 5.35 -17.13 -20.31
N TYR A 302 4.14 -16.91 -20.85
CA TYR A 302 3.82 -15.62 -21.48
C TYR A 302 2.47 -15.10 -20.95
N LYS A 303 2.35 -13.78 -20.86
CA LYS A 303 1.07 -13.13 -20.48
C LYS A 303 0.63 -12.25 -21.64
N PRO A 304 -0.67 -12.21 -21.92
CA PRO A 304 -1.15 -11.30 -23.01
C PRO A 304 -1.22 -9.86 -22.52
N VAL A 305 -0.63 -8.91 -23.27
CA VAL A 305 -0.67 -7.48 -22.93
C VAL A 305 -1.11 -6.63 -24.13
N GLU A 306 -1.60 -5.41 -23.87
CA GLU A 306 -1.97 -4.51 -24.95
C GLU A 306 -0.72 -4.13 -25.76
N LYS A 307 -0.85 -4.00 -27.06
CA LYS A 307 0.22 -3.39 -27.86
C LYS A 307 0.34 -1.86 -27.62
N VAL B 12 -8.65 60.45 18.34
CA VAL B 12 -7.42 59.74 17.83
C VAL B 12 -7.67 58.55 16.79
N ASP B 13 -7.19 58.73 15.56
CA ASP B 13 -7.47 57.76 14.51
C ASP B 13 -6.43 56.63 14.51
N TRP B 14 -6.86 55.39 14.25
CA TRP B 14 -5.93 54.28 14.07
C TRP B 14 -4.73 54.69 13.18
N LYS B 15 -4.95 55.53 12.17
CA LYS B 15 -3.91 55.84 11.20
C LYS B 15 -2.82 56.76 11.77
N ASP B 16 -3.20 57.57 12.77
CA ASP B 16 -2.35 58.55 13.38
C ASP B 16 -1.76 58.15 14.75
N ILE B 17 -2.03 56.92 15.24
CA ILE B 17 -1.29 56.43 16.42
C ILE B 17 0.19 56.35 16.02
N PRO B 18 1.11 56.87 16.88
CA PRO B 18 2.48 56.94 16.42
C PRO B 18 2.99 55.53 16.13
N VAL B 19 3.77 55.40 15.07
CA VAL B 19 4.44 54.07 14.97
C VAL B 19 5.67 54.01 15.88
N PRO B 20 5.84 52.89 16.65
CA PRO B 20 6.90 52.91 17.69
C PRO B 20 8.29 52.59 17.13
N ALA B 21 8.34 51.96 15.96
CA ALA B 21 9.62 51.67 15.29
C ALA B 21 10.24 52.99 14.74
N ASP B 22 11.57 53.03 14.59
CA ASP B 22 12.26 54.20 14.15
C ASP B 22 12.49 54.12 12.61
N ALA B 23 11.94 55.05 11.85
CA ALA B 23 12.02 55.02 10.37
C ALA B 23 13.45 55.29 9.88
N GLY B 24 14.26 55.89 10.75
CA GLY B 24 15.63 56.29 10.43
C GLY B 24 15.77 57.79 10.10
N PRO B 25 16.99 58.26 9.79
CA PRO B 25 17.22 59.71 9.79
C PRO B 25 16.64 60.32 8.53
N ASN B 26 15.98 61.47 8.69
CA ASN B 26 15.23 62.08 7.63
C ASN B 26 14.30 61.09 6.88
N MET B 27 13.65 60.22 7.64
CA MET B 27 12.66 59.26 7.13
C MET B 27 11.34 59.42 7.89
N LYS B 28 10.23 58.98 7.27
CA LYS B 28 8.90 58.98 7.89
C LYS B 28 8.19 57.66 7.48
N TRP B 29 7.12 57.35 8.18
CA TRP B 29 6.42 56.09 7.98
C TRP B 29 5.28 56.35 7.04
N GLU B 30 5.25 55.67 5.92
CA GLU B 30 4.14 55.98 4.94
C GLU B 30 3.08 54.87 5.04
N PHE B 31 1.83 55.27 5.27
CA PHE B 31 0.70 54.32 5.40
C PHE B 31 0.49 53.57 4.07
N GLN B 32 0.33 52.25 4.13
CA GLN B 32 0.06 51.39 2.98
C GLN B 32 -1.44 51.14 2.88
N GLU B 33 -2.02 51.29 1.68
CA GLU B 33 -3.51 51.22 1.57
C GLU B 33 -3.99 49.82 1.77
N ILE B 34 -3.11 48.83 1.75
CA ILE B 34 -3.60 47.47 2.00
C ILE B 34 -3.91 47.23 3.48
N SER B 35 -3.63 48.22 4.32
CA SER B 35 -4.11 48.18 5.74
C SER B 35 -5.63 48.00 5.76
N ASP B 36 -6.19 47.45 6.84
CA ASP B 36 -7.64 47.34 6.91
C ASP B 36 -8.08 47.59 8.34
N ASN B 37 -9.09 48.44 8.51
CA ASN B 37 -9.77 48.65 9.80
C ASN B 37 -11.12 47.95 9.92
N PHE B 38 -11.52 47.15 8.91
CA PHE B 38 -12.70 46.22 9.06
C PHE B 38 -13.97 46.95 9.48
N GLU B 39 -14.25 48.08 8.83
CA GLU B 39 -15.41 48.85 9.20
C GLU B 39 -16.58 48.56 8.23
N TYR B 40 -16.55 47.46 7.52
CA TYR B 40 -17.61 47.14 6.57
C TYR B 40 -18.25 45.84 7.07
N GLU B 41 -19.34 45.40 6.47
CA GLU B 41 -20.00 44.15 6.88
C GLU B 41 -19.65 43.07 5.84
N ALA B 42 -19.13 41.95 6.27
CA ALA B 42 -18.79 40.82 5.33
C ALA B 42 -19.35 39.56 5.94
N PRO B 43 -20.54 39.11 5.48
CA PRO B 43 -21.22 37.91 5.98
C PRO B 43 -20.35 36.65 5.81
N ALA B 44 -20.38 35.72 6.78
CA ALA B 44 -19.41 34.60 6.81
C ALA B 44 -19.41 33.83 5.46
N ASP B 45 -20.59 33.58 4.94
CA ASP B 45 -20.75 32.71 3.79
C ASP B 45 -20.85 33.48 2.48
N ASN B 46 -20.66 34.81 2.52
CA ASN B 46 -20.86 35.61 1.32
C ASN B 46 -20.15 36.92 1.55
N LYS B 47 -18.82 36.88 1.48
CA LYS B 47 -18.00 37.99 2.00
C LYS B 47 -18.25 39.33 1.37
N GLY B 48 -18.48 39.37 0.06
CA GLY B 48 -18.62 40.65 -0.62
C GLY B 48 -17.33 41.30 -1.10
N SER B 49 -17.50 42.42 -1.83
CA SER B 49 -16.42 43.06 -2.57
C SER B 49 -15.37 43.72 -1.77
N GLU B 50 -15.81 44.36 -0.70
CA GLU B 50 -14.88 45.14 0.11
C GLU B 50 -13.87 44.22 0.84
N PHE B 51 -14.34 43.14 1.45
CA PHE B 51 -13.44 42.12 2.00
C PHE B 51 -12.53 41.53 0.90
N LEU B 52 -13.14 41.14 -0.20
CA LEU B 52 -12.43 40.38 -1.20
C LEU B 52 -11.42 41.24 -1.96
N GLU B 53 -11.52 42.56 -1.94
N GLU B 53 -11.55 42.57 -1.89
CA GLU B 53 -10.45 43.34 -2.56
CA GLU B 53 -10.56 43.51 -2.45
C GLU B 53 -9.10 43.02 -1.92
C GLU B 53 -9.15 43.28 -1.86
N LYS B 54 -9.12 42.88 -0.59
CA LYS B 54 -7.86 42.74 0.17
C LYS B 54 -7.54 41.36 0.69
N TRP B 55 -8.53 40.48 0.86
CA TRP B 55 -8.33 39.26 1.57
C TRP B 55 -8.94 38.08 0.78
N ASP B 56 -8.35 36.91 0.92
CA ASP B 56 -9.00 35.65 0.54
C ASP B 56 -9.34 34.96 1.86
N ASP B 57 -10.52 34.37 1.94
CA ASP B 57 -10.93 33.74 3.24
C ASP B 57 -10.51 32.26 3.40
N PHE B 58 -9.29 31.96 2.95
CA PHE B 58 -8.66 30.69 3.24
C PHE B 58 -7.14 30.89 3.44
N TYR B 59 -6.46 29.80 3.78
CA TYR B 59 -4.99 29.66 3.83
C TYR B 59 -4.48 29.82 2.39
N HIS B 60 -3.19 30.07 2.22
CA HIS B 60 -2.72 30.39 0.87
C HIS B 60 -2.57 29.18 -0.09
N ASN B 61 -2.93 27.99 0.35
CA ASN B 61 -3.02 26.86 -0.58
C ASN B 61 -4.08 25.92 0.02
N ALA B 62 -4.35 24.74 -0.56
CA ALA B 62 -5.49 23.93 -0.10
C ALA B 62 -5.33 23.23 1.27
N TRP B 63 -4.15 23.26 1.89
CA TRP B 63 -3.94 22.57 3.18
C TRP B 63 -4.91 23.13 4.21
N ALA B 64 -5.57 22.25 4.98
CA ALA B 64 -6.70 22.68 5.86
C ALA B 64 -6.21 22.93 7.31
N GLY B 65 -4.91 22.71 7.54
CA GLY B 65 -4.21 23.23 8.74
C GLY B 65 -3.68 22.12 9.64
N PRO B 66 -3.02 22.49 10.77
CA PRO B 66 -2.34 21.51 11.62
C PRO B 66 -3.24 20.81 12.63
N GLY B 67 -2.75 19.75 13.27
CA GLY B 67 -3.41 19.12 14.47
C GLY B 67 -4.88 18.80 14.16
N LEU B 68 -5.82 19.25 15.02
CA LEU B 68 -7.24 19.01 14.79
C LEU B 68 -7.89 20.08 13.89
N THR B 69 -7.08 21.05 13.41
CA THR B 69 -7.62 22.14 12.61
C THR B 69 -8.20 21.67 11.28
N GLU B 70 -9.41 22.14 10.95
CA GLU B 70 -9.85 22.07 9.55
C GLU B 70 -10.43 23.46 9.19
N TRP B 71 -9.65 24.29 8.52
CA TRP B 71 -10.10 25.66 8.14
C TRP B 71 -11.29 25.65 7.21
N LYS B 72 -12.17 26.67 7.35
CA LYS B 72 -13.36 26.79 6.53
C LYS B 72 -13.51 28.26 6.19
N ARG B 73 -13.87 28.52 4.94
CA ARG B 73 -14.13 29.91 4.49
C ARG B 73 -15.26 30.55 5.33
N ASP B 74 -16.21 29.74 5.75
CA ASP B 74 -17.39 30.25 6.49
C ASP B 74 -17.23 30.28 8.04
N ARG B 75 -15.98 30.21 8.51
CA ARG B 75 -15.67 30.44 9.94
C ARG B 75 -14.95 31.81 10.16
N SER B 76 -14.87 32.66 9.11
CA SER B 76 -14.41 34.06 9.27
C SER B 76 -15.54 35.00 8.77
N TYR B 77 -15.57 36.25 9.28
CA TYR B 77 -16.60 37.23 8.87
C TYR B 77 -16.16 38.60 9.40
N VAL B 78 -16.82 39.67 8.96
CA VAL B 78 -16.46 41.03 9.40
C VAL B 78 -17.77 41.64 9.82
N ALA B 79 -17.83 42.09 11.09
CA ALA B 79 -19.06 42.72 11.61
C ALA B 79 -18.75 43.65 12.79
N ASP B 80 -19.55 44.70 12.95
CA ASP B 80 -19.52 45.59 14.13
C ASP B 80 -18.10 46.15 14.38
N GLY B 81 -17.37 46.40 13.29
CA GLY B 81 -16.08 47.06 13.28
C GLY B 81 -14.86 46.14 13.52
N GLU B 82 -15.05 44.80 13.50
CA GLU B 82 -13.96 43.84 13.65
C GLU B 82 -13.98 42.71 12.63
N LEU B 83 -12.78 42.24 12.24
CA LEU B 83 -12.63 40.89 11.67
C LEU B 83 -12.86 39.89 12.83
N LYS B 84 -13.70 38.87 12.60
CA LYS B 84 -13.95 37.83 13.61
C LYS B 84 -13.87 36.44 13.01
N MET B 85 -13.45 35.43 13.80
CA MET B 85 -13.20 34.05 13.33
C MET B 85 -13.59 33.22 14.54
N TRP B 86 -14.31 32.10 14.36
CA TRP B 86 -14.66 31.30 15.52
C TRP B 86 -14.53 29.80 15.24
N ALA B 87 -14.75 28.99 16.26
CA ALA B 87 -14.42 27.58 16.17
C ALA B 87 -15.61 26.68 16.51
N THR B 88 -15.84 25.63 15.73
CA THR B 88 -16.93 24.68 16.08
C THR B 88 -16.44 23.25 15.76
N ARG B 89 -16.84 22.27 16.56
CA ARG B 89 -16.50 20.86 16.24
C ARG B 89 -17.06 20.44 14.85
N LYS B 90 -16.21 19.79 14.07
CA LYS B 90 -16.66 19.16 12.84
C LYS B 90 -17.67 18.04 13.12
N PRO B 91 -18.85 18.06 12.48
CA PRO B 91 -19.78 16.94 12.82
C PRO B 91 -19.16 15.57 12.55
N GLY B 92 -19.35 14.66 13.50
CA GLY B 92 -18.93 13.25 13.41
C GLY B 92 -17.42 13.08 13.63
N SER B 93 -16.68 14.14 14.04
CA SER B 93 -15.22 14.09 13.96
C SER B 93 -14.60 14.71 15.20
N ASP B 94 -13.28 14.48 15.45
CA ASP B 94 -12.57 15.26 16.49
C ASP B 94 -12.09 16.62 15.97
N LYS B 95 -12.05 16.79 14.64
CA LYS B 95 -11.49 18.01 14.02
C LYS B 95 -12.36 19.20 14.42
N ILE B 96 -11.77 20.37 14.36
CA ILE B 96 -12.46 21.64 14.71
C ILE B 96 -12.38 22.59 13.51
N ASN B 97 -13.55 23.02 13.06
CA ASN B 97 -13.62 23.97 11.96
C ASN B 97 -13.34 25.38 12.49
N MET B 98 -12.47 26.16 11.83
CA MET B 98 -12.19 27.50 12.35
C MET B 98 -11.70 28.32 11.16
N GLY B 99 -11.46 29.61 11.36
CA GLY B 99 -11.21 30.50 10.24
C GLY B 99 -9.73 30.71 9.89
N CYS B 100 -9.49 31.22 8.67
CA CYS B 100 -8.14 31.56 8.18
C CYS B 100 -8.32 32.51 7.02
N ILE B 101 -7.66 33.66 7.07
CA ILE B 101 -7.65 34.57 5.91
C ILE B 101 -6.26 34.90 5.54
N THR B 102 -6.05 35.24 4.24
CA THR B 102 -4.71 35.59 3.72
C THR B 102 -4.77 36.85 2.85
N SER B 103 -3.81 37.77 2.98
CA SER B 103 -3.84 39.01 2.16
C SER B 103 -3.70 38.70 0.67
N LYS B 104 -4.33 39.53 -0.17
CA LYS B 104 -4.18 39.42 -1.63
C LYS B 104 -2.92 40.10 -2.18
N THR B 105 -2.25 40.91 -1.36
CA THR B 105 -0.97 41.55 -1.70
C THR B 105 0.05 41.19 -0.62
N ARG B 106 1.33 41.13 -1.00
CA ARG B 106 2.38 40.63 -0.10
C ARG B 106 3.11 41.84 0.47
N VAL B 107 3.87 41.65 1.55
CA VAL B 107 4.68 42.71 2.13
C VAL B 107 6.13 42.24 2.13
N VAL B 108 7.07 43.19 2.18
CA VAL B 108 8.47 42.76 2.30
C VAL B 108 9.21 43.83 3.09
N TYR B 109 10.36 43.47 3.68
CA TYR B 109 11.19 44.41 4.43
C TYR B 109 11.66 45.53 3.49
N PRO B 110 11.89 46.76 4.02
CA PRO B 110 11.59 47.20 5.40
C PRO B 110 10.09 47.48 5.54
N VAL B 111 9.45 46.92 6.56
CA VAL B 111 8.00 47.15 6.75
C VAL B 111 7.64 47.02 8.23
N TYR B 112 6.72 47.86 8.72
CA TYR B 112 6.21 47.73 10.07
C TYR B 112 4.75 47.34 9.94
N ILE B 113 4.34 46.31 10.66
N ILE B 113 4.35 46.33 10.68
CA ILE B 113 2.95 45.86 10.60
CA ILE B 113 2.99 45.81 10.64
C ILE B 113 2.43 45.57 12.01
C ILE B 113 2.50 45.66 12.07
N GLU B 114 1.30 46.16 12.33
CA GLU B 114 0.75 46.10 13.67
C GLU B 114 -0.74 45.78 13.64
N ALA B 115 -1.14 44.79 14.45
CA ALA B 115 -2.56 44.43 14.58
C ALA B 115 -3.11 44.77 15.98
N ARG B 116 -4.29 45.37 16.06
CA ARG B 116 -4.96 45.52 17.36
C ARG B 116 -5.93 44.38 17.48
N ALA B 117 -5.78 43.46 18.46
CA ALA B 117 -6.47 42.17 18.40
C ALA B 117 -6.71 41.78 19.83
N LYS B 118 -7.71 40.93 20.03
CA LYS B 118 -8.02 40.41 21.37
C LYS B 118 -7.88 38.91 21.38
N VAL B 119 -6.83 38.43 22.01
CA VAL B 119 -6.53 36.98 22.13
C VAL B 119 -7.76 36.22 22.70
N MET B 120 -8.10 35.04 22.15
CA MET B 120 -9.22 34.27 22.67
C MET B 120 -9.07 33.73 24.08
N ASN B 121 -10.19 33.57 24.79
CA ASN B 121 -10.15 32.78 26.02
C ASN B 121 -10.28 31.28 25.68
N SER B 122 -9.29 30.73 24.97
CA SER B 122 -9.36 29.39 24.44
C SER B 122 -7.96 28.78 24.45
N THR B 123 -7.87 27.44 24.44
CA THR B 123 -6.58 26.74 24.35
C THR B 123 -6.13 26.73 22.90
N LEU B 124 -7.03 27.06 21.95
CA LEU B 124 -6.58 27.26 20.55
C LEU B 124 -5.69 28.49 20.43
N ALA B 125 -4.81 28.48 19.42
CA ALA B 125 -3.97 29.62 19.13
C ALA B 125 -4.72 30.76 18.43
N SER B 126 -4.37 32.00 18.81
CA SER B 126 -4.83 33.24 18.14
C SER B 126 -3.62 33.78 17.39
N ASP B 127 -3.70 33.84 16.05
CA ASP B 127 -2.47 34.08 15.24
C ASP B 127 -2.57 35.23 14.27
N VAL B 128 -1.53 36.08 14.24
CA VAL B 128 -1.34 37.00 13.09
C VAL B 128 0.11 36.79 12.66
N TRP B 129 0.35 36.47 11.37
CA TRP B 129 1.71 36.07 10.99
C TRP B 129 1.95 36.32 9.52
N LEU B 130 3.21 36.15 9.10
CA LEU B 130 3.64 36.37 7.71
C LEU B 130 4.26 35.09 7.24
N LEU B 131 4.01 34.71 6.00
CA LEU B 131 4.61 33.48 5.46
C LEU B 131 4.94 33.64 4.00
N SER B 132 6.13 33.20 3.54
CA SER B 132 6.52 33.36 2.14
C SER B 132 5.65 32.44 1.27
N ALA B 133 5.49 32.77 0.01
CA ALA B 133 4.69 31.90 -0.91
C ALA B 133 5.12 30.44 -0.96
N ASP B 134 6.43 30.19 -0.87
CA ASP B 134 6.97 28.84 -0.98
C ASP B 134 7.12 28.12 0.41
N ASP B 135 6.53 28.74 1.48
CA ASP B 135 6.45 28.18 2.80
C ASP B 135 7.83 27.99 3.49
N THR B 136 8.88 28.67 3.03
CA THR B 136 10.21 28.48 3.65
C THR B 136 10.62 29.50 4.71
N GLN B 137 9.87 30.62 4.79
CA GLN B 137 10.26 31.74 5.68
C GLN B 137 9.02 32.30 6.33
N GLU B 138 9.10 32.59 7.62
N GLU B 138 9.08 32.59 7.63
CA GLU B 138 7.90 32.87 8.41
CA GLU B 138 7.85 32.87 8.40
C GLU B 138 8.22 33.84 9.56
C GLU B 138 8.23 33.87 9.49
N ILE B 139 7.33 34.82 9.82
CA ILE B 139 7.49 35.76 10.98
C ILE B 139 6.22 35.81 11.75
N ASP B 140 6.29 35.55 13.07
CA ASP B 140 5.10 35.71 13.91
C ASP B 140 4.90 37.20 14.28
N ILE B 141 3.69 37.67 14.29
CA ILE B 141 3.43 38.99 14.95
C ILE B 141 2.67 38.75 16.27
N LEU B 142 1.63 37.93 16.22
CA LEU B 142 0.91 37.47 17.42
C LEU B 142 0.77 35.92 17.37
N ASP B 143 1.10 35.24 18.44
CA ASP B 143 0.89 33.79 18.53
C ASP B 143 0.66 33.56 20.03
N ALA B 144 -0.60 33.35 20.45
CA ALA B 144 -0.93 33.35 21.88
C ALA B 144 -1.99 32.32 22.11
N TYR B 145 -1.90 31.65 23.25
CA TYR B 145 -2.91 30.65 23.69
C TYR B 145 -3.56 31.26 24.92
N GLY B 146 -4.70 31.91 24.77
CA GLY B 146 -5.18 32.78 25.86
C GLY B 146 -6.00 32.28 27.01
N ALA B 147 -6.47 30.99 27.00
CA ALA B 147 -7.49 30.56 27.99
C ALA B 147 -7.05 30.78 29.44
N ASP B 148 -7.96 31.16 30.31
CA ASP B 148 -7.66 31.11 31.76
C ASP B 148 -7.54 29.70 32.28
N TYR B 149 -8.26 28.75 31.69
CA TYR B 149 -8.36 27.37 32.31
C TYR B 149 -8.45 26.36 31.16
N SER B 150 -7.88 25.15 31.35
CA SER B 150 -7.99 24.09 30.35
C SER B 150 -8.71 22.87 30.90
N GLU B 151 -9.92 22.56 30.38
CA GLU B 151 -10.59 21.28 30.82
C GLU B 151 -9.90 20.06 30.29
N SER B 152 -9.30 20.13 29.08
CA SER B 152 -8.69 18.91 28.50
C SER B 152 -7.51 18.52 29.41
N ALA B 153 -6.74 19.50 29.93
CA ALA B 153 -5.57 19.17 30.81
C ALA B 153 -5.99 19.09 32.27
N GLY B 154 -7.13 19.70 32.62
CA GLY B 154 -7.58 19.74 34.03
C GLY B 154 -6.69 20.68 34.82
N LYS B 155 -6.38 21.84 34.23
CA LYS B 155 -5.56 22.81 34.98
C LYS B 155 -5.79 24.27 34.62
N ASP B 156 -5.48 25.11 35.60
CA ASP B 156 -5.28 26.56 35.46
C ASP B 156 -4.24 26.73 34.32
N HIS B 157 -4.51 27.64 33.38
CA HIS B 157 -3.72 27.69 32.13
C HIS B 157 -3.03 29.05 32.10
N SER B 158 -2.87 29.65 33.27
CA SER B 158 -2.23 31.00 33.29
C SER B 158 -0.73 31.00 32.88
N TYR B 159 -0.09 29.82 32.89
CA TYR B 159 1.26 29.71 32.30
C TYR B 159 1.21 30.28 30.88
N PHE B 160 0.11 29.96 30.16
CA PHE B 160 -0.06 30.43 28.76
C PHE B 160 -0.87 31.72 28.61
N SER B 161 -1.89 31.91 29.45
CA SER B 161 -2.79 33.09 29.32
C SER B 161 -2.00 34.41 29.51
N LYS B 162 -0.85 34.34 30.19
CA LYS B 162 0.02 35.48 30.46
C LYS B 162 1.21 35.62 29.48
N LYS B 163 1.31 34.77 28.46
CA LYS B 163 2.46 34.82 27.53
C LYS B 163 2.01 35.06 26.07
N VAL B 164 2.83 35.81 25.31
CA VAL B 164 2.68 35.82 23.85
C VAL B 164 3.97 35.33 23.23
N HIS B 165 3.86 34.47 22.22
CA HIS B 165 5.03 33.90 21.58
C HIS B 165 5.42 34.82 20.43
N ILE B 166 6.65 35.35 20.47
CA ILE B 166 7.08 36.28 19.42
C ILE B 166 8.34 35.69 18.74
N SER B 167 8.19 35.14 17.54
CA SER B 167 9.27 34.31 17.01
C SER B 167 9.25 34.39 15.50
N HIS B 168 10.06 33.53 14.85
CA HIS B 168 10.07 33.47 13.38
C HIS B 168 10.51 32.04 13.05
N HIS B 169 10.23 31.57 11.84
CA HIS B 169 10.75 30.27 11.40
C HIS B 169 11.43 30.27 10.08
N VAL B 170 12.44 29.39 9.87
CA VAL B 170 12.86 29.11 8.52
C VAL B 170 12.75 27.58 8.41
N PHE B 171 12.42 27.11 7.21
CA PHE B 171 12.15 25.71 7.00
C PHE B 171 12.95 25.16 5.82
N ILE B 172 13.25 23.86 5.88
CA ILE B 172 13.42 23.04 4.68
C ILE B 172 12.15 22.16 4.48
N ARG B 173 11.60 22.15 3.23
CA ARG B 173 10.30 21.54 3.01
C ARG B 173 10.42 20.02 2.92
N ASP B 174 11.49 19.51 2.31
CA ASP B 174 11.55 18.03 2.13
C ASP B 174 13.00 17.55 2.09
N PRO B 175 13.42 16.70 3.09
CA PRO B 175 12.74 16.22 4.32
C PRO B 175 12.45 17.45 5.22
N PHE B 176 11.27 17.47 5.84
CA PHE B 176 10.83 18.60 6.62
C PHE B 176 11.76 18.88 7.82
N GLN B 177 12.24 20.13 7.92
CA GLN B 177 12.93 20.63 9.13
C GLN B 177 12.46 22.03 9.44
N ASP B 178 12.38 22.37 10.73
CA ASP B 178 11.84 23.67 11.15
C ASP B 178 12.77 24.22 12.25
N TYR B 179 13.33 25.39 12.00
CA TYR B 179 14.12 26.09 12.97
C TYR B 179 13.35 27.34 13.47
N GLN B 180 13.35 27.59 14.78
CA GLN B 180 12.95 28.93 15.35
C GLN B 180 13.86 29.17 16.57
N PRO B 181 14.07 30.44 16.99
CA PRO B 181 14.77 30.69 18.27
C PRO B 181 13.93 30.07 19.40
N LYS B 182 14.59 29.56 20.43
CA LYS B 182 13.85 28.93 21.59
C LYS B 182 14.34 29.44 22.92
N ASP B 183 15.06 30.55 22.93
CA ASP B 183 15.43 31.17 24.23
C ASP B 183 14.20 31.74 24.96
N ALA B 184 14.35 31.93 26.26
CA ALA B 184 13.26 32.38 27.14
C ALA B 184 12.55 33.67 26.69
N GLY B 185 13.31 34.63 26.15
CA GLY B 185 12.71 35.93 25.69
C GLY B 185 11.74 35.77 24.52
N SER B 186 11.75 34.59 23.86
CA SER B 186 10.76 34.39 22.73
C SER B 186 9.31 34.25 23.26
N TRP B 187 9.11 34.09 24.56
CA TRP B 187 7.76 34.18 25.14
C TRP B 187 7.72 35.44 26.05
N PHE B 188 6.93 36.45 25.67
CA PHE B 188 6.85 37.69 26.43
C PHE B 188 5.80 37.61 27.54
N GLU B 189 6.11 38.08 28.74
CA GLU B 189 5.15 38.10 29.86
C GLU B 189 5.45 39.32 30.74
N ASP B 190 4.44 40.11 31.14
CA ASP B 190 4.67 41.21 32.10
C ASP B 190 3.57 41.23 33.15
N GLY B 191 2.71 40.21 33.14
CA GLY B 191 1.62 40.13 34.13
C GLY B 191 0.26 40.35 33.50
N THR B 192 0.22 40.96 32.32
CA THR B 192 -1.02 41.13 31.52
C THR B 192 -1.67 39.79 31.15
N VAL B 193 -2.98 39.66 31.38
CA VAL B 193 -3.75 38.52 30.87
C VAL B 193 -4.34 38.91 29.50
N TRP B 194 -3.78 38.35 28.41
CA TRP B 194 -3.99 38.88 27.03
C TRP B 194 -5.45 38.84 26.65
N ASN B 195 -6.19 37.87 27.21
CA ASN B 195 -7.58 37.66 26.72
C ASN B 195 -8.54 38.77 27.18
N LYS B 196 -8.10 39.67 28.08
CA LYS B 196 -9.08 40.58 28.76
C LYS B 196 -9.40 41.79 27.90
N GLU B 197 -8.48 42.15 27.01
CA GLU B 197 -8.61 43.41 26.24
C GLU B 197 -7.96 43.32 24.88
N PHE B 198 -8.27 44.29 23.99
CA PHE B 198 -7.46 44.48 22.80
C PHE B 198 -6.09 45.02 23.16
N HIS B 199 -5.07 44.56 22.43
CA HIS B 199 -3.68 45.08 22.57
C HIS B 199 -3.13 45.20 21.16
N ARG B 200 -2.10 46.01 21.00
CA ARG B 200 -1.43 46.22 19.68
C ARG B 200 -0.14 45.43 19.63
N PHE B 201 -0.03 44.54 18.65
CA PHE B 201 1.13 43.61 18.49
C PHE B 201 1.74 43.99 17.17
N GLY B 202 3.01 44.37 17.16
CA GLY B 202 3.63 44.82 15.91
C GLY B 202 5.01 44.16 15.72
N VAL B 203 5.44 44.18 14.47
CA VAL B 203 6.79 43.78 14.10
C VAL B 203 7.36 44.77 13.12
N TYR B 204 8.60 45.23 13.38
CA TYR B 204 9.41 45.85 12.37
C TYR B 204 10.30 44.82 11.75
N TRP B 205 9.97 44.44 10.50
CA TRP B 205 10.82 43.52 9.73
C TRP B 205 11.74 44.48 8.93
N ARG B 206 12.91 44.81 9.48
CA ARG B 206 13.76 45.90 8.91
C ARG B 206 14.62 45.38 7.73
N ASP B 207 15.16 44.15 7.86
CA ASP B 207 15.92 43.56 6.76
C ASP B 207 15.97 42.05 7.05
N PRO B 208 16.64 41.27 6.18
CA PRO B 208 16.63 39.76 6.35
C PRO B 208 17.24 39.27 7.65
N TRP B 209 17.97 40.14 8.34
CA TRP B 209 18.69 39.74 9.55
C TRP B 209 18.30 40.51 10.82
N HIS B 210 17.16 41.22 10.76
CA HIS B 210 16.81 42.10 11.91
C HIS B 210 15.30 42.27 12.09
N LEU B 211 14.75 41.76 13.20
CA LEU B 211 13.32 41.89 13.55
C LEU B 211 13.20 42.62 14.91
N GLU B 212 12.21 43.50 15.04
CA GLU B 212 11.90 44.13 16.35
C GLU B 212 10.41 43.88 16.64
N TYR B 213 10.10 43.43 17.87
CA TYR B 213 8.72 43.14 18.25
C TYR B 213 8.23 44.25 19.22
N TYR B 214 7.00 44.71 19.04
CA TYR B 214 6.39 45.84 19.80
C TYR B 214 5.08 45.40 20.37
N ILE B 215 4.88 45.66 21.65
CA ILE B 215 3.53 45.45 22.21
C ILE B 215 3.06 46.74 22.84
N ASP B 216 1.85 47.19 22.46
CA ASP B 216 1.32 48.47 22.95
C ASP B 216 2.34 49.66 22.86
N GLY B 217 3.09 49.73 21.76
CA GLY B 217 3.91 50.96 21.56
C GLY B 217 5.29 50.86 22.19
N VAL B 218 5.68 49.67 22.64
CA VAL B 218 6.93 49.49 23.35
C VAL B 218 7.77 48.40 22.68
N LEU B 219 9.07 48.66 22.51
CA LEU B 219 9.96 47.64 21.98
C LEU B 219 10.22 46.56 23.01
N VAL B 220 9.75 45.34 22.77
CA VAL B 220 9.88 44.30 23.83
C VAL B 220 10.96 43.28 23.53
N ARG B 221 11.36 43.14 22.26
CA ARG B 221 12.39 42.14 21.89
C ARG B 221 13.03 42.49 20.55
N THR B 222 14.35 42.37 20.47
CA THR B 222 15.05 42.48 19.19
C THR B 222 15.72 41.17 18.83
N VAL B 223 15.60 40.76 17.57
CA VAL B 223 16.20 39.51 17.13
C VAL B 223 17.04 39.86 15.91
N SER B 224 18.35 39.72 16.01
CA SER B 224 19.23 40.36 15.07
C SER B 224 20.49 39.51 14.84
N GLY B 225 20.80 39.28 13.56
CA GLY B 225 22.06 38.68 13.12
C GLY B 225 21.94 37.18 12.72
N LYS B 226 22.95 36.67 12.01
CA LYS B 226 22.85 35.34 11.37
C LYS B 226 22.74 34.20 12.38
N ASP B 227 23.42 34.36 13.51
CA ASP B 227 23.50 33.32 14.54
C ASP B 227 22.14 32.99 15.18
N ILE B 228 21.21 33.96 15.26
CA ILE B 228 19.88 33.71 15.87
C ILE B 228 18.78 33.51 14.78
N ILE B 229 18.95 34.19 13.65
CA ILE B 229 17.92 34.19 12.56
C ILE B 229 18.03 32.87 11.75
N ASP B 230 19.25 32.43 11.45
CA ASP B 230 19.44 31.20 10.60
C ASP B 230 20.76 30.46 10.87
N PRO B 231 20.99 30.02 12.11
CA PRO B 231 22.31 29.44 12.39
C PRO B 231 22.51 28.16 11.57
N LYS B 232 21.42 27.49 11.16
CA LYS B 232 21.56 26.16 10.52
C LYS B 232 21.60 26.23 8.98
N HIS B 233 21.70 27.45 8.46
CA HIS B 233 21.75 27.75 7.02
C HIS B 233 20.57 27.20 6.24
N PHE B 234 19.36 27.16 6.85
CA PHE B 234 18.18 26.64 6.12
C PHE B 234 17.90 27.56 4.92
N THR B 235 18.40 28.82 5.01
CA THR B 235 18.13 29.79 3.93
C THR B 235 19.23 29.90 2.88
N ASN B 236 20.18 28.97 2.83
CA ASN B 236 21.17 28.88 1.72
C ASN B 236 20.44 28.86 0.39
N THR B 237 20.91 29.63 -0.58
CA THR B 237 20.43 29.45 -1.98
C THR B 237 21.00 28.15 -2.63
N THR B 238 22.17 27.70 -2.19
CA THR B 238 22.63 26.36 -2.61
C THR B 238 22.77 25.38 -1.43
N ASP B 239 22.10 24.23 -1.54
CA ASP B 239 22.08 23.16 -0.52
C ASP B 239 21.58 23.72 0.87
N PRO B 240 20.25 23.94 1.02
CA PRO B 240 19.74 24.37 2.35
C PRO B 240 20.19 23.37 3.45
N GLY B 241 20.65 23.86 4.59
CA GLY B 241 21.13 23.01 5.69
C GLY B 241 22.64 22.74 5.64
N ASN B 242 23.32 23.08 4.56
CA ASN B 242 24.80 22.95 4.46
C ASN B 242 25.53 24.07 5.27
N THR B 243 26.05 23.73 6.45
CA THR B 243 26.65 24.74 7.30
C THR B 243 28.16 24.93 7.03
N GLU B 244 28.69 24.29 6.00
CA GLU B 244 30.10 24.56 5.61
C GLU B 244 30.23 25.84 4.73
N ILE B 245 29.20 26.07 3.91
CA ILE B 245 29.23 27.14 2.90
C ILE B 245 28.13 28.14 3.24
N ASP B 246 28.49 29.42 3.37
CA ASP B 246 27.47 30.39 3.68
C ASP B 246 26.83 31.05 2.40
N THR B 247 25.66 30.56 1.93
CA THR B 247 24.89 31.26 0.86
C THR B 247 23.51 31.69 1.38
N ARG B 248 23.47 32.00 2.67
CA ARG B 248 22.23 32.36 3.36
C ARG B 248 21.63 33.69 2.90
N THR B 249 20.30 33.68 2.71
CA THR B 249 19.54 34.90 2.34
C THR B 249 18.91 35.57 3.56
N GLY B 250 18.74 34.80 4.65
CA GLY B 250 17.91 35.30 5.78
C GLY B 250 16.46 35.50 5.38
N LEU B 251 15.68 36.29 6.14
CA LEU B 251 14.33 36.60 5.82
C LEU B 251 14.14 37.62 4.69
N ASN B 252 14.39 37.19 3.45
CA ASN B 252 14.43 38.09 2.29
C ASN B 252 13.15 38.07 1.44
N LYS B 253 12.32 37.02 1.59
CA LYS B 253 11.27 36.76 0.58
C LYS B 253 9.97 37.52 0.96
N GLU B 254 9.29 38.19 -0.03
CA GLU B 254 7.97 38.83 0.29
C GLU B 254 7.03 37.78 0.86
N MET B 255 6.12 38.23 1.72
CA MET B 255 5.29 37.30 2.48
C MET B 255 3.82 37.69 2.42
N ASP B 256 2.93 36.69 2.50
CA ASP B 256 1.45 36.86 2.64
C ASP B 256 1.21 37.18 4.13
N ILE B 257 0.24 38.03 4.45
CA ILE B 257 -0.22 38.22 5.82
C ILE B 257 -1.32 37.22 6.04
N ILE B 258 -1.27 36.48 7.16
CA ILE B 258 -2.27 35.45 7.49
C ILE B 258 -2.82 35.73 8.89
N ILE B 259 -4.13 35.60 9.03
CA ILE B 259 -4.77 35.77 10.35
C ILE B 259 -5.62 34.56 10.52
N ASN B 260 -5.45 33.83 11.62
CA ASN B 260 -6.20 32.60 11.81
C ASN B 260 -6.29 32.17 13.26
N THR B 261 -7.06 31.11 13.56
CA THR B 261 -6.82 30.36 14.83
C THR B 261 -6.37 28.93 14.43
N GLU B 262 -5.71 28.18 15.35
CA GLU B 262 -5.22 26.82 15.00
C GLU B 262 -5.28 25.97 16.22
N ASP B 263 -5.57 24.67 15.99
CA ASP B 263 -5.24 23.69 17.00
C ASP B 263 -3.92 23.08 16.53
N GLN B 264 -2.91 23.01 17.39
CA GLN B 264 -1.59 22.55 16.92
C GLN B 264 -1.24 21.21 17.51
N THR B 265 -0.59 20.33 16.73
CA THR B 265 -0.27 18.99 17.25
C THR B 265 0.49 18.92 18.57
N TRP B 266 1.45 19.83 18.80
CA TRP B 266 2.19 19.75 20.07
C TRP B 266 1.28 20.06 21.28
N ARG B 267 0.13 20.70 21.01
CA ARG B 267 -0.91 20.97 22.08
C ARG B 267 -1.93 19.85 22.21
N SER B 268 -2.48 19.40 21.07
CA SER B 268 -3.53 18.38 21.12
C SER B 268 -2.98 16.95 21.12
N SER B 269 -1.76 16.74 20.63
CA SER B 269 -1.14 15.39 20.71
C SER B 269 0.30 15.54 21.16
N PRO B 270 0.54 16.00 22.40
CA PRO B 270 1.92 16.26 22.79
C PRO B 270 2.77 14.97 22.82
N ALA B 271 4.07 15.14 22.60
CA ALA B 271 5.01 14.03 22.47
C ALA B 271 5.07 13.18 23.76
N SER B 272 4.80 13.78 24.91
CA SER B 272 4.73 13.03 26.17
C SER B 272 3.60 11.96 26.22
N GLY B 273 2.51 12.14 25.46
CA GLY B 273 1.35 11.26 25.62
C GLY B 273 0.50 11.53 26.88
N LEU B 274 0.78 12.60 27.61
CA LEU B 274 0.10 12.84 28.89
C LEU B 274 -1.12 13.74 28.75
N GLN B 275 -2.26 13.27 29.27
CA GLN B 275 -3.49 14.07 29.21
C GLN B 275 -3.23 15.43 29.93
N SER B 276 -2.42 15.35 30.98
CA SER B 276 -1.98 16.49 31.81
C SER B 276 -1.27 17.61 30.99
N ASN B 277 -0.75 17.24 29.82
CA ASN B 277 -0.02 18.18 28.94
C ASN B 277 -0.78 18.42 27.63
N THR B 278 -2.07 18.03 27.62
CA THR B 278 -2.86 18.06 26.40
C THR B 278 -3.87 19.22 26.50
N TYR B 279 -3.70 20.21 25.64
CA TYR B 279 -4.46 21.48 25.72
C TYR B 279 -5.25 21.70 24.42
N THR B 280 -6.52 21.32 24.44
CA THR B 280 -7.39 21.49 23.23
C THR B 280 -8.87 21.65 23.70
N PRO B 281 -9.71 22.41 22.96
CA PRO B 281 -11.04 22.65 23.56
C PRO B 281 -11.84 21.33 23.73
N THR B 282 -12.54 21.17 24.85
CA THR B 282 -13.51 20.06 24.97
C THR B 282 -14.84 20.54 24.33
N ASP B 283 -15.79 19.62 24.13
CA ASP B 283 -17.11 20.00 23.58
C ASP B 283 -17.82 21.00 24.51
N ASN B 284 -17.74 20.80 25.81
CA ASN B 284 -18.24 21.77 26.78
C ASN B 284 -17.64 23.18 26.57
N GLU B 285 -16.32 23.25 26.37
CA GLU B 285 -15.69 24.54 26.15
C GLU B 285 -16.08 25.18 24.82
N LEU B 286 -16.27 24.37 23.78
CA LEU B 286 -16.63 24.94 22.47
C LEU B 286 -18.06 25.48 22.51
N SER B 287 -18.86 25.09 23.49
CA SER B 287 -20.23 25.61 23.51
C SER B 287 -20.27 27.10 23.91
N ASN B 288 -19.15 27.65 24.44
CA ASN B 288 -19.10 29.10 24.70
C ASN B 288 -18.49 29.76 23.44
N ILE B 289 -19.34 30.34 22.60
CA ILE B 289 -18.90 30.90 21.31
C ILE B 289 -17.93 32.08 21.49
N GLU B 290 -18.23 32.97 22.42
N GLU B 290 -18.24 33.01 22.40
CA GLU B 290 -17.43 34.17 22.63
CA GLU B 290 -17.40 34.21 22.67
C GLU B 290 -15.99 33.83 23.11
C GLU B 290 -15.97 33.79 23.05
N ASN B 291 -15.85 32.78 23.90
CA ASN B 291 -14.52 32.32 24.35
C ASN B 291 -13.71 31.81 23.17
N ASN B 292 -14.40 31.35 22.11
CA ASN B 292 -13.70 30.80 20.94
C ASN B 292 -13.81 31.69 19.70
N THR B 293 -13.98 32.98 19.92
CA THR B 293 -14.01 33.95 18.81
C THR B 293 -12.82 34.90 18.93
N PHE B 294 -12.00 34.96 17.88
CA PHE B 294 -10.87 35.79 17.81
C PHE B 294 -11.27 37.05 17.09
N GLY B 295 -10.93 38.21 17.65
CA GLY B 295 -11.33 39.50 17.09
C GLY B 295 -10.13 40.38 16.76
N VAL B 296 -10.13 41.01 15.60
CA VAL B 296 -9.08 41.93 15.17
C VAL B 296 -9.77 43.24 14.77
N ASP B 297 -9.47 44.32 15.50
CA ASP B 297 -10.08 45.60 15.24
C ASP B 297 -9.48 46.17 13.95
N TRP B 298 -8.15 46.07 13.78
CA TRP B 298 -7.47 46.62 12.59
C TRP B 298 -6.08 46.07 12.43
N ILE B 299 -5.55 46.23 11.21
CA ILE B 299 -4.18 45.84 10.92
C ILE B 299 -3.61 46.90 10.04
N ARG B 300 -2.49 47.49 10.45
CA ARG B 300 -2.00 48.66 9.75
C ARG B 300 -0.55 48.38 9.35
N ILE B 301 -0.19 48.89 8.19
CA ILE B 301 1.07 48.48 7.57
C ILE B 301 1.74 49.80 7.08
N TYR B 302 3.03 49.99 7.36
CA TYR B 302 3.78 51.22 7.00
C TYR B 302 5.12 50.83 6.41
N LYS B 303 5.65 51.69 5.52
CA LYS B 303 6.97 51.52 4.98
C LYS B 303 7.74 52.83 5.26
N PRO B 304 9.05 52.74 5.60
CA PRO B 304 9.84 53.98 5.76
C PRO B 304 10.22 54.60 4.41
N VAL B 305 9.99 55.91 4.24
CA VAL B 305 10.33 56.69 3.04
C VAL B 305 11.09 58.00 3.43
N GLU B 306 11.74 58.65 2.46
CA GLU B 306 12.43 59.91 2.68
C GLU B 306 11.39 60.99 2.95
N LYS B 307 11.66 61.89 3.88
CA LYS B 307 10.86 63.14 4.03
C LYS B 307 11.01 64.11 2.84
N VAL C 12 16.22 -0.85 -10.32
CA VAL C 12 16.62 -2.22 -10.76
C VAL C 12 16.42 -3.07 -9.49
N ASP C 13 15.96 -4.29 -9.67
CA ASP C 13 15.80 -5.24 -8.53
C ASP C 13 17.18 -5.55 -7.90
N TRP C 14 17.16 -5.71 -6.60
CA TRP C 14 18.41 -5.88 -5.90
C TRP C 14 19.25 -7.05 -6.39
N LYS C 15 18.62 -8.14 -6.82
CA LYS C 15 19.38 -9.30 -7.24
C LYS C 15 19.84 -9.15 -8.67
N ASP C 16 19.42 -8.10 -9.37
CA ASP C 16 19.91 -7.90 -10.77
C ASP C 16 21.06 -6.89 -10.86
N ILE C 17 21.46 -6.28 -9.75
CA ILE C 17 22.60 -5.33 -9.74
C ILE C 17 23.94 -6.10 -9.76
N PRO C 18 24.83 -5.84 -10.74
CA PRO C 18 26.10 -6.57 -10.76
C PRO C 18 26.84 -6.49 -9.37
N VAL C 19 27.62 -7.49 -9.02
N VAL C 19 27.60 -7.52 -9.00
CA VAL C 19 28.45 -7.32 -7.85
CA VAL C 19 28.46 -7.34 -7.84
C VAL C 19 29.74 -6.69 -8.36
C VAL C 19 29.78 -6.73 -8.32
N PRO C 20 30.22 -5.67 -7.66
CA PRO C 20 31.38 -4.90 -8.25
C PRO C 20 32.74 -5.55 -8.01
N ALA C 21 32.85 -6.50 -7.09
CA ALA C 21 34.11 -7.16 -6.86
C ALA C 21 34.28 -8.29 -7.91
N ASP C 22 35.53 -8.72 -8.17
CA ASP C 22 35.83 -9.74 -9.14
C ASP C 22 35.90 -11.13 -8.42
N ALA C 23 35.04 -12.05 -8.83
CA ALA C 23 34.99 -13.39 -8.22
C ALA C 23 36.27 -14.09 -8.58
N GLY C 24 36.76 -13.77 -9.77
CA GLY C 24 38.02 -14.31 -10.18
C GLY C 24 37.81 -15.33 -11.27
N PRO C 25 38.91 -16.03 -11.58
CA PRO C 25 39.04 -16.88 -12.74
C PRO C 25 38.16 -18.14 -12.59
N ASN C 26 37.29 -18.37 -13.56
CA ASN C 26 36.39 -19.56 -13.49
C ASN C 26 35.59 -19.66 -12.20
N MET C 27 35.24 -18.48 -11.64
CA MET C 27 34.36 -18.31 -10.47
C MET C 27 33.16 -17.45 -10.82
N LYS C 28 32.08 -17.61 -10.08
CA LYS C 28 30.92 -16.76 -10.22
C LYS C 28 30.37 -16.45 -8.81
N TRP C 29 29.56 -15.38 -8.71
CA TRP C 29 29.06 -14.95 -7.43
C TRP C 29 27.72 -15.68 -7.17
N GLU C 30 27.59 -16.24 -5.98
CA GLU C 30 26.37 -17.01 -5.57
C GLU C 30 25.67 -16.21 -4.48
N PHE C 31 24.43 -15.81 -4.74
CA PHE C 31 23.62 -15.09 -3.76
C PHE C 31 23.34 -16.03 -2.55
N GLN C 32 23.47 -15.50 -1.32
CA GLN C 32 23.25 -16.23 -0.09
C GLN C 32 21.85 -15.94 0.47
N GLU C 33 21.13 -17.01 0.83
CA GLU C 33 19.73 -16.88 1.26
C GLU C 33 19.62 -16.06 2.54
N ILE C 34 20.73 -15.84 3.28
CA ILE C 34 20.60 -15.02 4.44
C ILE C 34 20.50 -13.52 4.19
N SER C 35 20.69 -13.11 2.93
CA SER C 35 20.38 -11.75 2.50
C SER C 35 18.94 -11.42 2.87
N ASP C 36 18.64 -10.13 3.03
CA ASP C 36 17.26 -9.70 3.34
C ASP C 36 16.95 -8.35 2.58
N ASN C 37 15.78 -8.28 1.93
CA ASN C 37 15.32 -7.00 1.36
C ASN C 37 14.13 -6.37 2.13
N PHE C 38 13.79 -6.96 3.27
CA PHE C 38 12.93 -6.34 4.28
C PHE C 38 11.49 -6.07 3.74
N GLU C 39 11.00 -6.91 2.82
CA GLU C 39 9.65 -6.71 2.25
C GLU C 39 8.65 -7.51 3.04
N TYR C 40 8.53 -7.26 4.33
CA TYR C 40 7.53 -7.93 5.15
C TYR C 40 7.25 -6.93 6.28
N GLU C 41 6.34 -7.28 7.22
CA GLU C 41 6.03 -6.39 8.31
C GLU C 41 6.65 -6.96 9.58
N ALA C 42 7.31 -6.11 10.37
CA ALA C 42 7.83 -6.56 11.63
C ALA C 42 7.67 -5.46 12.65
N PRO C 43 6.52 -5.44 13.38
CA PRO C 43 6.25 -4.37 14.36
C PRO C 43 7.31 -4.33 15.45
N ALA C 44 7.65 -3.12 15.92
CA ALA C 44 8.80 -2.88 16.79
C ALA C 44 8.77 -3.83 18.02
N ASP C 45 7.59 -3.94 18.63
CA ASP C 45 7.45 -4.70 19.88
C ASP C 45 6.99 -6.16 19.70
N ASN C 46 6.88 -6.63 18.46
CA ASN C 46 6.35 -7.97 18.14
C ASN C 46 6.81 -8.29 16.72
N LYS C 47 8.07 -8.70 16.60
CA LYS C 47 8.74 -8.74 15.31
C LYS C 47 8.11 -9.78 14.38
N GLY C 48 7.66 -10.91 14.92
CA GLY C 48 7.08 -11.99 14.08
C GLY C 48 8.06 -12.92 13.42
N SER C 49 7.57 -14.04 12.85
CA SER C 49 8.45 -15.16 12.50
C SER C 49 9.41 -14.87 11.35
N GLU C 50 8.99 -14.03 10.42
CA GLU C 50 9.78 -13.82 9.22
C GLU C 50 11.05 -13.04 9.56
N PHE C 51 10.89 -11.94 10.29
CA PHE C 51 12.09 -11.25 10.82
C PHE C 51 12.93 -12.22 11.69
N LEU C 52 12.29 -12.94 12.62
CA LEU C 52 13.05 -13.73 13.58
C LEU C 52 13.72 -14.99 12.97
N GLU C 53 13.33 -15.37 11.78
CA GLU C 53 14.05 -16.41 11.10
C GLU C 53 15.51 -15.98 10.73
N LYS C 54 15.74 -14.69 10.47
CA LYS C 54 17.07 -14.25 10.06
C LYS C 54 17.77 -13.39 11.12
N TRP C 55 16.99 -12.72 11.97
CA TRP C 55 17.63 -11.70 12.81
C TRP C 55 17.21 -11.85 14.27
N ASP C 56 18.06 -11.38 15.20
CA ASP C 56 17.70 -11.19 16.61
C ASP C 56 17.66 -9.69 16.78
N ASP C 57 16.68 -9.12 17.50
CA ASP C 57 16.63 -7.64 17.59
C ASP C 57 17.40 -7.08 18.79
N PHE C 58 18.61 -7.58 19.01
CA PHE C 58 19.53 -7.00 19.98
C PHE C 58 20.98 -7.15 19.47
N TYR C 59 21.93 -6.60 20.22
CA TYR C 59 23.34 -6.86 20.06
C TYR C 59 23.61 -8.40 20.26
N HIS C 60 24.84 -8.84 19.94
CA HIS C 60 25.16 -10.27 19.95
C HIS C 60 25.43 -10.87 21.33
N ASN C 61 25.47 -10.01 22.34
CA ASN C 61 25.42 -10.48 23.75
C ASN C 61 24.60 -9.45 24.53
N ALA C 62 24.44 -9.62 25.83
CA ALA C 62 23.57 -8.71 26.59
C ALA C 62 24.09 -7.26 26.80
N TRP C 63 25.33 -6.95 26.42
CA TRP C 63 25.83 -5.57 26.57
C TRP C 63 24.94 -4.57 25.78
N ALA C 64 24.55 -3.48 26.43
CA ALA C 64 23.53 -2.59 25.89
C ALA C 64 24.09 -1.34 25.23
N GLY C 65 25.42 -1.26 25.08
CA GLY C 65 26.02 -0.31 24.13
C GLY C 65 26.96 0.71 24.74
N PRO C 66 27.66 1.47 23.91
CA PRO C 66 28.63 2.46 24.45
C PRO C 66 28.02 3.82 24.82
N GLY C 67 28.82 4.62 25.53
CA GLY C 67 28.42 6.01 25.69
C GLY C 67 27.06 6.14 26.42
N LEU C 68 26.22 7.00 25.86
CA LEU C 68 24.85 7.21 26.33
C LEU C 68 23.87 6.18 25.72
N THR C 69 24.38 5.24 24.92
CA THR C 69 23.49 4.26 24.22
C THR C 69 22.81 3.29 25.28
N GLU C 70 21.53 3.01 25.11
CA GLU C 70 20.93 1.89 25.78
C GLU C 70 20.05 1.23 24.69
N TRP C 71 20.62 0.22 24.04
CA TRP C 71 19.90 -0.51 22.99
C TRP C 71 18.58 -1.13 23.53
N LYS C 72 17.53 -1.14 22.68
CA LYS C 72 16.26 -1.71 23.09
C LYS C 72 15.73 -2.51 21.91
N ARG C 73 15.17 -3.68 22.18
CA ARG C 73 14.56 -4.48 21.14
C ARG C 73 13.44 -3.70 20.35
N ASP C 74 12.68 -2.83 21.05
CA ASP C 74 11.50 -2.16 20.41
C ASP C 74 11.90 -0.81 19.78
N ARG C 75 13.18 -0.65 19.46
CA ARG C 75 13.62 0.55 18.68
C ARG C 75 14.06 0.21 17.28
N SER C 76 13.82 -1.05 16.89
CA SER C 76 13.99 -1.49 15.51
C SER C 76 12.66 -2.03 15.03
N TYR C 77 12.41 -1.88 13.73
CA TYR C 77 11.15 -2.42 13.09
C TYR C 77 11.33 -2.59 11.61
N VAL C 78 10.38 -3.28 10.97
CA VAL C 78 10.41 -3.39 9.52
C VAL C 78 9.04 -2.98 8.95
N ALA C 79 9.05 -2.05 8.00
CA ALA C 79 7.81 -1.45 7.46
C ALA C 79 8.14 -0.73 6.18
N ASP C 80 7.18 -0.71 5.26
CA ASP C 80 7.32 0.09 4.03
C ASP C 80 8.53 -0.33 3.21
N GLY C 81 8.88 -1.61 3.28
CA GLY C 81 10.01 -2.11 2.50
C GLY C 81 11.41 -1.92 3.10
N GLU C 82 11.54 -1.42 4.33
CA GLU C 82 12.86 -1.09 4.92
C GLU C 82 12.95 -1.55 6.36
N LEU C 83 14.16 -1.89 6.78
CA LEU C 83 14.47 -2.03 8.19
C LEU C 83 14.67 -0.58 8.65
N LYS C 84 14.08 -0.21 9.77
CA LYS C 84 14.18 1.13 10.34
C LYS C 84 14.52 1.02 11.83
N MET C 85 15.25 2.01 12.33
CA MET C 85 15.73 2.01 13.73
C MET C 85 15.72 3.46 14.10
N TRP C 86 15.21 3.83 15.29
CA TRP C 86 15.22 5.23 15.66
C TRP C 86 15.65 5.47 17.10
N ALA C 87 15.81 6.72 17.49
CA ALA C 87 16.41 7.03 18.80
C ALA C 87 15.45 7.92 19.60
N THR C 88 15.25 7.63 20.87
CA THR C 88 14.41 8.52 21.74
C THR C 88 15.14 8.64 23.10
N ARG C 89 15.06 9.80 23.71
CA ARG C 89 15.59 9.94 25.08
C ARG C 89 14.97 8.94 26.07
N LYS C 90 15.83 8.32 26.88
CA LYS C 90 15.38 7.41 27.93
C LYS C 90 14.67 8.22 29.00
N PRO C 91 13.48 7.75 29.45
CA PRO C 91 12.80 8.59 30.46
C PRO C 91 13.62 8.75 31.76
N GLY C 92 13.62 9.96 32.32
CA GLY C 92 14.37 10.21 33.57
C GLY C 92 15.88 9.93 33.48
N SER C 93 16.47 10.23 32.32
CA SER C 93 17.86 9.91 32.06
C SER C 93 18.44 10.80 30.95
N ASP C 94 19.78 10.85 30.87
CA ASP C 94 20.42 11.49 29.67
C ASP C 94 20.64 10.46 28.60
N LYS C 95 20.46 9.19 28.93
CA LYS C 95 20.77 8.10 27.97
C LYS C 95 19.78 8.14 26.82
N ILE C 96 20.13 7.47 25.72
CA ILE C 96 19.27 7.44 24.51
C ILE C 96 18.99 6.00 24.13
N ASN C 97 17.70 5.62 24.11
CA ASN C 97 17.27 4.28 23.58
C ASN C 97 17.34 4.24 22.05
N MET C 98 17.94 3.21 21.45
CA MET C 98 18.01 3.14 19.99
C MET C 98 18.14 1.66 19.62
N GLY C 99 18.11 1.34 18.31
CA GLY C 99 18.04 -0.05 17.92
C GLY C 99 19.39 -0.70 17.66
N CYS C 100 19.38 -2.02 17.65
CA CYS C 100 20.52 -2.89 17.32
C CYS C 100 19.93 -4.26 16.93
N ILE C 101 20.33 -4.78 15.76
CA ILE C 101 19.95 -6.16 15.38
C ILE C 101 21.19 -6.93 14.91
N THR C 102 21.13 -8.25 15.05
CA THR C 102 22.27 -9.13 14.77
C THR C 102 21.75 -10.33 13.92
N SER C 103 22.50 -10.72 12.89
CA SER C 103 22.15 -11.87 12.13
C SER C 103 22.16 -13.17 12.98
N LYS C 104 21.26 -14.10 12.66
CA LYS C 104 21.26 -15.46 13.30
C LYS C 104 22.24 -16.45 12.69
N THR C 105 22.83 -16.13 11.52
CA THR C 105 23.82 -16.97 10.86
C THR C 105 25.04 -16.07 10.60
N ARG C 106 26.23 -16.64 10.66
CA ARG C 106 27.45 -15.86 10.48
C ARG C 106 27.98 -15.92 9.04
N VAL C 107 28.90 -15.02 8.71
CA VAL C 107 29.51 -15.01 7.39
C VAL C 107 31.01 -15.15 7.60
N VAL C 108 31.71 -15.65 6.60
CA VAL C 108 33.18 -15.70 6.65
C VAL C 108 33.75 -15.50 5.25
N TYR C 109 35.00 -15.03 5.13
CA TYR C 109 35.64 -14.91 3.79
C TYR C 109 35.63 -16.29 3.06
N PRO C 110 35.65 -16.29 1.70
CA PRO C 110 35.51 -15.04 0.86
C PRO C 110 34.01 -14.68 0.80
N VAL C 111 33.68 -13.40 0.96
CA VAL C 111 32.26 -13.01 0.97
C VAL C 111 32.22 -11.53 0.59
N TYR C 112 31.23 -11.16 -0.23
CA TYR C 112 30.90 -9.78 -0.55
C TYR C 112 29.59 -9.43 0.13
N ILE C 113 29.55 -8.36 0.92
N ILE C 113 29.54 -8.35 0.92
CA ILE C 113 28.31 -8.00 1.63
CA ILE C 113 28.29 -8.00 1.62
C ILE C 113 28.08 -6.51 1.33
C ILE C 113 28.05 -6.50 1.44
N GLU C 114 26.85 -6.15 0.99
CA GLU C 114 26.56 -4.77 0.62
C GLU C 114 25.19 -4.39 1.17
N ALA C 115 25.12 -3.27 1.86
CA ALA C 115 23.86 -2.75 2.32
C ALA C 115 23.50 -1.47 1.52
N ARG C 116 22.23 -1.35 1.11
CA ARG C 116 21.67 -0.09 0.59
C ARG C 116 21.00 0.66 1.74
N ALA C 117 21.57 1.76 2.15
CA ALA C 117 21.17 2.35 3.41
C ALA C 117 21.24 3.87 3.34
N LYS C 118 20.47 4.56 4.19
CA LYS C 118 20.51 6.02 4.21
C LYS C 118 20.97 6.51 5.57
N VAL C 119 22.18 7.06 5.58
CA VAL C 119 22.80 7.56 6.83
C VAL C 119 21.85 8.64 7.45
N MET C 120 21.72 8.62 8.78
CA MET C 120 20.92 9.59 9.50
C MET C 120 21.49 11.02 9.51
N ASN C 121 20.58 11.99 9.43
CA ASN C 121 20.96 13.39 9.67
C ASN C 121 21.03 13.65 11.18
N SER C 122 22.01 13.05 11.84
CA SER C 122 22.07 13.02 13.30
C SER C 122 23.53 12.84 13.67
N THR C 123 23.86 13.27 14.89
CA THR C 123 25.23 13.10 15.41
C THR C 123 25.51 11.67 15.92
N LEU C 124 24.43 10.89 16.13
CA LEU C 124 24.56 9.42 16.34
C LEU C 124 25.20 8.71 15.15
N ALA C 125 25.95 7.65 15.43
CA ALA C 125 26.46 6.82 14.33
C ALA C 125 25.39 6.01 13.65
N SER C 126 25.52 5.84 12.32
CA SER C 126 24.67 4.95 11.53
C SER C 126 25.63 3.83 11.10
N ASP C 127 25.36 2.56 11.50
CA ASP C 127 26.37 1.46 11.38
C ASP C 127 25.85 0.17 10.74
N VAL C 128 26.65 -0.42 9.85
CA VAL C 128 26.49 -1.77 9.41
C VAL C 128 27.87 -2.35 9.51
N TRP C 129 28.02 -3.43 10.30
CA TRP C 129 29.36 -3.93 10.53
C TRP C 129 29.37 -5.45 10.80
N LEU C 130 30.56 -6.03 10.80
CA LEU C 130 30.79 -7.47 11.07
C LEU C 130 31.62 -7.59 12.35
N LEU C 131 31.31 -8.59 13.20
CA LEU C 131 32.07 -8.72 14.46
C LEU C 131 32.12 -10.19 14.85
N SER C 132 33.31 -10.67 15.19
CA SER C 132 33.46 -12.08 15.54
C SER C 132 32.74 -12.37 16.87
N ALA C 133 32.37 -13.64 17.10
CA ALA C 133 31.66 -13.98 18.36
C ALA C 133 32.43 -13.67 19.61
N ASP C 134 33.74 -13.88 19.61
CA ASP C 134 34.61 -13.51 20.76
C ASP C 134 35.08 -12.04 20.80
N ASP C 135 34.50 -11.18 19.94
CA ASP C 135 34.79 -9.75 19.97
C ASP C 135 36.22 -9.35 19.65
N THR C 136 37.02 -10.27 19.06
CA THR C 136 38.42 -9.96 18.74
C THR C 136 38.68 -9.38 17.33
N GLN C 137 37.71 -9.55 16.42
CA GLN C 137 37.87 -9.14 14.99
C GLN C 137 36.63 -8.43 14.46
N GLU C 138 36.81 -7.37 13.68
CA GLU C 138 35.70 -6.49 13.32
C GLU C 138 35.93 -5.91 11.94
N ILE C 139 34.89 -5.72 11.15
CA ILE C 139 35.04 -5.09 9.83
C ILE C 139 33.88 -4.11 9.67
N ASP C 140 34.20 -2.83 9.49
CA ASP C 140 33.17 -1.81 9.13
C ASP C 140 32.66 -1.94 7.70
N ILE C 141 31.36 -1.83 7.53
CA ILE C 141 30.80 -1.75 6.17
C ILE C 141 30.28 -0.35 5.96
N LEU C 142 29.39 0.08 6.87
CA LEU C 142 29.00 1.48 6.93
C LEU C 142 29.26 1.98 8.32
N ASP C 143 29.95 3.12 8.45
CA ASP C 143 30.21 3.70 9.77
C ASP C 143 30.23 5.21 9.53
N ALA C 144 29.11 5.90 9.84
CA ALA C 144 28.98 7.34 9.49
C ALA C 144 28.23 8.16 10.56
N TYR C 145 28.59 9.45 10.69
CA TYR C 145 27.98 10.39 11.59
C TYR C 145 27.46 11.47 10.67
N GLY C 146 26.18 11.39 10.33
CA GLY C 146 25.66 12.08 9.17
C GLY C 146 25.19 13.53 9.33
N ALA C 147 24.99 14.00 10.58
CA ALA C 147 24.31 15.32 10.81
C ALA C 147 24.94 16.49 9.98
N ASP C 148 24.11 17.32 9.36
CA ASP C 148 24.65 18.58 8.81
C ASP C 148 25.22 19.50 9.92
N TYR C 149 24.56 19.55 11.10
CA TYR C 149 24.84 20.56 12.09
C TYR C 149 24.67 19.91 13.46
N SER C 150 25.45 20.39 14.44
CA SER C 150 25.35 19.85 15.83
C SER C 150 24.97 20.95 16.83
N GLU C 151 23.75 20.86 17.40
CA GLU C 151 23.36 21.78 18.48
C GLU C 151 24.19 21.62 19.74
N SER C 152 24.54 20.38 20.03
CA SER C 152 25.34 20.15 21.26
C SER C 152 26.71 20.89 21.16
N ALA C 153 27.38 20.82 19.99
CA ALA C 153 28.62 21.57 19.77
C ALA C 153 28.43 23.07 19.40
N GLY C 154 27.22 23.45 18.97
CA GLY C 154 26.93 24.78 18.50
C GLY C 154 27.67 25.09 17.22
N LYS C 155 27.81 24.12 16.32
CA LYS C 155 28.57 24.35 15.09
C LYS C 155 28.31 23.37 13.95
N ASP C 156 28.78 23.79 12.78
CA ASP C 156 28.86 23.00 11.56
C ASP C 156 29.40 21.63 11.82
N HIS C 157 28.75 20.62 11.22
CA HIS C 157 29.15 19.20 11.39
C HIS C 157 29.51 18.58 10.01
N SER C 158 29.77 19.43 9.01
CA SER C 158 30.17 18.95 7.66
C SER C 158 31.47 18.15 7.65
N TYR C 159 32.36 18.40 8.62
CA TYR C 159 33.54 17.55 8.75
C TYR C 159 33.13 16.07 8.72
N PHE C 160 32.04 15.74 9.42
CA PHE C 160 31.58 14.36 9.49
C PHE C 160 30.47 14.02 8.50
N SER C 161 29.60 14.99 8.21
CA SER C 161 28.50 14.71 7.21
C SER C 161 29.01 14.27 5.83
N LYS C 162 30.28 14.61 5.50
CA LYS C 162 30.81 14.26 4.18
C LYS C 162 31.73 13.04 4.23
N LYS C 163 31.83 12.41 5.39
CA LYS C 163 32.76 11.24 5.51
C LYS C 163 32.06 9.98 5.85
N VAL C 164 32.58 8.88 5.31
CA VAL C 164 32.31 7.52 5.84
C VAL C 164 33.62 6.88 6.30
N HIS C 165 33.55 6.21 7.44
CA HIS C 165 34.70 5.56 8.05
C HIS C 165 34.73 4.09 7.58
N ILE C 166 35.73 3.78 6.78
CA ILE C 166 35.84 2.47 6.17
C ILE C 166 37.05 1.81 6.72
N SER C 167 36.84 1.00 7.75
CA SER C 167 37.97 0.56 8.57
C SER C 167 37.73 -0.91 9.06
N HIS C 168 38.60 -1.38 9.97
CA HIS C 168 38.46 -2.72 10.63
C HIS C 168 39.16 -2.62 11.96
N HIS C 169 38.89 -3.56 12.88
CA HIS C 169 39.64 -3.59 14.15
C HIS C 169 40.07 -4.97 14.44
N VAL C 170 41.21 -5.07 15.13
CA VAL C 170 41.56 -6.30 15.82
C VAL C 170 41.80 -5.95 17.31
N PHE C 171 41.36 -6.82 18.24
CA PHE C 171 41.38 -6.49 19.67
C PHE C 171 42.07 -7.56 20.44
N ILE C 172 42.78 -7.18 21.49
CA ILE C 172 43.01 -8.14 22.60
C ILE C 172 41.99 -7.79 23.72
N ARG C 173 41.24 -8.76 24.26
CA ARG C 173 40.18 -8.37 25.24
C ARG C 173 40.65 -8.05 26.68
N ASP C 174 41.71 -8.72 27.15
CA ASP C 174 42.20 -8.56 28.52
C ASP C 174 43.72 -8.70 28.47
N PRO C 175 44.47 -7.60 28.76
CA PRO C 175 43.88 -6.27 28.98
C PRO C 175 43.44 -5.70 27.63
N PHE C 176 42.38 -4.91 27.66
CA PHE C 176 41.78 -4.36 26.46
C PHE C 176 42.74 -3.50 25.62
N GLN C 177 42.86 -3.85 24.33
CA GLN C 177 43.72 -3.10 23.39
C GLN C 177 43.01 -3.14 22.05
N ASP C 178 42.92 -2.01 21.36
CA ASP C 178 42.16 -1.89 20.12
C ASP C 178 43.12 -1.33 19.02
N TYR C 179 43.28 -2.07 17.91
CA TYR C 179 44.02 -1.52 16.76
C TYR C 179 43.05 -1.28 15.59
N GLN C 180 43.22 -0.15 14.89
CA GLN C 180 42.60 0.01 13.58
C GLN C 180 43.56 0.84 12.73
N PRO C 181 43.49 0.75 11.37
CA PRO C 181 44.34 1.62 10.62
C PRO C 181 43.87 3.05 10.83
N LYS C 182 44.79 4.00 10.72
CA LYS C 182 44.50 5.40 11.02
C LYS C 182 44.92 6.33 9.91
N ASP C 183 45.34 5.82 8.75
CA ASP C 183 45.82 6.70 7.66
C ASP C 183 44.65 7.48 7.07
N ALA C 184 44.90 8.60 6.40
CA ALA C 184 43.84 9.50 5.93
C ALA C 184 42.75 8.83 5.09
N GLY C 185 43.15 7.92 4.19
CA GLY C 185 42.20 7.15 3.32
C GLY C 185 41.15 6.30 4.09
N SER C 186 41.36 6.07 5.40
CA SER C 186 40.42 5.29 6.20
C SER C 186 39.11 6.05 6.41
N TRP C 187 39.08 7.34 6.10
CA TRP C 187 37.80 8.04 6.02
C TRP C 187 37.61 8.53 4.62
N PHE C 188 36.55 8.10 3.94
CA PHE C 188 36.31 8.43 2.56
C PHE C 188 35.42 9.67 2.42
N GLU C 189 35.80 10.57 1.49
CA GLU C 189 35.01 11.79 1.23
C GLU C 189 35.17 12.21 -0.25
N ASP C 190 34.10 12.57 -0.95
CA ASP C 190 34.21 13.02 -2.35
C ASP C 190 33.33 14.21 -2.59
N GLY C 191 32.75 14.78 -1.52
CA GLY C 191 31.76 15.86 -1.74
C GLY C 191 30.33 15.47 -1.41
N THR C 192 30.00 14.19 -1.51
CA THR C 192 28.62 13.74 -1.29
C THR C 192 28.28 13.98 0.18
N VAL C 193 27.07 14.48 0.43
CA VAL C 193 26.56 14.53 1.83
C VAL C 193 25.74 13.25 2.04
N TRP C 194 26.26 12.28 2.81
CA TRP C 194 25.64 10.91 2.85
C TRP C 194 24.18 10.84 3.31
N ASN C 195 23.73 11.75 4.17
CA ASN C 195 22.37 11.68 4.74
C ASN C 195 21.28 11.98 3.71
N LYS C 196 21.66 12.53 2.55
CA LYS C 196 20.67 13.00 1.58
C LYS C 196 19.97 11.86 0.80
N GLU C 197 20.61 10.72 0.61
CA GLU C 197 20.06 9.64 -0.26
C GLU C 197 20.45 8.26 0.28
N PHE C 198 19.78 7.20 -0.20
CA PHE C 198 20.30 5.82 -0.04
C PHE C 198 21.54 5.63 -0.91
N HIS C 199 22.56 5.00 -0.36
CA HIS C 199 23.76 4.59 -1.14
C HIS C 199 24.05 3.15 -0.87
N ARG C 200 24.85 2.51 -1.71
CA ARG C 200 25.29 1.14 -1.44
C ARG C 200 26.69 1.13 -0.84
N PHE C 201 26.84 0.54 0.34
CA PHE C 201 28.14 0.40 1.00
C PHE C 201 28.46 -1.07 1.04
N GLY C 202 29.59 -1.48 0.45
CA GLY C 202 29.90 -2.89 0.36
C GLY C 202 31.36 -3.20 0.74
N VAL C 203 31.63 -4.44 1.17
CA VAL C 203 33.02 -4.82 1.40
C VAL C 203 33.19 -6.23 0.80
N TYR C 204 34.28 -6.42 0.06
CA TYR C 204 34.72 -7.77 -0.33
C TYR C 204 35.75 -8.18 0.71
N TRP C 205 35.34 -9.04 1.64
CA TRP C 205 36.27 -9.66 2.56
C TRP C 205 36.81 -10.92 1.84
N ARG C 206 37.97 -10.79 1.17
CA ARG C 206 38.39 -11.83 0.24
C ARG C 206 39.09 -12.98 1.03
N ASP C 207 39.89 -12.57 2.03
CA ASP C 207 40.66 -13.55 2.82
C ASP C 207 41.11 -12.75 4.03
N PRO C 208 41.76 -13.40 5.00
CA PRO C 208 42.14 -12.76 6.24
C PRO C 208 43.08 -11.55 6.11
N TRP C 209 43.70 -11.38 4.94
CA TRP C 209 44.65 -10.31 4.76
C TRP C 209 44.27 -9.40 3.61
N HIS C 210 43.00 -9.41 3.14
CA HIS C 210 42.67 -8.52 2.02
C HIS C 210 41.22 -8.09 2.05
N LEU C 211 40.97 -6.79 2.18
CA LEU C 211 39.63 -6.21 2.15
C LEU C 211 39.51 -5.17 1.02
N GLU C 212 38.33 -5.10 0.35
CA GLU C 212 38.08 -4.02 -0.63
C GLU C 212 36.78 -3.36 -0.27
N TYR C 213 36.75 -2.01 -0.24
CA TYR C 213 35.51 -1.29 0.05
C TYR C 213 34.95 -0.64 -1.20
N TYR C 214 33.62 -0.68 -1.35
CA TYR C 214 32.90 -0.24 -2.57
C TYR C 214 31.76 0.66 -2.14
N ILE C 215 31.59 1.81 -2.80
CA ILE C 215 30.45 2.68 -2.52
C ILE C 215 29.74 2.90 -3.83
N ASP C 216 28.43 2.62 -3.88
CA ASP C 216 27.70 2.71 -5.16
C ASP C 216 28.42 1.99 -6.28
N GLY C 217 28.99 0.83 -5.98
CA GLY C 217 29.49 -0.04 -7.03
C GLY C 217 30.91 0.36 -7.45
N VAL C 218 31.53 1.35 -6.81
CA VAL C 218 32.92 1.81 -7.20
C VAL C 218 33.95 1.48 -6.13
N LEU C 219 35.07 0.85 -6.50
CA LEU C 219 36.13 0.55 -5.51
C LEU C 219 36.75 1.85 -4.96
N VAL C 220 36.73 2.04 -3.64
CA VAL C 220 37.25 3.32 -3.11
C VAL C 220 38.47 3.08 -2.24
N ARG C 221 38.69 1.85 -1.81
CA ARG C 221 39.85 1.59 -0.93
C ARG C 221 40.13 0.10 -0.87
N THR C 222 41.42 -0.27 -0.88
CA THR C 222 41.87 -1.67 -0.71
C THR C 222 42.88 -1.68 0.49
N VAL C 223 42.74 -2.64 1.39
CA VAL C 223 43.53 -2.76 2.62
C VAL C 223 44.08 -4.15 2.58
N SER C 224 45.39 -4.28 2.46
CA SER C 224 45.94 -5.59 2.10
C SER C 224 47.32 -5.79 2.80
N GLY C 225 47.58 -7.00 3.33
CA GLY C 225 48.92 -7.32 3.88
C GLY C 225 49.00 -7.27 5.41
N LYS C 226 49.90 -8.11 5.95
CA LYS C 226 50.13 -8.29 7.40
C LYS C 226 50.38 -6.96 8.07
N ASP C 227 51.16 -6.12 7.41
CA ASP C 227 51.60 -4.85 7.96
C ASP C 227 50.50 -3.82 8.14
N ILE C 228 49.40 -3.87 7.39
CA ILE C 228 48.33 -2.88 7.66
C ILE C 228 47.16 -3.51 8.40
N ILE C 229 46.94 -4.82 8.19
CA ILE C 229 45.80 -5.47 8.85
C ILE C 229 46.09 -5.71 10.37
N ASP C 230 47.32 -6.15 10.70
CA ASP C 230 47.62 -6.50 12.10
C ASP C 230 49.10 -6.31 12.43
N PRO C 231 49.59 -5.07 12.36
CA PRO C 231 51.01 -4.83 12.62
C PRO C 231 51.43 -5.10 14.05
N LYS C 232 50.45 -5.10 14.96
CA LYS C 232 50.77 -5.24 16.40
C LYS C 232 50.66 -6.69 16.87
N HIS C 233 50.39 -7.60 15.94
CA HIS C 233 50.25 -9.03 16.26
C HIS C 233 49.18 -9.31 17.31
N PHE C 234 48.07 -8.57 17.26
CA PHE C 234 46.89 -8.86 18.09
C PHE C 234 46.18 -10.16 17.68
N THR C 235 46.42 -10.62 16.44
CA THR C 235 45.83 -11.90 16.01
C THR C 235 46.80 -13.09 16.19
N ASN C 236 47.99 -12.90 16.83
CA ASN C 236 48.84 -14.07 17.19
C ASN C 236 48.02 -15.10 17.94
N THR C 237 48.15 -16.39 17.63
CA THR C 237 47.41 -17.37 18.39
C THR C 237 48.21 -17.91 19.56
N THR C 238 49.51 -17.61 19.60
CA THR C 238 50.34 -17.85 20.75
C THR C 238 51.06 -16.50 21.00
N ASP C 239 51.49 -16.23 22.21
CA ASP C 239 52.30 -15.02 22.47
C ASP C 239 51.59 -13.75 21.96
N PRO C 240 50.39 -13.43 22.49
CA PRO C 240 49.58 -12.39 21.87
C PRO C 240 50.23 -10.99 21.94
N GLY C 241 50.10 -10.15 20.93
CA GLY C 241 50.80 -8.82 20.96
C GLY C 241 52.33 -8.87 20.98
N ASN C 242 52.96 -10.06 20.81
CA ASN C 242 54.42 -10.12 20.74
C ASN C 242 54.88 -9.95 19.30
N THR C 243 55.47 -8.80 18.94
CA THR C 243 55.80 -8.60 17.51
C THR C 243 57.06 -9.37 17.03
N GLU C 244 57.75 -10.02 17.93
CA GLU C 244 58.88 -10.85 17.54
C GLU C 244 58.49 -12.29 17.23
N ILE C 245 57.22 -12.65 17.41
CA ILE C 245 56.80 -14.01 17.11
C ILE C 245 55.59 -13.89 16.17
N ASP C 246 55.66 -14.57 15.02
CA ASP C 246 54.56 -14.41 14.06
C ASP C 246 53.74 -15.67 14.05
N THR C 247 52.63 -15.64 14.76
CA THR C 247 51.60 -16.67 14.64
C THR C 247 50.25 -16.00 14.28
N ARG C 248 50.29 -14.90 13.53
CA ARG C 248 49.08 -14.16 13.23
C ARG C 248 48.17 -14.94 12.27
N THR C 249 46.87 -14.75 12.46
CA THR C 249 45.88 -15.22 11.50
C THR C 249 45.19 -14.14 10.66
N GLY C 250 45.27 -12.88 11.09
CA GLY C 250 44.49 -11.86 10.37
C GLY C 250 42.98 -11.98 10.66
N LEU C 251 42.17 -11.45 9.74
CA LEU C 251 40.69 -11.48 9.85
C LEU C 251 40.17 -12.84 9.37
N ASN C 252 40.39 -13.85 10.20
CA ASN C 252 40.01 -15.21 9.78
C ASN C 252 38.78 -15.74 10.48
N LYS C 253 38.31 -15.06 11.52
CA LYS C 253 37.14 -15.62 12.30
C LYS C 253 35.77 -15.38 11.64
N GLU C 254 34.82 -16.32 11.81
CA GLU C 254 33.46 -16.04 11.27
C GLU C 254 32.84 -14.85 12.06
N MET C 255 31.97 -14.09 11.41
CA MET C 255 31.43 -12.86 12.03
C MET C 255 29.90 -12.78 11.94
N ASP C 256 29.30 -12.15 12.96
CA ASP C 256 27.89 -11.81 12.95
C ASP C 256 27.76 -10.51 12.17
N ILE C 257 26.61 -10.32 11.53
CA ILE C 257 26.29 -9.05 10.87
C ILE C 257 25.48 -8.25 11.88
N ILE C 258 25.88 -7.00 12.13
CA ILE C 258 25.20 -6.17 13.12
C ILE C 258 24.81 -4.86 12.42
N ILE C 259 23.61 -4.40 12.72
CA ILE C 259 23.08 -3.15 12.15
C ILE C 259 22.49 -2.39 13.32
N ASN C 260 22.97 -1.15 13.52
CA ASN C 260 22.57 -0.40 14.72
C ASN C 260 22.80 1.10 14.55
N THR C 261 22.43 1.86 15.59
CA THR C 261 22.94 3.24 15.70
C THR C 261 23.62 3.29 17.07
N GLU C 262 24.51 4.27 17.29
CA GLU C 262 25.29 4.33 18.54
C GLU C 262 25.58 5.76 18.95
N ASP C 263 25.46 6.01 20.24
CA ASP C 263 26.13 7.19 20.85
C ASP C 263 27.46 6.66 21.44
N GLN C 264 28.59 7.29 21.09
CA GLN C 264 29.91 6.77 21.50
C GLN C 264 30.58 7.76 22.46
N THR C 265 31.31 7.24 23.45
CA THR C 265 31.87 8.10 24.50
C THR C 265 32.76 9.20 23.93
N TRP C 266 33.54 8.90 22.88
CA TRP C 266 34.54 9.95 22.42
C TRP C 266 33.81 11.16 21.79
N ARG C 267 32.53 10.96 21.46
CA ARG C 267 31.63 12.04 20.96
C ARG C 267 30.76 12.74 21.99
N SER C 268 30.11 11.96 22.87
CA SER C 268 29.26 12.57 23.92
C SER C 268 30.03 13.02 25.15
N SER C 269 31.20 12.42 25.44
CA SER C 269 32.07 12.88 26.56
C SER C 269 33.54 12.96 26.07
N PRO C 270 33.81 13.86 25.16
CA PRO C 270 35.16 13.88 24.56
C PRO C 270 36.27 14.04 25.63
N ALA C 271 37.45 13.44 25.42
CA ALA C 271 38.57 13.56 26.35
C ALA C 271 39.01 15.02 26.52
N SER C 272 38.81 15.84 25.50
CA SER C 272 39.10 17.29 25.59
C SER C 272 38.28 18.00 26.67
N GLY C 273 37.11 17.46 26.99
CA GLY C 273 36.19 18.10 27.90
C GLY C 273 35.54 19.34 27.30
N LEU C 274 35.72 19.60 26.00
CA LEU C 274 35.25 20.84 25.36
C LEU C 274 33.85 20.64 24.73
N GLN C 275 32.97 21.63 24.94
CA GLN C 275 31.63 21.62 24.38
C GLN C 275 31.68 21.70 22.85
N SER C 276 32.65 22.45 22.33
CA SER C 276 32.81 22.53 20.88
C SER C 276 33.25 21.20 20.16
N ASN C 277 33.69 20.17 20.91
CA ASN C 277 33.88 18.84 20.33
C ASN C 277 32.87 17.80 20.87
N THR C 278 31.72 18.25 21.41
CA THR C 278 30.74 17.34 22.04
C THR C 278 29.64 17.20 21.04
N TYR C 279 29.48 15.99 20.46
CA TYR C 279 28.53 15.77 19.34
C TYR C 279 27.58 14.68 19.75
N THR C 280 26.42 15.07 20.30
CA THR C 280 25.37 14.13 20.77
C THR C 280 24.02 14.86 20.65
N PRO C 281 22.91 14.14 20.32
CA PRO C 281 21.61 14.85 20.08
C PRO C 281 21.09 15.58 21.31
N THR C 282 20.63 16.82 21.11
CA THR C 282 19.92 17.54 22.18
C THR C 282 18.46 17.06 22.12
N ASP C 283 17.68 17.41 23.13
CA ASP C 283 16.26 17.12 23.09
C ASP C 283 15.57 17.77 21.90
N ASN C 284 15.92 19.00 21.60
CA ASN C 284 15.30 19.67 20.43
C ASN C 284 15.59 18.86 19.12
N GLU C 285 16.82 18.40 18.96
CA GLU C 285 17.21 17.58 17.78
C GLU C 285 16.48 16.21 17.70
N LEU C 286 16.34 15.55 18.87
CA LEU C 286 15.55 14.31 18.98
C LEU C 286 14.10 14.51 18.60
N SER C 287 13.57 15.72 18.71
CA SER C 287 12.13 15.93 18.34
C SER C 287 11.85 15.76 16.85
N ASN C 288 12.90 15.77 16.01
CA ASN C 288 12.68 15.50 14.60
C ASN C 288 12.98 14.03 14.41
N ILE C 289 11.90 13.21 14.36
CA ILE C 289 12.03 11.72 14.37
C ILE C 289 12.74 11.25 13.07
N GLU C 290 12.37 11.82 11.92
CA GLU C 290 13.04 11.44 10.64
C GLU C 290 14.59 11.66 10.63
N ASN C 291 15.10 12.74 11.26
CA ASN C 291 16.53 13.00 11.34
C ASN C 291 17.25 11.90 12.12
N ASN C 292 16.49 11.26 13.01
CA ASN C 292 17.01 10.20 13.90
C ASN C 292 16.46 8.78 13.60
N THR C 293 16.10 8.57 12.34
CA THR C 293 15.67 7.25 11.85
C THR C 293 16.65 6.75 10.82
N PHE C 294 17.25 5.57 11.08
CA PHE C 294 18.21 4.97 10.16
C PHE C 294 17.44 3.93 9.32
N GLY C 295 17.49 4.02 7.99
CA GLY C 295 16.79 3.04 7.14
C GLY C 295 17.76 2.22 6.31
N VAL C 296 17.49 0.91 6.18
CA VAL C 296 18.28 -0.01 5.35
C VAL C 296 17.28 -0.69 4.43
N ASP C 297 17.40 -0.40 3.15
CA ASP C 297 16.48 -0.91 2.14
C ASP C 297 16.79 -2.43 1.97
N TRP C 298 18.05 -2.83 1.98
CA TRP C 298 18.38 -4.24 1.85
C TRP C 298 19.84 -4.47 2.20
N ILE C 299 20.14 -5.73 2.47
CA ILE C 299 21.53 -6.16 2.62
C ILE C 299 21.67 -7.50 1.87
N ARG C 300 22.66 -7.54 0.98
CA ARG C 300 22.78 -8.69 0.08
C ARG C 300 24.20 -9.25 0.26
N ILE C 301 24.32 -10.60 0.18
CA ILE C 301 25.50 -11.31 0.57
C ILE C 301 25.76 -12.30 -0.54
N TYR C 302 26.99 -12.28 -1.09
CA TYR C 302 27.43 -13.21 -2.12
C TYR C 302 28.72 -13.91 -1.78
N LYS C 303 28.86 -15.16 -2.25
CA LYS C 303 30.16 -15.84 -2.11
C LYS C 303 30.60 -16.32 -3.48
N PRO C 304 31.93 -16.35 -3.74
CA PRO C 304 32.38 -16.78 -5.04
C PRO C 304 32.49 -18.31 -5.07
N VAL C 305 32.01 -18.95 -6.13
CA VAL C 305 32.06 -20.40 -6.24
C VAL C 305 32.58 -20.79 -7.63
N GLU C 306 33.08 -22.01 -7.74
CA GLU C 306 33.64 -22.46 -9.03
C GLU C 306 32.53 -22.49 -10.07
N LYS C 307 32.81 -22.06 -11.30
CA LYS C 307 31.78 -22.08 -12.35
C LYS C 307 31.97 -23.42 -13.02
N LEU C 308 30.92 -24.22 -13.08
CA LEU C 308 31.06 -25.59 -13.57
C LEU C 308 30.89 -25.71 -15.07
N VAL D 12 -43.77 -1.60 -29.19
CA VAL D 12 -43.30 -2.92 -29.74
C VAL D 12 -43.39 -3.89 -28.56
N ASP D 13 -43.84 -5.10 -28.81
CA ASP D 13 -43.90 -6.11 -27.73
C ASP D 13 -42.51 -6.35 -27.07
N TRP D 14 -42.50 -6.47 -25.74
CA TRP D 14 -41.21 -6.63 -25.05
C TRP D 14 -40.33 -7.76 -25.58
N LYS D 15 -40.90 -8.85 -26.07
CA LYS D 15 -40.09 -10.04 -26.44
C LYS D 15 -39.59 -9.93 -27.88
N ASP D 16 -40.04 -8.88 -28.57
CA ASP D 16 -39.62 -8.64 -29.95
C ASP D 16 -38.52 -7.59 -30.03
N ILE D 17 -38.17 -6.93 -28.92
CA ILE D 17 -37.10 -5.91 -28.94
C ILE D 17 -35.72 -6.60 -28.98
N PRO D 18 -34.83 -6.24 -29.94
CA PRO D 18 -33.54 -6.93 -30.04
C PRO D 18 -32.80 -6.85 -28.68
N VAL D 19 -32.06 -7.89 -28.30
CA VAL D 19 -31.12 -7.70 -27.19
C VAL D 19 -29.84 -6.98 -27.63
N PRO D 20 -29.46 -5.88 -26.92
CA PRO D 20 -28.37 -5.06 -27.48
C PRO D 20 -26.95 -5.63 -27.27
N ALA D 21 -26.78 -6.55 -26.31
CA ALA D 21 -25.50 -7.20 -26.06
C ALA D 21 -25.29 -8.30 -27.11
N ASP D 22 -24.01 -8.60 -27.42
CA ASP D 22 -23.65 -9.60 -28.41
C ASP D 22 -23.45 -10.96 -27.76
N ALA D 23 -24.32 -11.90 -28.10
CA ALA D 23 -24.20 -13.28 -27.57
C ALA D 23 -22.91 -14.00 -27.99
N GLY D 24 -22.31 -13.56 -29.09
CA GLY D 24 -21.01 -14.11 -29.47
C GLY D 24 -21.12 -15.05 -30.66
N PRO D 25 -19.96 -15.45 -31.21
CA PRO D 25 -20.02 -16.22 -32.48
C PRO D 25 -20.81 -17.56 -32.30
N ASN D 26 -21.71 -17.93 -33.23
CA ASN D 26 -22.51 -19.18 -33.12
C ASN D 26 -23.30 -19.35 -31.80
N MET D 27 -23.63 -18.22 -31.20
CA MET D 27 -24.55 -18.15 -30.05
C MET D 27 -25.78 -17.32 -30.38
N LYS D 28 -26.83 -17.41 -29.59
CA LYS D 28 -28.05 -16.58 -29.74
C LYS D 28 -28.65 -16.44 -28.33
N TRP D 29 -29.56 -15.51 -28.14
CA TRP D 29 -30.09 -15.20 -26.81
C TRP D 29 -31.37 -16.01 -26.63
N GLU D 30 -31.50 -16.63 -25.46
CA GLU D 30 -32.71 -17.41 -25.08
C GLU D 30 -33.44 -16.67 -23.97
N PHE D 31 -34.69 -16.27 -24.22
CA PHE D 31 -35.51 -15.64 -23.20
C PHE D 31 -35.69 -16.62 -22.01
N GLN D 32 -35.64 -16.13 -20.78
CA GLN D 32 -35.80 -16.98 -19.59
C GLN D 32 -37.20 -16.76 -19.02
N GLU D 33 -37.91 -17.85 -18.68
CA GLU D 33 -39.30 -17.77 -18.19
C GLU D 33 -39.39 -16.98 -16.86
N ILE D 34 -38.28 -16.80 -16.10
CA ILE D 34 -38.40 -15.99 -14.88
C ILE D 34 -38.61 -14.48 -15.11
N SER D 35 -38.48 -14.06 -16.37
CA SER D 35 -38.85 -12.67 -16.76
C SER D 35 -40.32 -12.34 -16.46
N ASP D 36 -40.65 -11.06 -16.26
CA ASP D 36 -42.02 -10.75 -15.86
C ASP D 36 -42.45 -9.46 -16.52
N ASN D 37 -43.61 -9.45 -17.20
CA ASN D 37 -44.15 -8.19 -17.70
C ASN D 37 -45.33 -7.67 -16.86
N PHE D 38 -45.58 -8.29 -15.69
CA PHE D 38 -46.57 -7.74 -14.74
C PHE D 38 -47.99 -7.45 -15.31
N GLU D 39 -48.52 -8.33 -16.17
CA GLU D 39 -49.85 -8.14 -16.76
C GLU D 39 -50.87 -8.96 -15.98
N TYR D 40 -50.85 -8.86 -14.68
CA TYR D 40 -51.79 -9.57 -13.81
C TYR D 40 -52.08 -8.60 -12.66
N GLU D 41 -52.98 -8.97 -11.76
CA GLU D 41 -53.32 -8.10 -10.63
C GLU D 41 -52.72 -8.70 -9.36
N ALA D 42 -52.03 -7.87 -8.57
CA ALA D 42 -51.47 -8.33 -7.29
C ALA D 42 -51.71 -7.23 -6.25
N PRO D 43 -52.90 -7.24 -5.60
CA PRO D 43 -53.22 -6.23 -4.60
C PRO D 43 -52.09 -6.17 -3.52
N ALA D 44 -51.78 -4.97 -3.03
CA ALA D 44 -50.64 -4.75 -2.14
C ALA D 44 -50.67 -5.69 -0.92
N ASP D 45 -51.84 -5.83 -0.26
CA ASP D 45 -52.00 -6.65 0.97
C ASP D 45 -52.28 -8.14 0.69
N ASN D 46 -52.41 -8.54 -0.57
CA ASN D 46 -52.83 -9.91 -0.86
C ASN D 46 -52.34 -10.24 -2.26
N LYS D 47 -51.03 -10.49 -2.38
CA LYS D 47 -50.40 -10.55 -3.72
C LYS D 47 -51.01 -11.55 -4.66
N GLY D 48 -51.39 -12.72 -4.16
CA GLY D 48 -51.96 -13.76 -5.03
C GLY D 48 -50.95 -14.68 -5.73
N SER D 49 -51.42 -15.82 -6.24
CA SER D 49 -50.49 -16.89 -6.67
C SER D 49 -49.57 -16.54 -7.87
N GLU D 50 -50.05 -15.71 -8.78
CA GLU D 50 -49.27 -15.35 -9.96
C GLU D 50 -48.02 -14.51 -9.57
N PHE D 51 -48.18 -13.46 -8.78
CA PHE D 51 -47.01 -12.72 -8.28
C PHE D 51 -46.08 -13.67 -7.54
N LEU D 52 -46.64 -14.52 -6.66
CA LEU D 52 -45.83 -15.33 -5.68
C LEU D 52 -45.11 -16.51 -6.29
N GLU D 53 -45.46 -16.82 -7.55
CA GLU D 53 -44.76 -17.81 -8.37
C GLU D 53 -43.33 -17.33 -8.66
N LYS D 54 -43.16 -16.02 -8.81
CA LYS D 54 -41.88 -15.49 -9.25
C LYS D 54 -41.20 -14.58 -8.20
N TRP D 55 -41.98 -13.98 -7.28
CA TRP D 55 -41.40 -12.94 -6.38
C TRP D 55 -41.82 -13.13 -4.94
N ASP D 56 -41.01 -12.63 -3.99
CA ASP D 56 -41.40 -12.50 -2.60
C ASP D 56 -41.51 -10.99 -2.44
N ASP D 57 -42.54 -10.46 -1.77
CA ASP D 57 -42.66 -8.97 -1.60
C ASP D 57 -41.85 -8.42 -0.35
N PHE D 58 -40.63 -8.92 -0.12
CA PHE D 58 -39.70 -8.29 0.87
C PHE D 58 -38.28 -8.34 0.29
N TYR D 59 -37.35 -7.75 1.03
CA TYR D 59 -35.92 -7.94 0.82
C TYR D 59 -35.56 -9.45 0.95
N HIS D 60 -34.32 -9.81 0.62
N HIS D 60 -34.35 -9.87 0.58
CA HIS D 60 -33.88 -11.20 0.54
CA HIS D 60 -34.00 -11.33 0.57
C HIS D 60 -33.50 -11.82 1.90
C HIS D 60 -33.74 -11.92 1.96
N ASN D 61 -33.68 -11.04 2.98
CA ASN D 61 -33.62 -11.53 4.40
C ASN D 61 -34.49 -10.57 5.21
N ALA D 62 -34.54 -10.70 6.55
CA ALA D 62 -35.54 -9.98 7.31
C ALA D 62 -35.16 -8.49 7.54
N TRP D 63 -33.92 -8.09 7.20
CA TRP D 63 -33.50 -6.69 7.40
C TRP D 63 -34.44 -5.72 6.63
N ALA D 64 -34.88 -4.63 7.30
CA ALA D 64 -35.95 -3.82 6.79
C ALA D 64 -35.44 -2.53 6.14
N GLY D 65 -34.11 -2.39 6.00
CA GLY D 65 -33.54 -1.36 5.09
C GLY D 65 -32.64 -0.36 5.79
N PRO D 66 -31.97 0.51 4.97
CA PRO D 66 -31.00 1.48 5.46
C PRO D 66 -31.69 2.82 5.86
N GLY D 67 -30.91 3.70 6.49
CA GLY D 67 -31.35 5.06 6.78
C GLY D 67 -32.73 5.14 7.44
N LEU D 68 -33.58 5.95 6.84
CA LEU D 68 -34.99 6.05 7.31
C LEU D 68 -35.95 4.97 6.76
N THR D 69 -35.43 4.01 6.00
CA THR D 69 -36.26 3.05 5.27
C THR D 69 -36.86 2.06 6.26
N GLU D 70 -38.14 1.78 6.12
CA GLU D 70 -38.74 0.58 6.75
C GLU D 70 -39.56 -0.17 5.71
N TRP D 71 -38.99 -1.15 5.07
CA TRP D 71 -39.71 -1.88 4.00
C TRP D 71 -40.96 -2.56 4.53
N LYS D 72 -42.01 -2.63 3.70
CA LYS D 72 -43.26 -3.28 4.09
C LYS D 72 -43.73 -4.07 2.88
N ARG D 73 -44.22 -5.29 3.16
CA ARG D 73 -44.80 -6.08 2.07
C ARG D 73 -45.92 -5.34 1.38
N ASP D 74 -46.75 -4.58 2.13
CA ASP D 74 -47.93 -3.93 1.55
C ASP D 74 -47.60 -2.54 0.95
N ARG D 75 -46.31 -2.31 0.63
CA ARG D 75 -45.97 -1.07 -0.15
C ARG D 75 -45.53 -1.37 -1.59
N SER D 76 -45.77 -2.60 -2.04
CA SER D 76 -45.56 -2.99 -3.44
C SER D 76 -46.87 -3.61 -3.90
N TYR D 77 -47.16 -3.55 -5.19
CA TYR D 77 -48.39 -4.13 -5.82
C TYR D 77 -48.21 -4.24 -7.32
N VAL D 78 -49.11 -4.97 -7.99
CA VAL D 78 -49.12 -4.89 -9.46
C VAL D 78 -50.52 -4.59 -9.97
N ALA D 79 -50.59 -3.58 -10.83
CA ALA D 79 -51.84 -3.09 -11.37
C ALA D 79 -51.52 -2.40 -12.69
N ASP D 80 -52.51 -2.37 -13.58
CA ASP D 80 -52.43 -1.60 -14.81
C ASP D 80 -51.18 -1.98 -15.64
N GLY D 81 -50.81 -3.26 -15.62
CA GLY D 81 -49.65 -3.73 -16.41
C GLY D 81 -48.26 -3.36 -15.85
N GLU D 82 -48.18 -2.85 -14.60
CA GLU D 82 -46.86 -2.45 -14.01
C GLU D 82 -46.70 -2.93 -12.59
N LEU D 83 -45.47 -3.30 -12.23
CA LEU D 83 -45.06 -3.44 -10.83
C LEU D 83 -44.97 -2.01 -10.29
N LYS D 84 -45.60 -1.71 -9.13
CA LYS D 84 -45.57 -0.36 -8.55
C LYS D 84 -45.20 -0.46 -7.06
N MET D 85 -44.48 0.52 -6.54
CA MET D 85 -43.98 0.47 -5.15
C MET D 85 -44.07 1.96 -4.71
N TRP D 86 -44.58 2.27 -3.50
CA TRP D 86 -44.69 3.69 -3.10
C TRP D 86 -44.24 3.94 -1.67
N ALA D 87 -44.01 5.21 -1.35
CA ALA D 87 -43.47 5.60 -0.05
C ALA D 87 -44.47 6.44 0.78
N THR D 88 -44.58 6.14 2.08
CA THR D 88 -45.47 6.93 2.95
C THR D 88 -44.79 7.05 4.33
N ARG D 89 -44.98 8.15 5.06
CA ARG D 89 -44.34 8.33 6.36
C ARG D 89 -44.86 7.28 7.36
N LYS D 90 -43.95 6.68 8.15
CA LYS D 90 -44.38 5.71 9.16
C LYS D 90 -45.20 6.48 10.21
N PRO D 91 -46.38 5.97 10.64
CA PRO D 91 -47.13 6.71 11.70
C PRO D 91 -46.29 6.92 12.98
N GLY D 92 -46.33 8.07 13.61
CA GLY D 92 -45.59 8.32 14.88
C GLY D 92 -44.07 8.22 14.78
N SER D 93 -43.49 8.66 13.66
CA SER D 93 -42.11 8.35 13.31
C SER D 93 -41.61 9.26 12.20
N ASP D 94 -40.28 9.39 12.09
CA ASP D 94 -39.66 10.08 10.94
C ASP D 94 -39.35 9.07 9.87
N LYS D 95 -39.37 7.78 10.19
CA LYS D 95 -39.12 6.73 9.17
C LYS D 95 -40.14 6.71 8.01
N ILE D 96 -39.78 6.03 6.90
CA ILE D 96 -40.63 5.97 5.68
C ILE D 96 -40.82 4.51 5.29
N ASN D 97 -42.08 4.09 5.25
CA ASN D 97 -42.42 2.77 4.75
C ASN D 97 -42.38 2.79 3.21
N MET D 98 -41.80 1.76 2.59
CA MET D 98 -41.73 1.69 1.14
C MET D 98 -41.55 0.24 0.74
N GLY D 99 -41.53 -0.01 -0.56
CA GLY D 99 -41.61 -1.44 -1.06
C GLY D 99 -40.25 -1.99 -1.36
N CYS D 100 -40.13 -3.32 -1.39
CA CYS D 100 -38.93 -4.01 -1.83
C CYS D 100 -39.45 -5.40 -2.20
N ILE D 101 -39.05 -5.92 -3.37
CA ILE D 101 -39.38 -7.34 -3.73
C ILE D 101 -38.13 -8.06 -4.21
N THR D 102 -38.13 -9.38 -4.10
N THR D 102 -38.12 -9.38 -4.14
CA THR D 102 -36.96 -10.26 -4.36
CA THR D 102 -36.95 -10.13 -4.59
C THR D 102 -37.36 -11.45 -5.28
C THR D 102 -37.38 -11.37 -5.34
N SER D 103 -36.57 -11.74 -6.33
CA SER D 103 -36.90 -12.91 -7.17
C SER D 103 -36.83 -14.19 -6.35
N LYS D 104 -37.70 -15.15 -6.69
CA LYS D 104 -37.63 -16.51 -6.08
C LYS D 104 -36.57 -17.42 -6.69
N THR D 105 -36.02 -17.06 -7.86
CA THR D 105 -34.99 -17.86 -8.57
C THR D 105 -33.81 -16.90 -8.78
N ARG D 106 -32.59 -17.42 -8.64
CA ARG D 106 -31.34 -16.61 -8.81
C ARG D 106 -30.83 -16.65 -10.28
N VAL D 107 -30.04 -15.66 -10.66
CA VAL D 107 -29.44 -15.61 -12.00
C VAL D 107 -27.90 -15.59 -11.86
N VAL D 108 -27.19 -16.00 -12.92
CA VAL D 108 -25.75 -15.96 -12.84
C VAL D 108 -25.22 -15.71 -14.25
N TYR D 109 -24.02 -15.12 -14.36
CA TYR D 109 -23.37 -14.92 -15.65
C TYR D 109 -23.29 -16.27 -16.39
N PRO D 110 -23.29 -16.24 -17.74
CA PRO D 110 -23.54 -15.09 -18.62
C PRO D 110 -25.02 -14.82 -18.67
N VAL D 111 -25.43 -13.55 -18.49
CA VAL D 111 -26.85 -13.26 -18.48
C VAL D 111 -27.05 -11.79 -18.84
N TYR D 112 -28.10 -11.49 -19.61
CA TYR D 112 -28.47 -10.10 -19.94
C TYR D 112 -29.76 -9.82 -19.22
N ILE D 113 -29.83 -8.78 -18.40
CA ILE D 113 -31.08 -8.46 -17.64
C ILE D 113 -31.42 -7.02 -17.88
N GLU D 114 -32.68 -6.73 -18.15
CA GLU D 114 -33.04 -5.33 -18.56
C GLU D 114 -34.41 -5.00 -18.08
N ALA D 115 -34.53 -3.85 -17.38
CA ALA D 115 -35.83 -3.45 -16.87
C ALA D 115 -36.31 -2.18 -17.60
N ARG D 116 -37.58 -2.15 -17.95
CA ARG D 116 -38.19 -0.91 -18.43
C ARG D 116 -38.90 -0.22 -17.25
N ALA D 117 -38.38 0.95 -16.82
CA ALA D 117 -38.76 1.51 -15.53
C ALA D 117 -38.80 3.02 -15.66
N LYS D 118 -39.54 3.63 -14.78
CA LYS D 118 -39.63 5.07 -14.69
C LYS D 118 -39.13 5.54 -13.30
N VAL D 119 -37.94 6.14 -13.28
CA VAL D 119 -37.34 6.75 -12.05
C VAL D 119 -38.34 7.69 -11.36
N MET D 120 -38.51 7.55 -10.02
CA MET D 120 -39.37 8.48 -9.22
C MET D 120 -38.90 9.94 -9.25
N ASN D 121 -39.84 10.90 -9.22
CA ASN D 121 -39.51 12.30 -9.03
C ASN D 121 -39.44 12.49 -7.49
N SER D 122 -38.45 11.86 -6.86
CA SER D 122 -38.24 11.83 -5.42
C SER D 122 -36.73 11.84 -5.12
N THR D 123 -36.39 12.27 -3.92
CA THR D 123 -35.04 12.13 -3.40
C THR D 123 -34.72 10.70 -2.96
N LEU D 124 -35.76 9.85 -2.76
CA LEU D 124 -35.51 8.44 -2.50
C LEU D 124 -34.84 7.76 -3.72
N ALA D 125 -34.02 6.72 -3.52
CA ALA D 125 -33.45 5.93 -4.65
C ALA D 125 -34.55 5.06 -5.29
N SER D 126 -34.53 4.96 -6.63
CA SER D 126 -35.30 4.01 -7.41
C SER D 126 -34.26 2.93 -7.84
N ASP D 127 -34.47 1.66 -7.44
CA ASP D 127 -33.43 0.64 -7.64
C ASP D 127 -33.87 -0.65 -8.34
N VAL D 128 -33.02 -1.16 -9.26
CA VAL D 128 -33.16 -2.56 -9.77
C VAL D 128 -31.76 -3.08 -9.67
N TRP D 129 -31.57 -4.18 -8.97
CA TRP D 129 -30.21 -4.60 -8.70
C TRP D 129 -30.08 -6.06 -8.45
N LEU D 130 -28.84 -6.55 -8.35
CA LEU D 130 -28.60 -7.99 -8.19
C LEU D 130 -27.76 -8.14 -6.95
N LEU D 131 -28.05 -9.14 -6.11
CA LEU D 131 -27.24 -9.31 -4.86
C LEU D 131 -27.07 -10.81 -4.50
N SER D 132 -25.81 -11.23 -4.23
CA SER D 132 -25.54 -12.62 -3.84
C SER D 132 -26.20 -12.96 -2.49
N ALA D 133 -26.52 -14.23 -2.34
CA ALA D 133 -27.18 -14.70 -1.11
C ALA D 133 -26.44 -14.30 0.16
N ASP D 134 -25.12 -14.34 0.12
CA ASP D 134 -24.31 -14.06 1.33
C ASP D 134 -23.92 -12.55 1.44
N ASP D 135 -24.51 -11.70 0.58
CA ASP D 135 -24.36 -10.24 0.69
C ASP D 135 -22.94 -9.77 0.35
N THR D 136 -22.12 -10.60 -0.30
CA THR D 136 -20.73 -10.15 -0.60
C THR D 136 -20.51 -9.56 -2.02
N GLN D 137 -21.45 -9.76 -2.96
CA GLN D 137 -21.27 -9.31 -4.38
C GLN D 137 -22.56 -8.69 -4.88
N GLU D 138 -22.49 -7.59 -5.62
CA GLU D 138 -23.67 -6.85 -5.96
C GLU D 138 -23.44 -6.20 -7.33
N ILE D 139 -24.49 -6.09 -8.16
CA ILE D 139 -24.42 -5.38 -9.44
C ILE D 139 -25.66 -4.47 -9.56
N ASP D 140 -25.44 -3.16 -9.78
CA ASP D 140 -26.57 -2.26 -10.08
C ASP D 140 -27.06 -2.42 -11.50
N ILE D 141 -28.37 -2.32 -11.70
CA ILE D 141 -28.92 -2.23 -13.04
C ILE D 141 -29.47 -0.81 -13.20
N LEU D 142 -30.29 -0.41 -12.24
CA LEU D 142 -30.79 0.95 -12.18
C LEU D 142 -30.56 1.42 -10.77
N ASP D 143 -29.94 2.58 -10.61
CA ASP D 143 -29.69 3.14 -9.26
C ASP D 143 -29.80 4.64 -9.52
N ALA D 144 -30.95 5.24 -9.18
CA ALA D 144 -31.16 6.64 -9.53
C ALA D 144 -31.89 7.47 -8.48
N TYR D 145 -31.54 8.75 -8.32
CA TYR D 145 -32.24 9.68 -7.41
C TYR D 145 -32.91 10.74 -8.28
N GLY D 146 -34.22 10.59 -8.56
CA GLY D 146 -34.81 11.33 -9.70
C GLY D 146 -35.37 12.73 -9.51
N ALA D 147 -35.52 13.18 -8.25
CA ALA D 147 -36.28 14.45 -8.00
C ALA D 147 -35.74 15.68 -8.72
N ASP D 148 -36.66 16.49 -9.29
CA ASP D 148 -36.26 17.83 -9.79
C ASP D 148 -35.66 18.74 -8.68
N TYR D 149 -36.17 18.61 -7.45
CA TYR D 149 -35.93 19.64 -6.41
C TYR D 149 -35.93 18.88 -5.09
N SER D 150 -35.13 19.34 -4.11
CA SER D 150 -35.22 18.80 -2.75
C SER D 150 -35.70 19.86 -1.77
N GLU D 151 -36.91 19.69 -1.22
CA GLU D 151 -37.37 20.65 -0.16
C GLU D 151 -36.54 20.53 1.12
N SER D 152 -36.09 19.31 1.43
CA SER D 152 -35.25 19.13 2.65
C SER D 152 -33.91 19.91 2.52
N ALA D 153 -33.32 19.93 1.30
CA ALA D 153 -32.04 20.66 1.13
C ALA D 153 -32.24 22.12 0.76
N GLY D 154 -33.46 22.46 0.34
CA GLY D 154 -33.79 23.82 -0.11
C GLY D 154 -33.09 24.18 -1.41
N LYS D 155 -32.85 23.20 -2.29
CA LYS D 155 -32.20 23.47 -3.58
C LYS D 155 -32.56 22.55 -4.73
N ASP D 156 -32.24 23.05 -5.90
CA ASP D 156 -32.36 22.30 -7.15
C ASP D 156 -31.62 20.98 -7.02
N HIS D 157 -32.20 19.88 -7.55
CA HIS D 157 -31.61 18.50 -7.36
C HIS D 157 -31.29 17.97 -8.75
N SER D 158 -31.19 18.86 -9.75
N SER D 158 -31.17 18.88 -9.73
CA SER D 158 -30.88 18.43 -11.14
CA SER D 158 -30.86 18.46 -11.11
C SER D 158 -29.49 17.76 -11.25
C SER D 158 -29.49 17.77 -11.23
N TYR D 159 -28.62 18.01 -10.28
CA TYR D 159 -27.36 17.28 -10.28
C TYR D 159 -27.62 15.79 -10.27
N PHE D 160 -28.66 15.39 -9.52
CA PHE D 160 -28.99 13.96 -9.38
C PHE D 160 -30.08 13.54 -10.37
N SER D 161 -31.01 14.45 -10.68
CA SER D 161 -32.11 14.12 -11.61
C SER D 161 -31.63 13.70 -13.01
N LYS D 162 -30.45 14.21 -13.40
CA LYS D 162 -29.87 13.89 -14.73
C LYS D 162 -28.82 12.76 -14.70
N LYS D 163 -28.64 12.05 -13.58
CA LYS D 163 -27.60 11.02 -13.52
C LYS D 163 -28.24 9.68 -13.17
N VAL D 164 -27.70 8.61 -13.73
CA VAL D 164 -27.94 7.27 -13.20
C VAL D 164 -26.59 6.65 -12.80
N HIS D 165 -26.59 5.98 -11.66
CA HIS D 165 -25.39 5.41 -11.12
C HIS D 165 -25.28 3.98 -11.65
N ILE D 166 -24.22 3.69 -12.42
CA ILE D 166 -24.12 2.34 -12.99
C ILE D 166 -22.86 1.66 -12.44
N SER D 167 -23.00 0.83 -11.42
CA SER D 167 -21.81 0.42 -10.64
C SER D 167 -22.00 -1.01 -10.12
N HIS D 168 -21.14 -1.43 -9.19
N HIS D 168 -21.14 -1.42 -9.18
CA HIS D 168 -21.21 -2.77 -8.59
CA HIS D 168 -21.15 -2.78 -8.63
C HIS D 168 -20.42 -2.70 -7.30
C HIS D 168 -20.40 -2.71 -7.32
N HIS D 169 -20.60 -3.66 -6.41
CA HIS D 169 -19.85 -3.65 -5.16
C HIS D 169 -19.34 -5.04 -4.88
N VAL D 170 -18.23 -5.09 -4.16
CA VAL D 170 -17.82 -6.28 -3.46
C VAL D 170 -17.58 -5.89 -1.99
N PHE D 171 -18.02 -6.75 -1.09
CA PHE D 171 -17.93 -6.44 0.39
C PHE D 171 -17.19 -7.53 1.12
N ILE D 172 -16.50 -7.14 2.19
CA ILE D 172 -16.20 -8.08 3.25
C ILE D 172 -17.25 -7.80 4.35
N ARG D 173 -17.90 -8.82 4.90
CA ARG D 173 -19.00 -8.52 5.83
C ARG D 173 -18.52 -8.16 7.27
N ASP D 174 -17.42 -8.76 7.73
CA ASP D 174 -16.94 -8.58 9.12
C ASP D 174 -15.41 -8.59 9.13
N PRO D 175 -14.75 -7.43 9.41
CA PRO D 175 -15.29 -6.08 9.64
C PRO D 175 -15.87 -5.57 8.34
N PHE D 176 -16.99 -4.85 8.36
CA PHE D 176 -17.63 -4.40 7.13
C PHE D 176 -16.68 -3.53 6.32
N GLN D 177 -16.48 -3.90 5.04
CA GLN D 177 -15.75 -3.06 4.07
C GLN D 177 -16.49 -3.12 2.71
N ASP D 178 -16.62 -1.97 2.08
CA ASP D 178 -17.39 -1.85 0.82
C ASP D 178 -16.50 -1.21 -0.26
N TYR D 179 -16.31 -1.93 -1.38
CA TYR D 179 -15.59 -1.40 -2.56
C TYR D 179 -16.53 -1.18 -3.71
N GLN D 180 -16.50 -0.02 -4.37
CA GLN D 180 -17.13 0.06 -5.71
C GLN D 180 -16.22 0.98 -6.54
N PRO D 181 -16.25 0.85 -7.88
CA PRO D 181 -15.55 1.85 -8.72
C PRO D 181 -16.10 3.31 -8.45
N LYS D 182 -15.20 4.32 -8.44
CA LYS D 182 -15.56 5.71 -8.24
C LYS D 182 -15.13 6.67 -9.32
N ASP D 183 -14.73 6.20 -10.50
CA ASP D 183 -14.38 7.15 -11.60
C ASP D 183 -15.64 7.87 -12.11
N ALA D 184 -15.44 8.98 -12.82
CA ALA D 184 -16.55 9.84 -13.27
C ALA D 184 -17.59 9.09 -14.12
N GLY D 185 -17.14 8.13 -14.96
CA GLY D 185 -18.05 7.38 -15.82
C GLY D 185 -19.10 6.48 -15.09
N SER D 186 -18.91 6.27 -13.79
CA SER D 186 -19.81 5.41 -13.03
C SER D 186 -21.16 6.11 -12.74
N TRP D 187 -21.27 7.43 -13.03
CA TRP D 187 -22.54 8.10 -13.06
C TRP D 187 -22.81 8.58 -14.52
N PHE D 188 -23.80 8.04 -15.19
CA PHE D 188 -24.06 8.39 -16.56
C PHE D 188 -25.01 9.60 -16.67
N GLU D 189 -24.69 10.52 -17.57
CA GLU D 189 -25.49 11.73 -17.79
C GLU D 189 -25.39 12.13 -19.26
N ASP D 190 -26.52 12.42 -19.90
CA ASP D 190 -26.51 12.97 -21.30
C ASP D 190 -27.49 14.11 -21.52
N GLY D 191 -28.09 14.65 -20.46
CA GLY D 191 -29.06 15.73 -20.60
C GLY D 191 -30.48 15.25 -20.33
N THR D 192 -30.69 13.95 -20.43
CA THR D 192 -32.03 13.41 -20.16
C THR D 192 -32.43 13.59 -18.67
N VAL D 193 -33.67 14.00 -18.43
CA VAL D 193 -34.17 13.97 -17.03
C VAL D 193 -34.93 12.66 -16.83
N TRP D 194 -34.37 11.74 -16.03
CA TRP D 194 -34.81 10.32 -16.05
C TRP D 194 -36.24 10.13 -15.58
N ASN D 195 -36.71 11.02 -14.71
CA ASN D 195 -38.09 10.89 -14.13
C ASN D 195 -39.21 11.14 -15.12
N LYS D 196 -38.87 11.62 -16.33
CA LYS D 196 -39.87 12.06 -17.25
C LYS D 196 -40.56 10.92 -18.04
N GLU D 197 -39.89 9.81 -18.24
CA GLU D 197 -40.37 8.74 -19.14
C GLU D 197 -39.88 7.40 -18.61
N PHE D 198 -40.51 6.32 -19.10
CA PHE D 198 -39.92 4.99 -18.93
C PHE D 198 -38.69 4.87 -19.85
N HIS D 199 -37.60 4.27 -19.36
CA HIS D 199 -36.38 3.98 -20.14
C HIS D 199 -36.04 2.49 -19.91
N ARG D 200 -35.17 1.94 -20.74
CA ARG D 200 -34.70 0.57 -20.56
C ARG D 200 -33.31 0.61 -19.97
N PHE D 201 -33.09 -0.07 -18.83
CA PHE D 201 -31.80 -0.09 -18.17
C PHE D 201 -31.37 -1.55 -18.17
N GLY D 202 -30.23 -1.89 -18.80
CA GLY D 202 -29.82 -3.31 -18.87
C GLY D 202 -28.36 -3.51 -18.47
N VAL D 203 -28.00 -4.72 -18.00
CA VAL D 203 -26.62 -5.06 -17.85
C VAL D 203 -26.35 -6.42 -18.52
N TYR D 204 -25.22 -6.54 -19.21
CA TYR D 204 -24.79 -7.86 -19.61
C TYR D 204 -23.71 -8.24 -18.56
N TRP D 205 -24.05 -9.16 -17.67
CA TRP D 205 -23.06 -9.71 -16.77
C TRP D 205 -22.48 -10.94 -17.52
N ARG D 206 -21.32 -10.76 -18.16
CA ARG D 206 -20.78 -11.78 -19.08
C ARG D 206 -20.00 -12.89 -18.40
N ASP D 207 -19.14 -12.50 -17.47
CA ASP D 207 -18.31 -13.39 -16.68
C ASP D 207 -17.95 -12.66 -15.38
N PRO D 208 -17.18 -13.32 -14.49
CA PRO D 208 -16.89 -12.62 -13.22
C PRO D 208 -16.09 -11.33 -13.32
N TRP D 209 -15.51 -11.00 -14.50
CA TRP D 209 -14.60 -9.84 -14.64
C TRP D 209 -15.11 -8.88 -15.74
N HIS D 210 -16.38 -9.01 -16.15
CA HIS D 210 -16.84 -8.21 -17.29
C HIS D 210 -18.32 -7.85 -17.24
N LEU D 211 -18.62 -6.55 -17.15
CA LEU D 211 -19.96 -5.99 -17.15
C LEU D 211 -20.14 -4.94 -18.25
N GLU D 212 -21.30 -4.97 -18.94
CA GLU D 212 -21.65 -3.91 -19.91
C GLU D 212 -22.99 -3.33 -19.55
N TYR D 213 -23.08 -2.01 -19.45
CA TYR D 213 -24.32 -1.30 -19.11
C TYR D 213 -24.95 -0.68 -20.39
N TYR D 214 -26.26 -0.81 -20.56
CA TYR D 214 -26.99 -0.38 -21.72
C TYR D 214 -28.15 0.49 -21.27
N ILE D 215 -28.38 1.58 -21.98
CA ILE D 215 -29.58 2.41 -21.69
C ILE D 215 -30.29 2.62 -23.01
N ASP D 216 -31.58 2.30 -23.04
CA ASP D 216 -32.36 2.41 -24.30
C ASP D 216 -31.64 1.70 -25.44
N GLY D 217 -31.08 0.53 -25.14
CA GLY D 217 -30.46 -0.28 -26.17
C GLY D 217 -29.05 0.17 -26.59
N VAL D 218 -28.45 1.18 -25.91
CA VAL D 218 -27.13 1.70 -26.30
C VAL D 218 -26.09 1.37 -25.22
N LEU D 219 -24.96 0.82 -25.62
CA LEU D 219 -23.88 0.51 -24.66
C LEU D 219 -23.33 1.86 -24.16
N VAL D 220 -23.44 2.14 -22.86
CA VAL D 220 -22.92 3.42 -22.35
C VAL D 220 -21.67 3.19 -21.49
N ARG D 221 -21.39 1.96 -21.03
CA ARG D 221 -20.18 1.79 -20.15
C ARG D 221 -19.77 0.33 -20.11
N THR D 222 -18.46 0.04 -20.21
CA THR D 222 -17.93 -1.32 -20.02
C THR D 222 -16.99 -1.28 -18.82
N VAL D 223 -17.13 -2.24 -17.89
CA VAL D 223 -16.29 -2.36 -16.71
C VAL D 223 -15.64 -3.72 -16.80
N SER D 224 -14.32 -3.77 -17.02
CA SER D 224 -13.72 -5.03 -17.37
C SER D 224 -12.37 -5.11 -16.71
N GLY D 225 -12.04 -6.25 -16.11
CA GLY D 225 -10.68 -6.51 -15.66
C GLY D 225 -10.60 -6.51 -14.14
N LYS D 226 -9.59 -7.18 -13.59
CA LYS D 226 -9.42 -7.27 -12.15
C LYS D 226 -9.20 -5.92 -11.48
N ASP D 227 -8.51 -5.00 -12.18
CA ASP D 227 -8.06 -3.73 -11.59
C ASP D 227 -9.25 -2.81 -11.31
N ILE D 228 -10.37 -3.00 -12.01
CA ILE D 228 -11.53 -2.18 -11.70
C ILE D 228 -12.63 -2.96 -10.92
N ILE D 229 -12.72 -4.28 -11.15
CA ILE D 229 -13.79 -5.06 -10.53
C ILE D 229 -13.42 -5.37 -9.06
N ASP D 230 -12.15 -5.72 -8.77
CA ASP D 230 -11.77 -6.05 -7.38
C ASP D 230 -10.27 -5.80 -7.14
N PRO D 231 -9.80 -4.53 -7.30
CA PRO D 231 -8.39 -4.23 -7.06
C PRO D 231 -7.95 -4.51 -5.61
N LYS D 232 -8.88 -4.49 -4.65
CA LYS D 232 -8.47 -4.69 -3.22
C LYS D 232 -8.47 -6.18 -2.75
N HIS D 233 -8.81 -7.08 -3.66
CA HIS D 233 -8.82 -8.50 -3.40
C HIS D 233 -9.86 -8.83 -2.33
N PHE D 234 -10.97 -8.08 -2.31
CA PHE D 234 -12.09 -8.46 -1.38
C PHE D 234 -12.70 -9.82 -1.79
N THR D 235 -12.45 -10.27 -3.03
CA THR D 235 -13.03 -11.56 -3.42
C THR D 235 -12.05 -12.73 -3.28
N ASN D 236 -10.91 -12.55 -2.61
CA ASN D 236 -10.02 -13.72 -2.43
C ASN D 236 -10.79 -14.81 -1.69
N THR D 237 -10.61 -16.08 -2.06
CA THR D 237 -11.21 -17.20 -1.28
C THR D 237 -10.36 -17.35 0.00
N THR D 238 -9.06 -17.06 -0.08
CA THR D 238 -8.16 -17.03 1.07
C THR D 238 -7.76 -15.58 1.40
N ASP D 239 -8.04 -15.15 2.63
CA ASP D 239 -7.52 -13.89 3.18
C ASP D 239 -8.03 -12.67 2.40
N PRO D 240 -9.36 -12.41 2.46
CA PRO D 240 -9.89 -11.29 1.64
C PRO D 240 -9.21 -10.02 2.07
N GLY D 241 -8.89 -9.16 1.11
CA GLY D 241 -8.20 -7.91 1.38
C GLY D 241 -6.68 -7.98 1.31
N ASN D 242 -6.13 -9.17 1.22
CA ASN D 242 -4.67 -9.34 1.11
C ASN D 242 -4.23 -9.27 -0.37
N THR D 243 -3.61 -8.16 -0.80
CA THR D 243 -3.31 -7.98 -2.25
C THR D 243 -2.04 -8.75 -2.72
N GLU D 244 -1.33 -9.38 -1.77
CA GLU D 244 -0.13 -10.13 -2.02
C GLU D 244 -0.41 -11.57 -2.42
N ILE D 245 -1.66 -11.99 -2.33
CA ILE D 245 -2.02 -13.35 -2.75
C ILE D 245 -3.30 -13.29 -3.60
N ASP D 246 -3.33 -14.05 -4.70
CA ASP D 246 -4.44 -13.86 -5.66
C ASP D 246 -5.28 -15.13 -5.77
N THR D 247 -6.40 -15.21 -5.06
CA THR D 247 -7.38 -16.29 -5.22
C THR D 247 -8.72 -15.57 -5.50
N ARG D 248 -8.68 -14.40 -6.16
CA ARG D 248 -9.89 -13.62 -6.39
C ARG D 248 -10.93 -14.42 -7.19
N THR D 249 -12.20 -14.32 -6.80
CA THR D 249 -13.28 -15.04 -7.55
C THR D 249 -13.93 -14.10 -8.58
N GLY D 250 -13.78 -12.79 -8.38
CA GLY D 250 -14.58 -11.81 -9.14
C GLY D 250 -16.09 -11.90 -8.82
N LEU D 251 -16.91 -11.38 -9.75
CA LEU D 251 -18.39 -11.42 -9.58
C LEU D 251 -18.90 -12.82 -10.07
N ASN D 252 -18.68 -13.86 -9.26
CA ASN D 252 -18.99 -15.22 -9.65
C ASN D 252 -20.25 -15.83 -9.02
N LYS D 253 -20.78 -15.23 -7.93
CA LYS D 253 -21.81 -15.90 -7.13
C LYS D 253 -23.18 -15.65 -7.76
N GLU D 254 -24.04 -16.65 -7.80
CA GLU D 254 -25.42 -16.43 -8.34
C GLU D 254 -26.13 -15.36 -7.48
N MET D 255 -27.11 -14.61 -8.06
CA MET D 255 -27.65 -13.44 -7.37
C MET D 255 -29.21 -13.42 -7.45
N ASP D 256 -29.81 -12.84 -6.41
CA ASP D 256 -31.23 -12.54 -6.34
C ASP D 256 -31.45 -11.25 -7.12
N ILE D 257 -32.58 -11.11 -7.78
CA ILE D 257 -32.94 -9.84 -8.37
C ILE D 257 -33.81 -9.12 -7.35
N ILE D 258 -33.45 -7.87 -7.08
CA ILE D 258 -34.15 -7.05 -6.07
C ILE D 258 -34.67 -5.76 -6.76
N ILE D 259 -35.91 -5.37 -6.46
CA ILE D 259 -36.43 -4.11 -7.00
C ILE D 259 -37.01 -3.39 -5.81
N ASN D 260 -36.55 -2.17 -5.56
CA ASN D 260 -37.02 -1.45 -4.38
C ASN D 260 -36.87 0.05 -4.51
N THR D 261 -37.30 0.76 -3.46
CA THR D 261 -36.86 2.16 -3.29
C THR D 261 -36.20 2.23 -1.91
N GLU D 262 -35.34 3.25 -1.67
CA GLU D 262 -34.58 3.30 -0.39
C GLU D 262 -34.34 4.70 0.04
N ASP D 263 -34.44 4.94 1.35
CA ASP D 263 -33.81 6.17 1.91
C ASP D 263 -32.46 5.72 2.42
N GLN D 264 -31.39 6.40 2.01
CA GLN D 264 -30.06 5.94 2.47
C GLN D 264 -29.44 6.96 3.45
N THR D 265 -28.68 6.47 4.45
CA THR D 265 -28.05 7.36 5.43
C THR D 265 -27.18 8.51 4.86
N TRP D 266 -26.33 8.22 3.85
CA TRP D 266 -25.50 9.32 3.28
C TRP D 266 -26.35 10.46 2.71
N ARG D 267 -27.61 10.15 2.39
CA ARG D 267 -28.57 11.21 2.00
C ARG D 267 -29.39 11.83 3.13
N SER D 268 -29.95 11.01 4.05
CA SER D 268 -30.86 11.62 5.07
C SER D 268 -30.10 12.08 6.30
N SER D 269 -28.92 11.50 6.55
CA SER D 269 -28.01 11.97 7.62
C SER D 269 -26.56 12.10 7.07
N PRO D 270 -26.32 13.05 6.17
CA PRO D 270 -25.00 13.09 5.55
C PRO D 270 -23.89 13.33 6.55
N ALA D 271 -22.73 12.77 6.23
CA ALA D 271 -21.49 12.95 7.02
C ALA D 271 -21.19 14.44 7.33
N SER D 272 -21.52 15.36 6.42
CA SER D 272 -21.22 16.79 6.60
C SER D 272 -22.04 17.47 7.71
N GLY D 273 -23.23 16.92 7.96
CA GLY D 273 -24.19 17.49 8.91
C GLY D 273 -24.89 18.74 8.37
N LEU D 274 -24.75 19.00 7.08
CA LEU D 274 -25.35 20.21 6.51
C LEU D 274 -26.75 19.89 5.95
N GLN D 275 -27.73 20.76 6.28
CA GLN D 275 -29.08 20.62 5.78
C GLN D 275 -29.05 20.76 4.25
N SER D 276 -28.09 21.54 3.77
CA SER D 276 -27.92 21.73 2.32
C SER D 276 -27.44 20.50 1.55
N ASN D 277 -26.97 19.47 2.26
CA ASN D 277 -26.55 18.19 1.63
C ASN D 277 -27.52 17.10 2.07
N THR D 278 -28.65 17.50 2.67
CA THR D 278 -29.60 16.54 3.23
C THR D 278 -30.76 16.34 2.25
N TYR D 279 -30.85 15.17 1.64
CA TYR D 279 -31.86 14.90 0.59
C TYR D 279 -32.80 13.75 0.99
N THR D 280 -33.99 14.09 1.48
CA THR D 280 -34.95 13.08 1.96
C THR D 280 -36.33 13.74 1.90
N PRO D 281 -37.38 12.96 1.64
CA PRO D 281 -38.64 13.66 1.39
C PRO D 281 -39.20 14.37 2.64
N THR D 282 -39.77 15.57 2.47
CA THR D 282 -40.54 16.20 3.56
C THR D 282 -41.98 15.61 3.52
N ASP D 283 -42.80 15.88 4.53
CA ASP D 283 -44.21 15.49 4.50
C ASP D 283 -44.94 16.12 3.31
N ASN D 284 -44.70 17.39 3.03
CA ASN D 284 -45.27 18.01 1.79
C ASN D 284 -44.95 17.22 0.50
N GLU D 285 -43.67 16.86 0.30
CA GLU D 285 -43.28 16.11 -0.88
C GLU D 285 -43.90 14.72 -0.91
N LEU D 286 -43.97 14.03 0.26
CA LEU D 286 -44.63 12.69 0.30
C LEU D 286 -46.11 12.75 -0.06
N SER D 287 -46.75 13.91 0.11
CA SER D 287 -48.19 14.05 -0.16
C SER D 287 -48.51 13.92 -1.65
N ASN D 288 -47.48 13.95 -2.54
CA ASN D 288 -47.66 13.74 -3.97
C ASN D 288 -47.35 12.27 -4.22
N ILE D 289 -48.41 11.45 -4.23
CA ILE D 289 -48.25 10.01 -4.37
C ILE D 289 -47.50 9.62 -5.64
N GLU D 290 -47.89 10.21 -6.77
CA GLU D 290 -47.29 9.88 -8.05
C GLU D 290 -45.76 10.10 -8.01
N ASN D 291 -45.32 11.22 -7.42
CA ASN D 291 -43.85 11.53 -7.37
C ASN D 291 -43.06 10.53 -6.60
N ASN D 292 -43.77 9.79 -5.72
CA ASN D 292 -43.15 8.76 -4.86
C ASN D 292 -43.63 7.36 -5.19
N THR D 293 -44.03 7.15 -6.44
CA THR D 293 -44.38 5.80 -6.89
C THR D 293 -43.35 5.40 -7.94
N PHE D 294 -42.65 4.27 -7.73
CA PHE D 294 -41.72 3.72 -8.71
C PHE D 294 -42.47 2.69 -9.52
N GLY D 295 -42.44 2.80 -10.82
CA GLY D 295 -43.12 1.81 -11.68
C GLY D 295 -42.13 1.09 -12.62
N VAL D 296 -42.35 -0.22 -12.78
CA VAL D 296 -41.53 -1.06 -13.66
C VAL D 296 -42.51 -1.78 -14.57
N ASP D 297 -42.41 -1.50 -15.88
CA ASP D 297 -43.30 -2.05 -16.88
C ASP D 297 -42.95 -3.56 -17.07
N TRP D 298 -41.67 -3.89 -17.08
CA TRP D 298 -41.21 -5.27 -17.26
C TRP D 298 -39.76 -5.44 -16.95
N ILE D 299 -39.36 -6.70 -16.73
CA ILE D 299 -37.96 -7.04 -16.54
C ILE D 299 -37.80 -8.34 -17.32
N ARG D 300 -36.85 -8.32 -18.24
CA ARG D 300 -36.62 -9.47 -19.13
C ARG D 300 -35.17 -9.93 -18.97
N ILE D 301 -34.97 -11.25 -19.12
CA ILE D 301 -33.72 -11.91 -18.77
C ILE D 301 -33.45 -12.89 -19.88
N TYR D 302 -32.21 -12.85 -20.40
CA TYR D 302 -31.82 -13.70 -21.54
C TYR D 302 -30.49 -14.39 -21.19
N LYS D 303 -30.30 -15.65 -21.63
CA LYS D 303 -28.99 -16.30 -21.51
C LYS D 303 -28.48 -16.67 -22.90
N PRO D 304 -27.17 -16.55 -23.15
CA PRO D 304 -26.69 -16.93 -24.51
C PRO D 304 -26.51 -18.41 -24.58
N VAL D 305 -26.90 -18.99 -25.71
CA VAL D 305 -26.83 -20.45 -25.89
C VAL D 305 -26.31 -20.77 -27.31
N GLU D 306 -25.87 -22.00 -27.51
CA GLU D 306 -25.33 -22.43 -28.80
C GLU D 306 -26.46 -22.41 -29.83
N LYS D 307 -26.21 -21.81 -30.97
CA LYS D 307 -27.09 -21.90 -32.13
C LYS D 307 -26.99 -23.32 -32.72
N LEU D 308 -28.13 -23.94 -32.96
CA LEU D 308 -28.13 -25.24 -33.59
C LEU D 308 -28.56 -25.08 -35.05
C1 GAL E . -7.17 -49.96 -22.40
C2 GAL E . -7.40 -49.21 -21.08
C3 GAL E . -6.11 -48.53 -20.65
C4 GAL E . -4.91 -49.50 -20.76
C5 GAL E . -4.87 -50.40 -22.00
C6 GAL E . -3.77 -51.49 -21.89
O1 GAL E . -8.35 -50.58 -22.85
O2 GAL E . -8.37 -48.19 -21.20
O3 GAL E . -6.17 -48.00 -19.35
O4 GAL E . -4.91 -50.28 -19.59
O5 GAL E . -6.17 -50.95 -22.22
O6 GAL E . -3.46 -52.19 -23.07
C1 AAL E . -6.69 -46.69 -19.33
C2 AAL E . -7.85 -46.94 -18.38
C3 AAL E . -8.46 -45.61 -17.94
C4 AAL E . -7.52 -44.56 -17.50
C5 AAL E . -6.67 -44.49 -18.74
C6 AAL E . -7.66 -44.66 -19.89
O2 AAL E . -7.31 -47.71 -17.33
O3 AAL E . -8.85 -45.04 -19.20
O4 AAL E . -7.89 -43.35 -16.80
O5 AAL E . -5.85 -45.62 -18.86
C1 GAL E . -7.04 -43.09 -15.70
C2 GAL E . -7.13 -41.68 -15.16
C3 GAL E . -6.02 -41.55 -14.17
C4 GAL E . -6.43 -42.49 -13.03
C5 GAL E . -7.29 -43.76 -13.43
C6 GAL E . -8.54 -43.86 -12.55
O2 GAL E . -6.93 -40.70 -16.15
O3 GAL E . -5.92 -40.19 -13.83
O4 GAL E . -7.09 -41.77 -12.00
O5 GAL E . -7.71 -43.95 -14.79
O6 GAL E . -8.40 -45.05 -11.80
C1 AAL E . -4.79 -39.87 -13.06
C2 AAL E . -3.86 -39.09 -14.02
C3 AAL E . -2.97 -38.07 -13.29
C4 AAL E . -3.84 -37.12 -12.53
C5 AAL E . -4.46 -38.09 -11.53
C6 AAL E . -3.26 -38.95 -11.12
O2 AAL E . -4.80 -38.43 -14.83
O3 AAL E . -2.32 -38.79 -12.21
O4 AAL E . -3.66 -35.70 -12.31
O5 AAL E . -5.41 -38.97 -12.12
C1 GAL E . -2.55 -35.24 -11.55
C2 GAL E . -2.90 -35.63 -10.11
C3 GAL E . -1.95 -35.12 -9.02
C4 GAL E . -0.54 -35.59 -9.43
C5 GAL E . -0.25 -35.16 -10.90
C6 GAL E . 1.17 -35.48 -11.37
O2 GAL E . -4.14 -35.02 -9.88
O3 GAL E . -2.41 -35.75 -7.82
O4 GAL E . -0.53 -36.99 -9.34
O5 GAL E . -1.22 -35.61 -11.86
O6 GAL E . 1.24 -34.94 -12.70
C1 AAL E . -2.88 -34.84 -6.80
C2 AAL E . -3.54 -35.70 -5.67
C3 AAL E . -3.61 -34.82 -4.38
C4 AAL E . -2.32 -34.21 -3.93
C5 AAL E . -2.00 -33.32 -5.10
C6 AAL E . -3.35 -32.55 -5.20
O2 AAL E . -2.74 -36.85 -5.44
O3 AAL E . -4.29 -33.56 -4.70
O4 AAL E . -2.28 -33.50 -2.73
O5 AAL E . -1.72 -34.03 -6.34
C1 GAL E . -1.61 -34.15 -1.66
C2 GAL E . -1.54 -33.05 -0.58
C3 GAL E . -1.01 -33.63 0.75
C4 GAL E . -1.80 -34.89 1.15
C5 GAL E . -1.87 -35.90 -0.01
C6 GAL E . -2.66 -37.08 0.51
O2 GAL E . -0.78 -31.90 -1.00
O3 GAL E . -1.24 -32.66 1.75
O4 GAL E . -3.15 -34.52 1.35
O5 GAL E . -2.44 -35.25 -1.20
O6 GAL E . -2.50 -37.96 -0.55
C1 AAL E . -0.22 -32.53 2.71
C2 AAL E . -0.42 -31.14 3.42
C3 AAL E . 0.45 -31.14 4.69
C4 AAL E . 0.12 -32.27 5.58
C5 AAL E . 0.64 -33.46 4.81
C6 AAL E . 2.06 -32.90 4.61
O2 AAL E . -1.78 -30.93 3.82
O3 AAL E . 1.81 -31.48 4.33
O4 AAL E . 0.53 -32.24 6.92
O5 AAL E . -0.16 -33.70 3.63
C1 GAL F . 5.82 24.65 31.26
C2 GAL F . 6.37 23.82 30.11
C3 GAL F . 5.72 24.47 28.90
C4 GAL F . 4.22 24.38 29.00
C5 GAL F . 3.63 24.37 30.40
C6 GAL F . 2.77 23.15 30.38
O1 GAL F . 6.62 24.58 32.42
O2 GAL F . 7.78 23.87 30.01
O3 GAL F . 6.00 23.88 27.67
O4 GAL F . 3.82 23.22 28.29
O5 GAL F . 4.51 24.17 31.49
O6 GAL F . 3.34 22.43 31.43
C1 AAL F . 6.70 24.88 27.02
C2 AAL F . 7.77 24.13 26.20
C3 AAL F . 8.40 25.17 25.31
C4 AAL F . 7.39 25.78 24.40
C5 AAL F . 6.55 26.53 25.40
C6 AAL F . 7.58 27.18 26.30
O2 AAL F . 7.16 23.14 25.42
O3 AAL F . 8.66 26.25 26.22
O4 AAL F . 7.66 26.34 23.09
O5 AAL F . 5.80 25.69 26.22
C1 GAL F . 7.06 25.63 22.02
C2 GAL F . 7.29 26.36 20.72
C3 GAL F . 6.03 26.27 19.90
C4 GAL F . 5.97 24.80 19.47
C5 GAL F . 6.53 23.79 20.54
C6 GAL F . 7.44 22.75 19.88
O2 GAL F . 7.60 27.72 20.94
O3 GAL F . 6.21 27.16 18.82
O4 GAL F . 6.60 24.60 18.20
O5 GAL F . 7.14 24.23 21.77
O6 GAL F . 7.32 21.61 20.72
C1 AAL F . 5.31 26.95 17.77
C2 AAL F . 3.97 27.76 17.93
C3 AAL F . 3.71 28.60 16.67
C4 AAL F . 4.74 28.47 15.58
C5 AAL F . 4.77 26.96 15.45
C6 AAL F . 3.28 26.58 15.62
O2 AAL F . 3.89 28.53 19.13
O3 AAL F . 2.67 27.84 16.05
O4 AAL F . 4.96 29.38 14.45
O5 AAL F . 5.51 26.32 16.48
C1 GAL F . 4.02 29.39 13.38
C2 GAL F . 4.15 28.02 12.62
C3 GAL F . 3.17 27.82 11.45
C4 GAL F . 1.78 28.13 11.96
C5 GAL F . 1.78 29.58 12.58
C6 GAL F . 0.38 30.05 12.99
O2 GAL F . 5.46 27.92 12.13
O3 GAL F . 3.28 26.44 11.08
O4 GAL F . 1.44 27.22 13.00
O5 GAL F . 2.63 29.62 13.72
O6 GAL F . 0.53 31.28 13.71
C1 AAL F . 3.81 26.35 9.77
C2 AAL F . 4.14 24.84 9.55
C3 AAL F . 4.26 24.58 8.01
C4 AAL F . 3.13 25.00 7.15
C5 AAL F . 3.17 26.48 7.37
C6 AAL F . 4.64 26.67 6.92
O2 AAL F . 3.03 24.06 9.97
O3 AAL F . 5.25 25.48 7.53
O4 AAL F . 3.16 24.63 5.79
O5 AAL F . 2.86 26.89 8.76
C1 GAL F . 2.23 23.68 5.34
C2 GAL F . 2.29 23.74 3.82
C3 GAL F . 1.55 22.53 3.19
C4 GAL F . 2.03 21.21 3.81
C5 GAL F . 1.93 21.28 5.34
C6 GAL F . 2.40 19.96 5.99
O2 GAL F . 1.77 25.00 3.34
O3 GAL F . 1.88 22.60 1.80
O4 GAL F . 3.40 20.88 3.61
O5 GAL F . 2.68 22.37 5.86
O6 GAL F . 2.03 20.15 7.34
C1 AAL F . 0.87 22.29 0.93
C2 AAL F . 1.36 22.71 -0.48
C3 AAL F . 0.35 22.15 -1.48
C4 AAL F . 0.26 20.67 -1.34
C5 AAL F . -0.38 20.53 -0.02
C6 AAL F . -1.61 21.39 -0.37
O2 AAL F . 2.66 22.15 -0.65
O3 AAL F . -1.01 22.49 -1.12
O4 AAL F . -0.45 19.92 -2.29
O5 AAL F . 0.45 20.90 1.09
C1 GAL G . 40.51 17.51 11.79
C2 GAL G . 41.27 16.45 12.62
C3 GAL G . 40.30 15.45 13.24
C4 GAL G . 39.29 16.30 14.01
C5 GAL G . 38.58 17.34 13.15
C6 GAL G . 37.63 18.18 14.01
O1 GAL G . 41.37 18.50 11.28
O2 GAL G . 42.22 15.73 11.86
O3 GAL G . 41.00 14.52 14.06
O4 GAL G . 40.04 17.01 14.97
O5 GAL G . 39.54 18.19 12.55
O6 GAL G . 36.36 18.34 13.43
C1 AAL G . 40.29 13.31 14.28
C2 AAL G . 40.82 12.56 15.56
C3 AAL G . 40.48 11.05 15.54
C4 AAL G . 39.21 10.66 14.86
C5 AAL G . 39.50 11.19 13.49
C6 AAL G . 40.94 10.70 13.31
O2 AAL G . 40.35 13.15 16.77
O3 AAL G . 41.45 10.51 14.64
O4 AAL G . 38.52 9.40 14.90
O5 AAL G . 39.38 12.61 13.38
C1 GAL G . 38.88 8.57 15.99
C2 GAL G . 38.70 7.13 15.57
C3 GAL G . 37.34 6.68 16.01
C4 GAL G . 37.64 6.53 17.50
C5 GAL G . 38.22 7.84 18.14
C6 GAL G . 38.72 7.57 19.57
O2 GAL G . 38.94 6.87 14.18
O3 GAL G . 37.22 5.50 15.24
O4 GAL G . 38.60 5.50 17.66
O5 GAL G . 39.21 8.54 17.37
O6 GAL G . 39.48 8.67 20.07
C1 AAL G . 36.45 4.34 15.61
C2 AAL G . 36.33 3.81 14.15
C3 AAL G . 35.41 2.61 13.88
C4 AAL G . 35.37 1.46 14.80
C5 AAL G . 35.41 2.26 16.08
C6 AAL G . 34.26 3.18 15.73
O2 AAL G . 37.63 3.53 13.65
O3 AAL G . 34.16 2.99 14.31
O4 AAL G . 34.55 0.32 14.38
O5 AAL G . 36.55 3.08 16.31
C1 GAL G . 33.55 -0.20 15.18
C2 GAL G . 33.90 -0.25 16.68
C3 GAL G . 32.77 -0.99 17.40
C4 GAL G . 31.40 -0.32 17.20
C5 GAL G . 31.16 -0.28 15.68
C6 GAL G . 29.93 0.61 15.36
O2 GAL G . 35.13 -0.99 16.79
O3 GAL G . 33.06 -0.85 18.78
O4 GAL G . 31.46 1.02 17.67
O5 GAL G . 32.24 0.34 14.98
O6 GAL G . 29.66 0.15 14.04
C1 AAL G . 33.38 -2.11 19.42
C2 AAL G . 33.98 -1.84 20.86
C3 AAL G . 33.99 -3.17 21.64
C4 AAL G . 32.66 -3.89 21.70
C5 AAL G . 32.45 -4.18 20.24
C6 AAL G . 33.85 -4.84 19.91
O2 AAL G . 33.08 -0.96 21.52
O3 AAL G . 34.74 -4.17 20.86
O4 AAL G . 32.54 -5.09 22.41
O5 AAL G . 32.22 -2.99 19.48
C1 GAL G . 31.96 -5.01 23.68
C2 GAL G . 31.82 -6.45 24.15
C3 GAL G . 31.26 -6.52 25.58
C4 GAL G . 32.07 -5.57 26.53
C5 GAL G . 32.24 -4.15 25.92
C6 GAL G . 33.17 -3.23 26.77
O2 GAL G . 30.90 -7.15 23.27
O3 GAL G . 31.55 -7.81 26.09
O4 GAL G . 33.43 -6.07 26.71
O5 GAL G . 32.73 -4.15 24.54
O6 GAL G . 33.10 -1.90 26.15
C1 AAL G . 30.48 -8.59 26.63
C2 AAL G . 30.92 -10.09 26.75
C3 AAL G . 29.99 -10.80 27.75
C4 AAL G . 30.02 -10.16 29.13
C5 AAL G . 29.50 -8.79 28.83
C6 AAL G . 28.21 -9.21 28.12
O2 AAL G . 32.31 -10.25 27.16
O3 AAL G . 28.60 -10.45 27.40
O4 AAL G . 29.28 -10.80 30.14
O5 AAL G . 30.30 -7.99 27.94
C1 GAL H . -21.81 17.61 -6.47
C2 GAL H . -21.58 16.36 -5.58
C3 GAL H . -22.73 15.36 -5.75
C4 GAL H . -24.05 16.16 -5.60
C5 GAL H . -24.12 17.58 -6.20
C6 GAL H . -25.34 18.35 -5.67
O1 GAL H . -20.68 18.46 -6.57
O2 GAL H . -20.33 15.76 -5.85
O3 GAL H . -22.73 14.25 -4.83
O4 GAL H . -24.37 16.29 -4.23
O5 GAL H . -22.93 18.31 -5.97
O6 GAL H . -26.15 18.83 -6.73
C1 AAL H . -22.33 12.97 -5.31
C2 AAL H . -21.10 12.79 -4.41
C3 AAL H . -20.49 11.39 -4.57
C4 AAL H . -21.40 10.21 -4.36
C5 AAL H . -22.41 10.59 -5.39
C6 AAL H . -21.54 10.95 -6.59
O2 AAL H . -21.51 13.12 -3.09
O3 AAL H . -20.33 11.43 -5.99
O4 AAL H . -21.04 8.83 -4.27
O5 AAL H . -23.15 11.77 -5.13
C1 GAL H . -21.97 8.05 -3.51
C2 GAL H . -21.88 6.62 -3.97
C3 GAL H . -23.02 5.81 -3.42
C4 GAL H . -22.30 5.72 -2.11
C5 GAL H . -22.29 7.06 -1.36
C6 GAL H . -21.58 6.86 0.00
O2 GAL H . -21.73 6.50 -5.38
O3 GAL H . -22.96 4.63 -4.19
O4 GAL H . -20.93 5.62 -2.45
O5 GAL H . -21.65 8.10 -2.12
O6 GAL H . -21.21 8.09 0.63
C1 AAL H . -23.73 3.44 -3.94
C2 AAL H . -24.37 2.88 -5.30
C3 AAL H . -25.73 2.35 -5.00
C4 AAL H . -25.25 1.20 -4.29
C5 AAL H . -25.13 1.77 -2.88
C6 AAL H . -26.50 2.46 -2.75
O2 AAL H . -23.77 1.87 -6.17
O3 AAL H . -26.56 3.06 -4.03
O4 AAL H . -25.44 -0.11 -4.76
O5 AAL H . -23.96 2.60 -2.77
C1 GAL H . -26.28 -0.81 -3.95
C2 GAL H . -25.84 -0.83 -2.44
C3 GAL H . -26.91 -1.60 -1.64
C4 GAL H . -28.28 -0.96 -1.83
C5 GAL H . -28.55 -0.91 -3.34
C6 GAL H . -29.81 -0.17 -3.66
O2 GAL H . -24.52 -1.38 -2.36
O3 GAL H . -26.59 -1.46 -0.24
O4 GAL H . -28.34 0.39 -1.30
O5 GAL H . -27.55 -0.22 -4.10
O6 GAL H . -30.01 -0.55 -5.01
C1 AAL H . -26.08 -2.70 0.22
C2 AAL H . -25.50 -2.41 1.64
C3 AAL H . -25.49 -3.77 2.41
C4 AAL H . -26.77 -4.55 2.45
C5 AAL H . -27.00 -4.82 0.97
C6 AAL H . -25.57 -5.39 0.70
O2 AAL H . -26.37 -1.56 2.37
O3 AAL H . -24.69 -4.66 1.62
O4 AAL H . -26.77 -5.75 3.27
O5 AAL H . -27.24 -3.58 0.21
C1 GAL H . -27.47 -5.72 4.48
C2 GAL H . -27.43 -7.16 4.96
C3 GAL H . -27.98 -7.27 6.41
C4 GAL H . -27.21 -6.33 7.34
C5 GAL H . -27.27 -4.87 6.75
C6 GAL H . -26.43 -3.90 7.64
O2 GAL H . -28.24 -8.01 4.10
O3 GAL H . -27.63 -8.62 6.76
O4 GAL H . -25.79 -6.64 7.46
O5 GAL H . -26.71 -4.90 5.39
O6 GAL H . -26.46 -2.63 6.96
C1 AAL H . -28.69 -9.41 7.29
C2 AAL H . -28.21 -10.92 7.41
C3 AAL H . -29.10 -11.58 8.46
C4 AAL H . -29.20 -10.91 9.81
C5 AAL H . -29.87 -9.61 9.41
C6 AAL H . -31.08 -10.25 8.67
O2 AAL H . -26.84 -10.98 7.83
O3 AAL H . -30.47 -11.42 8.04
O4 AAL H . -29.85 -11.64 10.82
O5 AAL H . -28.96 -8.82 8.61
NA NA I . 17.70 -25.88 -22.09
NA NA J . -12.03 48.06 13.28
NA NA K . 13.78 -3.20 0.99
NA NA L . -45.94 -4.50 -18.01
#